data_5WOX
#
_entry.id   5WOX
#
_entity_poly.entity_id   1
_entity_poly.type   'polypeptide(L)'
_entity_poly.pdbx_seq_one_letter_code
;MGQVSAVSTVLINAEPAAVLAAISDYQTVRPKILSSHYSGYQVLEGGQGAGTVATWKLQATKSRVRDVKATVDVAGHTVI
EKDANSSLVSNWTVAPAGTGSSVNLKTTWTGAGGVKGFFEKTFAPLGLRRIQDEVLENLKKHVEG
;
_entity_poly.pdbx_strand_id   A
#
# COMPACT_ATOMS: atom_id res chain seq x y z
N MET A 1 22.84 5.47 10.03
CA MET A 1 21.42 5.17 10.16
C MET A 1 20.96 4.22 9.07
N GLY A 2 20.33 3.12 9.47
CA GLY A 2 19.82 2.14 8.52
C GLY A 2 18.35 2.37 8.21
N GLN A 3 17.69 1.35 7.68
CA GLN A 3 16.28 1.44 7.35
C GLN A 3 15.62 0.06 7.31
N VAL A 4 14.43 -0.04 7.89
CA VAL A 4 13.66 -1.28 7.85
C VAL A 4 12.26 -1.05 7.29
N SER A 5 11.73 -2.06 6.62
CA SER A 5 10.46 -1.93 5.92
C SER A 5 9.91 -3.29 5.52
N ALA A 6 8.60 -3.34 5.24
CA ALA A 6 7.98 -4.55 4.74
C ALA A 6 8.00 -4.59 3.21
N VAL A 7 8.78 -5.51 2.66
CA VAL A 7 8.96 -5.59 1.21
C VAL A 7 8.45 -6.92 0.67
N SER A 8 7.61 -6.85 -0.36
CA SER A 8 7.16 -8.05 -1.06
C SER A 8 6.93 -7.76 -2.54
N THR A 9 7.37 -8.68 -3.39
CA THR A 9 7.18 -8.55 -4.83
C THR A 9 6.25 -9.65 -5.36
N VAL A 10 5.19 -9.25 -6.04
CA VAL A 10 4.22 -10.19 -6.56
C VAL A 10 4.09 -10.08 -8.07
N LEU A 11 4.13 -11.23 -8.75
CA LEU A 11 3.97 -11.28 -10.20
C LEU A 11 2.51 -11.11 -10.60
N ILE A 12 2.28 -10.33 -11.65
CA ILE A 12 0.93 -10.05 -12.13
C ILE A 12 0.79 -10.38 -13.60
N ASN A 13 -0.26 -11.10 -13.95
CA ASN A 13 -0.55 -11.44 -15.34
C ASN A 13 -1.24 -10.29 -16.05
N ALA A 14 -0.53 -9.17 -16.20
CA ALA A 14 -1.09 -7.98 -16.83
C ALA A 14 0.01 -6.98 -17.19
N GLU A 15 -0.26 -6.16 -18.19
CA GLU A 15 0.67 -5.10 -18.58
C GLU A 15 0.99 -4.20 -17.41
N PRO A 16 2.28 -3.91 -17.23
CA PRO A 16 2.74 -3.14 -16.09
C PRO A 16 2.22 -1.70 -16.14
N ALA A 17 2.00 -1.21 -17.35
CA ALA A 17 1.38 0.10 -17.54
C ALA A 17 -0.07 0.11 -17.07
N ALA A 18 -0.79 -0.98 -17.36
CA ALA A 18 -2.16 -1.13 -16.89
C ALA A 18 -2.23 -1.26 -15.38
N VAL A 19 -1.28 -2.00 -14.82
CA VAL A 19 -1.19 -2.16 -13.37
C VAL A 19 -0.86 -0.84 -12.69
N LEU A 20 0.03 -0.06 -13.30
CA LEU A 20 0.37 1.26 -12.82
C LEU A 20 -0.86 2.15 -12.72
N ALA A 21 -1.64 2.19 -13.81
CA ALA A 21 -2.89 2.93 -13.83
C ALA A 21 -3.85 2.43 -12.76
N ALA A 22 -3.92 1.11 -12.61
CA ALA A 22 -4.78 0.49 -11.62
C ALA A 22 -4.39 0.92 -10.21
N ILE A 23 -3.09 1.02 -9.96
CA ILE A 23 -2.58 1.48 -8.68
C ILE A 23 -2.95 2.95 -8.45
N SER A 24 -2.82 3.75 -9.50
CA SER A 24 -3.14 5.18 -9.41
C SER A 24 -4.64 5.41 -9.33
N ASP A 25 -5.41 4.37 -9.64
CA ASP A 25 -6.86 4.42 -9.48
C ASP A 25 -7.26 4.10 -8.05
N TYR A 26 -7.67 5.12 -7.31
CA TYR A 26 -8.05 4.96 -5.91
C TYR A 26 -9.56 5.04 -5.74
N GLN A 27 -10.30 4.75 -6.81
CA GLN A 27 -11.74 4.91 -6.82
C GLN A 27 -12.44 3.60 -7.10
N THR A 28 -11.94 2.86 -8.08
CA THR A 28 -12.60 1.65 -8.54
C THR A 28 -11.72 0.42 -8.33
N VAL A 29 -10.42 0.65 -8.16
CA VAL A 29 -9.46 -0.43 -7.98
C VAL A 29 -9.07 -0.57 -6.51
N ARG A 30 -8.60 0.52 -5.92
CA ARG A 30 -7.98 0.48 -4.60
C ARG A 30 -8.92 -0.13 -3.57
N PRO A 31 -10.18 0.32 -3.59
CA PRO A 31 -11.15 -0.09 -2.58
C PRO A 31 -11.80 -1.41 -2.93
N LYS A 32 -11.29 -2.05 -3.99
CA LYS A 32 -11.76 -3.37 -4.39
C LYS A 32 -10.68 -4.42 -4.19
N ILE A 33 -9.50 -3.98 -3.74
CA ILE A 33 -8.38 -4.88 -3.54
C ILE A 33 -7.91 -4.85 -2.09
N LEU A 34 -8.73 -4.27 -1.22
CA LEU A 34 -8.38 -4.14 0.19
C LEU A 34 -8.65 -5.44 0.94
N SER A 35 -7.84 -5.72 1.95
CA SER A 35 -8.03 -6.88 2.80
C SER A 35 -9.05 -6.60 3.90
N SER A 36 -9.29 -7.59 4.75
CA SER A 36 -10.27 -7.47 5.82
C SER A 36 -9.75 -6.57 6.94
N HIS A 37 -8.48 -6.19 6.83
CA HIS A 37 -7.85 -5.33 7.83
C HIS A 37 -8.11 -3.86 7.54
N TYR A 38 -8.72 -3.58 6.39
CA TYR A 38 -9.04 -2.22 6.00
C TYR A 38 -10.50 -1.89 6.30
N SER A 39 -10.75 -0.66 6.74
CA SER A 39 -12.11 -0.20 7.00
C SER A 39 -12.19 1.31 6.98
N GLY A 40 -13.32 1.83 6.52
CA GLY A 40 -13.58 3.27 6.56
C GLY A 40 -12.80 4.01 5.47
N TYR A 41 -12.57 3.33 4.36
CA TYR A 41 -11.87 3.92 3.23
C TYR A 41 -12.65 5.07 2.62
N GLN A 42 -12.00 6.22 2.50
CA GLN A 42 -12.64 7.40 1.92
C GLN A 42 -11.63 8.24 1.13
N VAL A 43 -11.92 8.45 -0.14
CA VAL A 43 -11.12 9.37 -0.95
C VAL A 43 -11.44 10.81 -0.63
N LEU A 44 -10.41 11.59 -0.34
CA LEU A 44 -10.58 12.98 0.08
C LEU A 44 -10.33 13.94 -1.08
N GLU A 45 -9.41 13.57 -1.96
CA GLU A 45 -9.08 14.39 -3.12
C GLU A 45 -8.66 13.53 -4.31
N GLY A 46 -9.17 13.87 -5.48
CA GLY A 46 -8.75 13.21 -6.71
C GLY A 46 -9.22 11.77 -6.76
N GLY A 47 -8.27 10.84 -6.87
CA GLY A 47 -8.58 9.42 -6.96
C GLY A 47 -8.04 8.83 -8.25
N GLN A 48 -7.45 9.67 -9.09
CA GLN A 48 -6.93 9.24 -10.39
C GLN A 48 -5.61 9.93 -10.70
N GLY A 49 -4.53 9.44 -10.09
CA GLY A 49 -3.19 9.91 -10.41
C GLY A 49 -2.61 10.74 -9.27
N ALA A 50 -1.53 11.46 -9.57
CA ALA A 50 -0.83 12.22 -8.54
C ALA A 50 -1.69 13.35 -7.99
N GLY A 51 -1.56 13.60 -6.69
CA GLY A 51 -2.36 14.62 -6.03
C GLY A 51 -3.53 14.01 -5.28
N THR A 52 -3.78 12.71 -5.53
CA THR A 52 -4.84 12.00 -4.85
C THR A 52 -4.58 11.92 -3.35
N VAL A 53 -5.62 12.19 -2.55
CA VAL A 53 -5.55 11.99 -1.11
C VAL A 53 -6.69 11.09 -0.63
N ALA A 54 -6.33 10.10 0.18
CA ALA A 54 -7.31 9.15 0.69
C ALA A 54 -6.98 8.71 2.11
N THR A 55 -8.00 8.33 2.87
CA THR A 55 -7.82 7.98 4.27
C THR A 55 -8.59 6.71 4.61
N TRP A 56 -8.06 5.94 5.55
CA TRP A 56 -8.67 4.67 5.96
C TRP A 56 -8.10 4.18 7.29
N LYS A 57 -8.78 3.21 7.89
CA LYS A 57 -8.28 2.56 9.09
C LYS A 57 -7.64 1.22 8.77
N LEU A 58 -6.47 0.96 9.36
CA LEU A 58 -5.81 -0.32 9.21
C LEU A 58 -5.67 -1.04 10.55
N GLN A 59 -6.42 -2.13 10.71
CA GLN A 59 -6.49 -2.83 11.99
C GLN A 59 -5.60 -4.07 11.98
N ALA A 60 -4.43 -3.95 12.57
CA ALA A 60 -3.50 -5.08 12.69
C ALA A 60 -4.04 -6.15 13.64
N THR A 61 -4.62 -5.69 14.75
CA THR A 61 -5.28 -6.59 15.69
C THR A 61 -6.34 -5.85 16.51
N LYS A 62 -6.85 -6.51 17.53
CA LYS A 62 -8.01 -6.00 18.27
C LYS A 62 -7.83 -4.53 18.62
N SER A 63 -6.73 -4.21 19.28
CA SER A 63 -6.51 -2.85 19.78
C SER A 63 -5.32 -2.20 19.11
N ARG A 64 -5.17 -2.47 17.81
CA ARG A 64 -4.16 -1.78 17.00
C ARG A 64 -4.76 -1.31 15.68
N VAL A 65 -5.28 -0.10 15.67
CA VAL A 65 -5.84 0.51 14.46
C VAL A 65 -5.08 1.76 14.07
N ARG A 66 -4.56 1.77 12.84
CA ARG A 66 -3.82 2.92 12.34
C ARG A 66 -4.70 3.82 11.48
N ASP A 67 -4.79 5.10 11.86
CA ASP A 67 -5.52 6.07 11.07
C ASP A 67 -4.65 6.67 9.97
N VAL A 68 -4.80 6.15 8.77
CA VAL A 68 -3.92 6.50 7.65
C VAL A 68 -4.52 7.62 6.81
N LYS A 69 -3.72 8.64 6.53
CA LYS A 69 -4.10 9.68 5.58
C LYS A 69 -3.07 9.82 4.48
N ALA A 70 -3.21 9.02 3.43
CA ALA A 70 -2.16 8.87 2.43
C ALA A 70 -2.22 9.97 1.38
N THR A 71 -1.10 10.64 1.16
CA THR A 71 -0.95 11.53 0.01
C THR A 71 -0.25 10.83 -1.14
N VAL A 72 -0.90 10.81 -2.29
CA VAL A 72 -0.44 9.99 -3.42
C VAL A 72 0.48 10.80 -4.33
N ASP A 73 1.67 10.28 -4.58
CA ASP A 73 2.60 10.89 -5.52
C ASP A 73 2.97 9.93 -6.64
N VAL A 74 2.30 10.08 -7.78
CA VAL A 74 2.55 9.22 -8.94
C VAL A 74 3.63 9.79 -9.83
N ALA A 75 4.69 9.02 -10.04
CA ALA A 75 5.78 9.42 -10.93
C ALA A 75 6.39 8.22 -11.65
N GLY A 76 6.33 8.25 -12.97
CA GLY A 76 6.82 7.14 -13.78
C GLY A 76 5.98 5.88 -13.58
N HIS A 77 6.57 4.88 -12.95
CA HIS A 77 5.84 3.66 -12.61
C HIS A 77 5.91 3.38 -11.12
N THR A 78 6.18 4.42 -10.34
CA THR A 78 6.16 4.31 -8.88
C THR A 78 5.11 5.23 -8.27
N VAL A 79 4.23 4.65 -7.47
CA VAL A 79 3.22 5.43 -6.74
C VAL A 79 3.50 5.44 -5.25
N ILE A 80 3.74 6.62 -4.70
CA ILE A 80 4.15 6.75 -3.31
C ILE A 80 2.98 7.21 -2.43
N GLU A 81 2.73 6.47 -1.36
CA GLU A 81 1.67 6.83 -0.42
C GLU A 81 2.26 7.27 0.92
N LYS A 82 2.20 8.58 1.16
CA LYS A 82 2.76 9.15 2.38
C LYS A 82 1.67 9.46 3.40
N ASP A 83 1.69 8.75 4.52
CA ASP A 83 0.72 8.97 5.59
C ASP A 83 0.99 10.28 6.32
N ALA A 84 0.00 11.16 6.31
CA ALA A 84 0.15 12.47 6.95
C ALA A 84 -0.05 12.38 8.46
N ASN A 85 -0.62 11.27 8.90
CA ASN A 85 -0.97 11.09 10.31
C ASN A 85 0.16 10.44 11.08
N SER A 86 0.90 9.57 10.43
CA SER A 86 1.99 8.83 11.06
C SER A 86 3.14 8.59 10.10
N SER A 87 4.25 8.11 10.63
CA SER A 87 5.48 7.97 9.85
C SER A 87 5.49 6.66 9.06
N LEU A 88 4.58 6.55 8.09
CA LEU A 88 4.50 5.36 7.26
C LEU A 88 4.36 5.74 5.78
N VAL A 89 5.28 5.21 4.97
CA VAL A 89 5.23 5.45 3.53
C VAL A 89 5.25 4.13 2.76
N SER A 90 4.31 3.99 1.83
CA SER A 90 4.23 2.78 1.01
C SER A 90 4.59 3.09 -0.44
N ASN A 91 5.59 2.37 -0.96
CA ASN A 91 6.02 2.55 -2.34
C ASN A 91 5.42 1.47 -3.24
N TRP A 92 4.80 1.90 -4.33
CA TRP A 92 4.22 0.97 -5.30
C TRP A 92 4.96 1.04 -6.63
N THR A 93 6.03 0.27 -6.75
CA THR A 93 6.82 0.24 -7.98
C THR A 93 6.45 -0.96 -8.84
N VAL A 94 5.97 -0.68 -10.04
CA VAL A 94 5.60 -1.74 -10.98
C VAL A 94 6.49 -1.73 -12.22
N ALA A 95 6.86 -2.91 -12.69
CA ALA A 95 7.76 -3.03 -13.84
C ALA A 95 7.47 -4.28 -14.63
N PRO A 96 7.87 -4.28 -15.91
CA PRO A 96 7.69 -5.45 -16.77
C PRO A 96 8.36 -6.68 -16.16
N ALA A 97 7.78 -7.85 -16.42
CA ALA A 97 8.33 -9.10 -15.93
C ALA A 97 8.05 -10.25 -16.90
N GLY A 98 8.80 -10.27 -18.00
CA GLY A 98 8.68 -11.34 -18.98
C GLY A 98 7.48 -11.12 -19.89
N THR A 99 6.43 -11.90 -19.69
CA THR A 99 5.20 -11.75 -20.45
C THR A 99 4.17 -10.93 -19.68
N GLY A 100 4.44 -10.72 -18.40
CA GLY A 100 3.53 -9.97 -17.54
C GLY A 100 4.24 -8.83 -16.83
N SER A 101 3.95 -8.66 -15.54
CA SER A 101 4.53 -7.58 -14.76
C SER A 101 4.76 -8.00 -13.32
N SER A 102 5.35 -7.10 -12.53
CA SER A 102 5.52 -7.33 -11.10
C SER A 102 5.47 -6.02 -10.32
N VAL A 103 5.01 -6.11 -9.07
CA VAL A 103 4.94 -4.94 -8.21
C VAL A 103 5.78 -5.12 -6.95
N ASN A 104 6.71 -4.21 -6.73
CA ASN A 104 7.49 -4.20 -5.50
C ASN A 104 6.91 -3.23 -4.48
N LEU A 105 6.30 -3.77 -3.43
CA LEU A 105 5.61 -2.96 -2.43
C LEU A 105 6.46 -2.79 -1.18
N LYS A 106 6.94 -1.57 -0.95
CA LYS A 106 7.79 -1.30 0.20
C LYS A 106 7.10 -0.36 1.17
N THR A 107 6.68 -0.89 2.31
CA THR A 107 6.07 -0.09 3.37
C THR A 107 7.02 0.10 4.54
N THR A 108 7.35 1.35 4.83
CA THR A 108 8.35 1.66 5.85
C THR A 108 7.81 1.43 7.25
N TRP A 109 8.71 1.11 8.18
CA TRP A 109 8.33 0.97 9.58
C TRP A 109 8.83 2.13 10.42
N THR A 110 8.30 2.27 11.63
CA THR A 110 8.66 3.36 12.52
C THR A 110 8.51 2.97 13.98
N GLY A 111 8.56 3.97 14.86
CA GLY A 111 8.46 3.72 16.30
C GLY A 111 9.66 4.28 17.04
N ALA A 112 9.52 4.43 18.35
CA ALA A 112 10.60 4.94 19.19
C ALA A 112 11.73 3.94 19.31
N GLY A 113 11.37 2.66 19.38
CA GLY A 113 12.36 1.59 19.51
C GLY A 113 12.68 0.98 18.14
N GLY A 114 13.22 -0.23 18.15
CA GLY A 114 13.56 -0.93 16.92
C GLY A 114 12.43 -1.85 16.48
N VAL A 115 12.75 -2.81 15.63
CA VAL A 115 11.76 -3.74 15.10
C VAL A 115 11.16 -4.60 16.19
N LYS A 116 12.00 -4.98 17.15
CA LYS A 116 11.55 -5.76 18.30
C LYS A 116 10.37 -5.09 18.99
N GLY A 117 10.56 -3.83 19.38
CA GLY A 117 9.50 -3.08 20.05
C GLY A 117 8.34 -2.79 19.11
N PHE A 118 8.66 -2.55 17.84
CA PHE A 118 7.63 -2.35 16.83
C PHE A 118 6.69 -3.53 16.75
N PHE A 119 7.24 -4.74 16.78
CA PHE A 119 6.44 -5.96 16.80
C PHE A 119 5.71 -6.11 18.13
N GLU A 120 6.47 -6.07 19.22
CA GLU A 120 5.96 -6.48 20.52
C GLU A 120 4.92 -5.49 21.03
N LYS A 121 5.20 -4.21 20.87
CA LYS A 121 4.35 -3.16 21.42
C LYS A 121 3.32 -2.68 20.40
N THR A 122 3.81 -2.16 19.28
CA THR A 122 2.96 -1.50 18.30
C THR A 122 2.47 -2.48 17.24
N PHE A 123 2.53 -2.05 15.98
CA PHE A 123 1.96 -2.82 14.89
C PHE A 123 2.95 -3.85 14.36
N ALA A 124 2.59 -5.13 14.49
CA ALA A 124 3.46 -6.22 14.08
C ALA A 124 3.83 -6.10 12.61
N PRO A 125 5.13 -6.00 12.34
CA PRO A 125 5.62 -5.86 10.97
C PRO A 125 5.39 -7.13 10.18
N LEU A 126 5.33 -8.26 10.87
CA LEU A 126 5.02 -9.54 10.24
C LEU A 126 3.58 -9.56 9.73
N GLY A 127 2.67 -8.98 10.51
CA GLY A 127 1.27 -8.87 10.10
C GLY A 127 1.13 -7.84 8.98
N LEU A 128 1.81 -6.71 9.12
CA LEU A 128 1.73 -5.64 8.14
C LEU A 128 2.23 -6.10 6.77
N ARG A 129 3.30 -6.87 6.78
CA ARG A 129 3.87 -7.42 5.55
C ARG A 129 2.90 -8.38 4.88
N ARG A 130 2.26 -9.22 5.67
CA ARG A 130 1.21 -10.11 5.18
C ARG A 130 0.06 -9.32 4.58
N ILE A 131 -0.38 -8.28 5.28
CA ILE A 131 -1.49 -7.46 4.83
C ILE A 131 -1.22 -6.86 3.45
N GLN A 132 -0.02 -6.29 3.28
CA GLN A 132 0.35 -5.66 2.03
C GLN A 132 0.47 -6.71 0.92
N ASP A 133 0.95 -7.89 1.27
CA ASP A 133 1.06 -8.98 0.32
C ASP A 133 -0.30 -9.45 -0.16
N GLU A 134 -1.27 -9.49 0.76
CA GLU A 134 -2.63 -9.91 0.43
C GLU A 134 -3.28 -8.93 -0.52
N VAL A 135 -3.00 -7.64 -0.33
CA VAL A 135 -3.51 -6.60 -1.22
C VAL A 135 -2.92 -6.74 -2.61
N LEU A 136 -1.63 -7.06 -2.67
CA LEU A 136 -0.96 -7.31 -3.94
C LEU A 136 -1.61 -8.47 -4.69
N GLU A 137 -1.95 -9.52 -3.95
CA GLU A 137 -2.68 -10.65 -4.52
C GLU A 137 -4.02 -10.19 -5.10
N ASN A 138 -4.75 -9.39 -4.34
CA ASN A 138 -6.03 -8.87 -4.78
C ASN A 138 -5.87 -8.01 -6.04
N LEU A 139 -4.83 -7.19 -6.06
CA LEU A 139 -4.51 -6.38 -7.22
C LEU A 139 -4.26 -7.25 -8.45
N LYS A 140 -3.42 -8.25 -8.29
CA LYS A 140 -3.13 -9.20 -9.37
C LYS A 140 -4.41 -9.77 -9.96
N LYS A 141 -5.27 -10.31 -9.11
CA LYS A 141 -6.51 -10.93 -9.55
C LYS A 141 -7.45 -9.90 -10.16
N HIS A 142 -7.44 -8.70 -9.61
CA HIS A 142 -8.33 -7.63 -10.05
C HIS A 142 -8.05 -7.24 -11.49
N VAL A 143 -6.78 -6.95 -11.78
CA VAL A 143 -6.39 -6.45 -13.09
C VAL A 143 -6.33 -7.57 -14.12
N GLU A 144 -6.12 -8.80 -13.63
CA GLU A 144 -6.08 -9.96 -14.50
C GLU A 144 -7.46 -10.29 -15.06
N GLY A 145 -8.45 -10.38 -14.17
CA GLY A 145 -9.81 -10.69 -14.57
C GLY A 145 -10.82 -9.87 -13.76
N MET A 1 15.36 6.30 18.01
CA MET A 1 14.33 6.01 17.02
C MET A 1 14.55 4.65 16.38
N GLY A 2 13.49 4.09 15.80
CA GLY A 2 13.58 2.81 15.11
C GLY A 2 13.09 2.93 13.67
N GLN A 3 12.83 1.79 13.04
CA GLN A 3 12.41 1.76 11.65
C GLN A 3 11.96 0.37 11.24
N VAL A 4 10.70 0.27 10.84
CA VAL A 4 10.15 -0.99 10.34
C VAL A 4 10.25 -1.07 8.82
N SER A 5 10.77 -2.19 8.33
CA SER A 5 10.93 -2.39 6.89
C SER A 5 10.19 -3.64 6.42
N ALA A 6 8.96 -3.46 5.97
CA ALA A 6 8.18 -4.54 5.38
C ALA A 6 8.10 -4.40 3.86
N VAL A 7 8.24 -5.52 3.17
CA VAL A 7 8.22 -5.52 1.71
C VAL A 7 7.87 -6.88 1.16
N SER A 8 7.11 -6.91 0.07
CA SER A 8 6.81 -8.15 -0.64
C SER A 8 6.55 -7.90 -2.12
N THR A 9 6.99 -8.83 -2.95
CA THR A 9 6.82 -8.70 -4.40
C THR A 9 5.89 -9.76 -4.96
N VAL A 10 4.89 -9.32 -5.70
CA VAL A 10 3.93 -10.23 -6.32
C VAL A 10 3.87 -10.02 -7.84
N LEU A 11 3.95 -11.12 -8.58
CA LEU A 11 3.81 -11.06 -10.03
C LEU A 11 2.36 -10.85 -10.45
N ILE A 12 2.16 -9.91 -11.37
CA ILE A 12 0.82 -9.58 -11.84
C ILE A 12 0.64 -9.94 -13.30
N ASN A 13 -0.45 -10.65 -13.60
CA ASN A 13 -0.76 -11.04 -14.97
C ASN A 13 -1.42 -9.89 -15.73
N ALA A 14 -0.67 -8.81 -15.92
CA ALA A 14 -1.20 -7.63 -16.59
C ALA A 14 -0.08 -6.66 -16.96
N GLU A 15 -0.33 -5.86 -17.98
CA GLU A 15 0.65 -4.87 -18.44
C GLU A 15 1.06 -3.93 -17.32
N PRO A 16 2.36 -3.69 -17.19
CA PRO A 16 2.88 -2.83 -16.15
C PRO A 16 2.16 -1.49 -16.12
N ALA A 17 1.89 -0.95 -17.30
CA ALA A 17 1.19 0.34 -17.41
C ALA A 17 -0.23 0.23 -16.88
N ALA A 18 -0.91 -0.86 -17.22
CA ALA A 18 -2.26 -1.09 -16.74
C ALA A 18 -2.28 -1.29 -15.22
N VAL A 19 -1.28 -1.99 -14.71
CA VAL A 19 -1.17 -2.20 -13.27
C VAL A 19 -0.87 -0.89 -12.54
N LEU A 20 0.02 -0.09 -13.11
CA LEU A 20 0.34 1.22 -12.55
C LEU A 20 -0.91 2.07 -12.41
N ALA A 21 -1.73 2.08 -13.47
CA ALA A 21 -3.01 2.79 -13.45
C ALA A 21 -3.92 2.22 -12.37
N ALA A 22 -3.97 0.90 -12.28
CA ALA A 22 -4.79 0.23 -11.28
C ALA A 22 -4.37 0.60 -9.87
N ILE A 23 -3.06 0.75 -9.67
CA ILE A 23 -2.52 1.18 -8.39
C ILE A 23 -2.96 2.60 -8.07
N SER A 24 -2.87 3.49 -9.06
CA SER A 24 -3.22 4.88 -8.88
C SER A 24 -4.73 5.10 -8.94
N ASP A 25 -5.45 4.05 -9.33
CA ASP A 25 -6.91 4.08 -9.35
C ASP A 25 -7.47 3.78 -7.96
N TYR A 26 -7.88 4.83 -7.26
CA TYR A 26 -8.31 4.71 -5.86
C TYR A 26 -9.82 4.82 -5.74
N GLN A 27 -10.52 4.65 -6.85
CA GLN A 27 -11.97 4.80 -6.89
C GLN A 27 -12.64 3.52 -7.33
N THR A 28 -12.09 2.89 -8.37
CA THR A 28 -12.64 1.65 -8.89
C THR A 28 -11.87 0.44 -8.36
N VAL A 29 -10.56 0.48 -8.46
CA VAL A 29 -9.72 -0.68 -8.17
C VAL A 29 -9.50 -0.85 -6.67
N ARG A 30 -9.04 0.22 -6.04
CA ARG A 30 -8.49 0.13 -4.69
C ARG A 30 -9.52 -0.45 -3.72
N PRO A 31 -10.74 0.05 -3.80
CA PRO A 31 -11.79 -0.33 -2.87
C PRO A 31 -12.46 -1.64 -3.28
N LYS A 32 -11.90 -2.28 -4.30
CA LYS A 32 -12.35 -3.60 -4.72
C LYS A 32 -11.26 -4.65 -4.51
N ILE A 33 -10.17 -4.24 -3.86
CA ILE A 33 -9.07 -5.14 -3.56
C ILE A 33 -8.64 -5.03 -2.11
N LEU A 34 -9.63 -4.91 -1.22
CA LEU A 34 -9.34 -4.65 0.19
C LEU A 34 -8.93 -5.93 0.91
N SER A 35 -7.92 -5.83 1.76
CA SER A 35 -7.49 -6.94 2.59
C SER A 35 -8.25 -6.98 3.90
N SER A 36 -7.91 -7.93 4.76
CA SER A 36 -8.60 -8.12 6.02
C SER A 36 -8.26 -7.01 7.01
N HIS A 37 -7.23 -6.24 6.68
CA HIS A 37 -6.78 -5.14 7.55
C HIS A 37 -6.78 -3.81 6.79
N TYR A 38 -7.49 -3.77 5.67
CA TYR A 38 -7.48 -2.60 4.81
C TYR A 38 -8.89 -2.06 4.60
N SER A 39 -9.21 -0.97 5.28
CA SER A 39 -10.58 -0.47 5.33
C SER A 39 -10.95 0.21 4.02
N GLY A 40 -12.22 0.62 3.92
CA GLY A 40 -12.70 1.30 2.72
C GLY A 40 -11.87 2.53 2.40
N TYR A 41 -11.26 2.53 1.22
CA TYR A 41 -10.35 3.60 0.83
C TYR A 41 -11.11 4.79 0.25
N GLN A 42 -11.39 5.77 1.09
CA GLN A 42 -12.21 6.91 0.70
C GLN A 42 -11.36 8.04 0.13
N VAL A 43 -11.55 8.32 -1.15
CA VAL A 43 -10.87 9.44 -1.79
C VAL A 43 -11.52 10.76 -1.40
N LEU A 44 -10.71 11.70 -0.92
CA LEU A 44 -11.21 12.98 -0.43
C LEU A 44 -11.03 14.08 -1.47
N GLU A 45 -9.88 14.08 -2.13
CA GLU A 45 -9.58 15.09 -3.12
C GLU A 45 -8.67 14.54 -4.22
N GLY A 46 -9.01 14.82 -5.47
CA GLY A 46 -8.20 14.39 -6.60
C GLY A 46 -8.92 13.33 -7.42
N GLY A 47 -8.56 13.22 -8.69
CA GLY A 47 -9.17 12.24 -9.58
C GLY A 47 -8.17 11.16 -9.98
N GLN A 48 -7.59 10.50 -8.98
CA GLN A 48 -6.61 9.44 -9.21
C GLN A 48 -5.29 10.01 -9.69
N GLY A 49 -4.21 9.25 -9.45
CA GLY A 49 -2.88 9.68 -9.86
C GLY A 49 -2.23 10.53 -8.77
N ALA A 50 -1.29 11.37 -9.18
CA ALA A 50 -0.55 12.21 -8.24
C ALA A 50 -1.42 13.30 -7.65
N GLY A 51 -1.19 13.62 -6.37
CA GLY A 51 -1.92 14.68 -5.71
C GLY A 51 -3.27 14.20 -5.21
N THR A 52 -3.36 12.91 -4.88
CA THR A 52 -4.60 12.32 -4.41
C THR A 52 -4.64 12.24 -2.89
N VAL A 53 -5.65 12.88 -2.30
CA VAL A 53 -5.85 12.83 -0.86
C VAL A 53 -6.98 11.88 -0.49
N ALA A 54 -6.72 11.00 0.47
CA ALA A 54 -7.70 9.98 0.85
C ALA A 54 -7.54 9.59 2.32
N THR A 55 -8.52 8.86 2.84
CA THR A 55 -8.51 8.44 4.23
C THR A 55 -8.91 6.98 4.38
N TRP A 56 -8.27 6.29 5.30
CA TRP A 56 -8.53 4.87 5.52
C TRP A 56 -7.80 4.35 6.76
N LYS A 57 -8.19 3.18 7.22
CA LYS A 57 -7.63 2.61 8.44
C LYS A 57 -6.78 1.38 8.14
N LEU A 58 -5.65 1.28 8.82
CA LEU A 58 -4.78 0.11 8.68
C LEU A 58 -4.59 -0.60 10.01
N GLN A 59 -4.95 -1.89 10.04
CA GLN A 59 -4.85 -2.68 11.25
C GLN A 59 -3.60 -3.56 11.23
N ALA A 60 -2.57 -3.13 11.94
CA ALA A 60 -1.30 -3.85 11.98
C ALA A 60 -1.48 -5.24 12.59
N THR A 61 -2.23 -5.31 13.68
CA THR A 61 -2.56 -6.58 14.29
C THR A 61 -3.85 -6.47 15.12
N LYS A 62 -4.12 -7.51 15.91
CA LYS A 62 -5.38 -7.60 16.62
C LYS A 62 -5.74 -6.29 17.30
N SER A 63 -4.80 -5.77 18.09
CA SER A 63 -5.04 -4.59 18.90
C SER A 63 -4.15 -3.43 18.49
N ARG A 64 -3.94 -3.30 17.18
CA ARG A 64 -3.20 -2.16 16.64
C ARG A 64 -3.83 -1.67 15.34
N VAL A 65 -4.31 -0.43 15.36
CA VAL A 65 -4.92 0.17 14.18
C VAL A 65 -4.67 1.68 14.16
N ARG A 66 -4.46 2.22 12.96
CA ARG A 66 -4.17 3.63 12.80
C ARG A 66 -5.05 4.27 11.73
N ASP A 67 -5.46 5.51 11.97
CA ASP A 67 -6.25 6.26 11.01
C ASP A 67 -5.37 7.00 10.01
N VAL A 68 -5.31 6.49 8.79
CA VAL A 68 -4.38 7.00 7.78
C VAL A 68 -5.04 8.07 6.92
N LYS A 69 -4.51 9.28 6.98
CA LYS A 69 -4.88 10.33 6.04
C LYS A 69 -3.69 10.76 5.20
N ALA A 70 -3.65 10.32 3.95
CA ALA A 70 -2.41 10.31 3.17
C ALA A 70 -2.58 11.06 1.87
N THR A 71 -1.48 11.61 1.35
CA THR A 71 -1.46 12.17 0.00
C THR A 71 -0.57 11.33 -0.91
N VAL A 72 -1.11 10.96 -2.07
CA VAL A 72 -0.41 10.06 -2.99
C VAL A 72 0.33 10.84 -4.07
N ASP A 73 1.63 10.57 -4.20
CA ASP A 73 2.41 11.12 -5.30
C ASP A 73 2.79 10.02 -6.30
N VAL A 74 2.81 10.38 -7.57
CA VAL A 74 3.14 9.43 -8.63
C VAL A 74 4.26 9.95 -9.51
N ALA A 75 5.32 9.14 -9.65
CA ALA A 75 6.45 9.51 -10.49
C ALA A 75 7.07 8.28 -11.15
N GLY A 76 7.23 8.34 -12.46
CA GLY A 76 7.79 7.22 -13.21
C GLY A 76 6.85 6.02 -13.19
N HIS A 77 7.28 4.96 -12.52
CA HIS A 77 6.46 3.76 -12.36
C HIS A 77 6.29 3.39 -10.90
N THR A 78 6.48 4.38 -10.03
CA THR A 78 6.31 4.18 -8.59
C THR A 78 5.26 5.10 -8.01
N VAL A 79 4.26 4.52 -7.34
CA VAL A 79 3.26 5.30 -6.64
C VAL A 79 3.51 5.29 -5.14
N ILE A 80 3.65 6.49 -4.55
CA ILE A 80 4.03 6.61 -3.15
C ILE A 80 2.93 7.28 -2.34
N GLU A 81 2.44 6.58 -1.32
CA GLU A 81 1.42 7.12 -0.43
C GLU A 81 2.04 7.63 0.86
N LYS A 82 1.82 8.92 1.13
CA LYS A 82 2.47 9.58 2.26
C LYS A 82 1.46 10.01 3.30
N ASP A 83 1.41 9.28 4.41
CA ASP A 83 0.49 9.60 5.49
C ASP A 83 0.87 10.89 6.19
N ALA A 84 -0.09 11.81 6.30
CA ALA A 84 0.14 13.08 6.98
C ALA A 84 -0.04 12.93 8.48
N ASN A 85 -0.75 11.88 8.90
CA ASN A 85 -1.04 11.65 10.30
C ASN A 85 0.14 10.97 11.00
N SER A 86 0.37 9.70 10.65
CA SER A 86 1.46 8.93 11.23
C SER A 86 2.59 8.73 10.24
N SER A 87 3.66 8.08 10.68
CA SER A 87 4.84 7.89 9.86
C SER A 87 4.70 6.67 8.95
N LEU A 88 3.69 6.70 8.09
CA LEU A 88 3.43 5.59 7.17
C LEU A 88 3.70 6.00 5.72
N VAL A 89 4.68 5.34 5.11
CA VAL A 89 4.94 5.54 3.69
C VAL A 89 5.03 4.20 2.96
N SER A 90 4.24 4.05 1.91
CA SER A 90 4.25 2.83 1.10
C SER A 90 4.62 3.13 -0.35
N ASN A 91 5.57 2.35 -0.88
CA ASN A 91 6.00 2.52 -2.26
C ASN A 91 5.41 1.43 -3.15
N TRP A 92 4.84 1.83 -4.27
CA TRP A 92 4.28 0.89 -5.23
C TRP A 92 5.04 0.91 -6.55
N THR A 93 6.10 0.12 -6.63
CA THR A 93 6.94 0.07 -7.82
C THR A 93 6.53 -1.10 -8.72
N VAL A 94 6.11 -0.78 -9.94
CA VAL A 94 5.71 -1.80 -10.90
C VAL A 94 6.64 -1.81 -12.11
N ALA A 95 7.01 -3.01 -12.55
CA ALA A 95 7.93 -3.17 -13.66
C ALA A 95 7.59 -4.41 -14.48
N PRO A 96 8.04 -4.41 -15.74
CA PRO A 96 7.82 -5.56 -16.62
C PRO A 96 8.39 -6.83 -16.01
N ALA A 97 7.72 -7.96 -16.27
CA ALA A 97 8.19 -9.24 -15.78
C ALA A 97 7.82 -10.36 -16.76
N GLY A 98 8.55 -10.45 -17.85
CA GLY A 98 8.33 -11.49 -18.85
C GLY A 98 7.15 -11.16 -19.75
N THR A 99 6.03 -11.84 -19.53
CA THR A 99 4.81 -11.58 -20.29
C THR A 99 3.86 -10.67 -19.52
N GLY A 100 4.15 -10.49 -18.23
CA GLY A 100 3.29 -9.69 -17.37
C GLY A 100 4.08 -8.60 -16.66
N SER A 101 3.80 -8.41 -15.38
CA SER A 101 4.43 -7.35 -14.60
C SER A 101 4.73 -7.81 -13.18
N SER A 102 5.41 -6.96 -12.41
CA SER A 102 5.75 -7.27 -11.04
C SER A 102 5.66 -6.04 -10.14
N VAL A 103 4.97 -6.17 -9.02
CA VAL A 103 4.75 -5.06 -8.11
C VAL A 103 5.53 -5.25 -6.82
N ASN A 104 6.40 -4.30 -6.50
CA ASN A 104 7.14 -4.31 -5.25
C ASN A 104 6.51 -3.35 -4.24
N LEU A 105 5.84 -3.92 -3.24
CA LEU A 105 5.11 -3.11 -2.26
C LEU A 105 5.91 -2.97 -0.96
N LYS A 106 6.57 -1.83 -0.80
CA LYS A 106 7.42 -1.60 0.37
C LYS A 106 6.75 -0.63 1.35
N THR A 107 6.50 -1.10 2.56
CA THR A 107 5.88 -0.27 3.59
C THR A 107 6.83 -0.08 4.77
N THR A 108 7.06 1.18 5.13
CA THR A 108 8.02 1.51 6.19
C THR A 108 7.37 2.34 7.28
N TRP A 109 7.86 2.19 8.51
CA TRP A 109 7.47 3.06 9.60
C TRP A 109 8.69 3.74 10.23
N THR A 110 8.55 5.03 10.52
CA THR A 110 9.64 5.81 11.10
C THR A 110 9.29 6.29 12.50
N GLY A 111 10.20 6.08 13.44
CA GLY A 111 10.05 6.58 14.80
C GLY A 111 10.17 5.47 15.82
N ALA A 112 9.67 5.72 17.03
CA ALA A 112 9.68 4.73 18.09
C ALA A 112 8.70 5.09 19.19
N GLY A 113 8.12 4.06 19.82
CA GLY A 113 7.24 4.26 20.96
C GLY A 113 7.99 4.09 22.27
N GLY A 114 9.08 4.86 22.44
CA GLY A 114 9.93 4.74 23.60
C GLY A 114 10.97 3.63 23.42
N VAL A 115 10.49 2.40 23.26
CA VAL A 115 11.38 1.27 23.05
C VAL A 115 11.25 0.72 21.63
N LYS A 116 12.38 0.63 20.93
CA LYS A 116 12.38 0.18 19.54
C LYS A 116 11.78 -1.21 19.40
N GLY A 117 12.08 -2.07 20.38
CA GLY A 117 11.55 -3.43 20.37
C GLY A 117 10.03 -3.44 20.32
N PHE A 118 9.41 -2.58 21.14
CA PHE A 118 7.96 -2.51 21.21
C PHE A 118 7.38 -1.75 20.02
N PHE A 119 8.19 -0.87 19.45
CA PHE A 119 7.84 -0.24 18.17
C PHE A 119 7.72 -1.27 17.06
N GLU A 120 8.68 -2.19 17.01
CA GLU A 120 8.63 -3.29 16.06
C GLU A 120 7.43 -4.20 16.31
N LYS A 121 7.12 -4.41 17.59
CA LYS A 121 5.93 -5.16 17.97
C LYS A 121 4.66 -4.43 17.57
N THR A 122 4.67 -3.11 17.70
CA THR A 122 3.52 -2.29 17.33
C THR A 122 3.23 -2.39 15.84
N PHE A 123 4.27 -2.36 15.03
CA PHE A 123 4.14 -2.51 13.58
C PHE A 123 5.03 -3.62 13.06
N ALA A 124 4.68 -4.87 13.39
CA ALA A 124 5.44 -6.02 12.95
C ALA A 124 5.49 -6.09 11.43
N PRO A 125 6.70 -6.22 10.88
CA PRO A 125 6.90 -6.25 9.45
C PRO A 125 6.39 -7.56 8.84
N LEU A 126 6.29 -8.58 9.68
CA LEU A 126 5.75 -9.87 9.25
C LEU A 126 4.23 -9.79 9.07
N GLY A 127 3.57 -9.09 9.99
CA GLY A 127 2.14 -8.84 9.87
C GLY A 127 1.83 -7.90 8.71
N LEU A 128 2.66 -6.86 8.58
CA LEU A 128 2.53 -5.93 7.46
C LEU A 128 2.76 -6.63 6.12
N ARG A 129 3.72 -7.53 6.10
CA ARG A 129 3.99 -8.33 4.90
C ARG A 129 2.77 -9.12 4.47
N ARG A 130 2.12 -9.78 5.44
CA ARG A 130 0.90 -10.51 5.18
C ARG A 130 -0.19 -9.60 4.61
N ILE A 131 -0.33 -8.42 5.20
CA ILE A 131 -1.27 -7.42 4.70
C ILE A 131 -0.97 -7.06 3.26
N GLN A 132 0.31 -6.86 2.95
CA GLN A 132 0.73 -6.56 1.59
C GLN A 132 0.33 -7.67 0.63
N ASP A 133 0.57 -8.91 1.04
CA ASP A 133 0.28 -10.07 0.20
C ASP A 133 -1.22 -10.17 -0.10
N GLU A 134 -2.03 -9.90 0.90
CA GLU A 134 -3.49 -9.99 0.75
C GLU A 134 -3.99 -8.96 -0.24
N VAL A 135 -3.44 -7.75 -0.17
CA VAL A 135 -3.81 -6.68 -1.09
C VAL A 135 -3.32 -6.98 -2.51
N LEU A 136 -2.06 -7.37 -2.61
CA LEU A 136 -1.44 -7.65 -3.91
C LEU A 136 -2.10 -8.84 -4.59
N GLU A 137 -2.50 -9.82 -3.78
CA GLU A 137 -3.27 -10.96 -4.27
C GLU A 137 -4.57 -10.51 -4.92
N ASN A 138 -5.32 -9.69 -4.20
CA ASN A 138 -6.59 -9.15 -4.71
C ASN A 138 -6.35 -8.29 -5.95
N LEU A 139 -5.27 -7.51 -5.93
CA LEU A 139 -4.89 -6.69 -7.08
C LEU A 139 -4.66 -7.54 -8.31
N LYS A 140 -3.85 -8.59 -8.16
CA LYS A 140 -3.60 -9.53 -9.24
C LYS A 140 -4.90 -10.06 -9.81
N LYS A 141 -5.74 -10.61 -8.94
CA LYS A 141 -7.00 -11.23 -9.36
C LYS A 141 -7.93 -10.22 -10.01
N HIS A 142 -7.89 -8.99 -9.51
CA HIS A 142 -8.76 -7.93 -10.01
C HIS A 142 -8.46 -7.61 -11.47
N VAL A 143 -7.18 -7.36 -11.76
CA VAL A 143 -6.78 -6.94 -13.10
C VAL A 143 -6.65 -8.13 -14.03
N GLU A 144 -6.43 -9.31 -13.46
CA GLU A 144 -6.27 -10.53 -14.24
C GLU A 144 -7.62 -11.05 -14.73
N GLY A 145 -8.58 -11.12 -13.82
CA GLY A 145 -9.91 -11.64 -14.17
C GLY A 145 -10.98 -10.58 -13.95
N MET A 1 12.00 6.10 19.90
CA MET A 1 11.07 5.68 18.86
C MET A 1 11.54 4.41 18.17
N GLY A 2 10.60 3.70 17.57
CA GLY A 2 10.90 2.45 16.87
C GLY A 2 10.81 2.64 15.36
N GLN A 3 10.88 1.53 14.63
CA GLN A 3 10.77 1.55 13.18
C GLN A 3 10.62 0.16 12.61
N VAL A 4 9.70 -0.01 11.66
CA VAL A 4 9.53 -1.27 10.96
C VAL A 4 9.41 -1.05 9.45
N SER A 5 9.62 -2.12 8.69
CA SER A 5 9.45 -2.08 7.24
C SER A 5 8.94 -3.42 6.71
N ALA A 6 8.30 -3.38 5.55
CA ALA A 6 7.74 -4.58 4.94
C ALA A 6 7.86 -4.53 3.42
N VAL A 7 8.39 -5.60 2.84
CA VAL A 7 8.56 -5.67 1.39
C VAL A 7 7.89 -6.92 0.82
N SER A 8 7.15 -6.74 -0.27
CA SER A 8 6.44 -7.85 -0.90
C SER A 8 6.42 -7.70 -2.41
N THR A 9 6.63 -8.81 -3.12
CA THR A 9 6.63 -8.80 -4.58
C THR A 9 5.67 -9.84 -5.14
N VAL A 10 4.91 -9.44 -6.16
CA VAL A 10 3.95 -10.33 -6.79
C VAL A 10 4.10 -10.32 -8.31
N LEU A 11 3.96 -11.49 -8.92
CA LEU A 11 3.92 -11.59 -10.38
C LEU A 11 2.49 -11.53 -10.90
N ILE A 12 2.26 -10.71 -11.91
CA ILE A 12 0.91 -10.46 -12.41
C ILE A 12 0.85 -10.65 -13.93
N ASN A 13 -0.15 -11.40 -14.38
CA ASN A 13 -0.35 -11.62 -15.80
C ASN A 13 -1.12 -10.46 -16.42
N ALA A 14 -0.48 -9.29 -16.48
CA ALA A 14 -1.12 -8.09 -17.00
C ALA A 14 -0.09 -7.05 -17.40
N GLU A 15 -0.46 -6.20 -18.36
CA GLU A 15 0.44 -5.15 -18.83
C GLU A 15 0.88 -4.25 -17.69
N PRO A 16 2.17 -3.99 -17.61
CA PRO A 16 2.73 -3.13 -16.56
C PRO A 16 2.00 -1.79 -16.51
N ALA A 17 1.72 -1.23 -17.67
CA ALA A 17 1.04 0.05 -17.76
C ALA A 17 -0.38 -0.04 -17.21
N ALA A 18 -1.05 -1.16 -17.50
CA ALA A 18 -2.40 -1.39 -17.00
C ALA A 18 -2.42 -1.48 -15.48
N VAL A 19 -1.43 -2.17 -14.93
CA VAL A 19 -1.30 -2.29 -13.48
C VAL A 19 -0.95 -0.94 -12.84
N LEU A 20 -0.04 -0.21 -13.49
CA LEU A 20 0.30 1.14 -13.04
C LEU A 20 -0.94 2.03 -12.95
N ALA A 21 -1.78 1.96 -13.98
CA ALA A 21 -3.03 2.70 -13.98
C ALA A 21 -3.92 2.29 -12.81
N ALA A 22 -3.99 0.99 -12.55
CA ALA A 22 -4.77 0.46 -11.44
C ALA A 22 -4.24 0.98 -10.11
N ILE A 23 -2.92 1.10 -10.01
CA ILE A 23 -2.29 1.64 -8.81
C ILE A 23 -2.65 3.11 -8.61
N SER A 24 -2.51 3.89 -9.67
CA SER A 24 -2.79 5.33 -9.60
C SER A 24 -4.26 5.60 -9.34
N ASP A 25 -5.12 4.70 -9.83
CA ASP A 25 -6.55 4.80 -9.59
C ASP A 25 -6.93 4.13 -8.27
N TYR A 26 -6.65 4.82 -7.16
CA TYR A 26 -6.91 4.27 -5.84
C TYR A 26 -8.39 4.29 -5.51
N GLN A 27 -9.12 5.24 -6.08
CA GLN A 27 -10.51 5.47 -5.72
C GLN A 27 -11.34 4.20 -5.87
N THR A 28 -11.22 3.55 -7.02
CA THR A 28 -12.12 2.48 -7.39
C THR A 28 -11.49 1.11 -7.19
N VAL A 29 -10.17 1.11 -6.97
CA VAL A 29 -9.42 -0.14 -6.90
C VAL A 29 -9.23 -0.60 -5.47
N ARG A 30 -8.89 0.34 -4.59
CA ARG A 30 -8.57 0.01 -3.21
C ARG A 30 -9.71 -0.73 -2.53
N PRO A 31 -10.93 -0.26 -2.74
CA PRO A 31 -12.11 -0.88 -2.16
C PRO A 31 -12.14 -2.38 -2.42
N LYS A 32 -11.56 -2.78 -3.55
CA LYS A 32 -11.69 -4.15 -4.02
C LYS A 32 -10.51 -5.00 -3.58
N ILE A 33 -9.32 -4.41 -3.58
CA ILE A 33 -8.09 -5.16 -3.42
C ILE A 33 -7.67 -5.23 -1.96
N LEU A 34 -8.14 -4.27 -1.18
CA LEU A 34 -7.82 -4.23 0.25
C LEU A 34 -8.54 -5.33 1.00
N SER A 35 -7.87 -5.89 2.01
CA SER A 35 -8.37 -7.08 2.69
C SER A 35 -9.12 -6.70 3.96
N SER A 36 -9.32 -7.67 4.84
CA SER A 36 -10.09 -7.46 6.07
C SER A 36 -9.29 -6.66 7.08
N HIS A 37 -8.02 -6.44 6.79
CA HIS A 37 -7.16 -5.63 7.64
C HIS A 37 -7.30 -4.15 7.31
N TYR A 38 -8.25 -3.83 6.45
CA TYR A 38 -8.60 -2.44 6.17
C TYR A 38 -10.08 -2.17 6.46
N SER A 39 -10.36 -1.01 7.02
CA SER A 39 -11.72 -0.65 7.40
C SER A 39 -12.18 0.61 6.69
N GLY A 40 -12.81 1.52 7.43
CA GLY A 40 -13.31 2.77 6.87
C GLY A 40 -12.33 3.35 5.85
N TYR A 41 -12.86 3.89 4.77
CA TYR A 41 -12.03 4.52 3.74
C TYR A 41 -12.81 5.58 2.98
N GLN A 42 -12.09 6.55 2.41
CA GLN A 42 -12.70 7.56 1.56
C GLN A 42 -11.66 8.31 0.76
N VAL A 43 -12.07 8.91 -0.35
CA VAL A 43 -11.21 9.79 -1.12
C VAL A 43 -11.64 11.24 -0.96
N LEU A 44 -10.71 12.07 -0.46
CA LEU A 44 -11.02 13.47 -0.17
C LEU A 44 -10.76 14.36 -1.38
N GLU A 45 -9.77 13.99 -2.18
CA GLU A 45 -9.44 14.74 -3.39
C GLU A 45 -8.91 13.82 -4.48
N GLY A 46 -9.41 14.01 -5.70
CA GLY A 46 -8.93 13.27 -6.85
C GLY A 46 -9.38 11.81 -6.81
N GLY A 47 -8.41 10.91 -6.73
CA GLY A 47 -8.70 9.48 -6.76
C GLY A 47 -7.96 8.77 -7.88
N GLN A 48 -7.39 9.56 -8.79
CA GLN A 48 -6.69 9.02 -9.94
C GLN A 48 -5.43 9.82 -10.26
N GLY A 49 -4.29 9.36 -9.78
CA GLY A 49 -3.01 9.98 -10.12
C GLY A 49 -2.49 10.84 -8.97
N ALA A 50 -1.41 11.57 -9.22
CA ALA A 50 -0.76 12.36 -8.17
C ALA A 50 -1.65 13.50 -7.71
N GLY A 51 -1.57 13.81 -6.42
CA GLY A 51 -2.39 14.88 -5.85
C GLY A 51 -3.61 14.32 -5.15
N THR A 52 -3.86 13.03 -5.34
CA THR A 52 -4.98 12.36 -4.69
C THR A 52 -4.80 12.34 -3.18
N VAL A 53 -5.85 12.73 -2.46
CA VAL A 53 -5.87 12.65 -1.01
C VAL A 53 -6.97 11.73 -0.52
N ALA A 54 -6.61 10.78 0.34
CA ALA A 54 -7.55 9.76 0.80
C ALA A 54 -7.20 9.27 2.20
N THR A 55 -8.19 8.75 2.91
CA THR A 55 -7.97 8.18 4.23
C THR A 55 -8.41 6.71 4.27
N TRP A 56 -7.75 5.94 5.14
CA TRP A 56 -8.10 4.53 5.30
C TRP A 56 -7.53 3.98 6.61
N LYS A 57 -8.33 3.17 7.29
CA LYS A 57 -7.93 2.61 8.57
C LYS A 57 -7.23 1.26 8.41
N LEU A 58 -6.07 1.12 9.04
CA LEU A 58 -5.33 -0.14 9.01
C LEU A 58 -5.51 -0.91 10.32
N GLN A 59 -6.22 -2.02 10.25
CA GLN A 59 -6.56 -2.80 11.43
C GLN A 59 -5.77 -4.10 11.48
N ALA A 60 -4.77 -4.14 12.35
CA ALA A 60 -4.00 -5.37 12.56
C ALA A 60 -4.81 -6.42 13.31
N THR A 61 -5.54 -5.96 14.34
CA THR A 61 -6.45 -6.84 15.06
C THR A 61 -7.56 -6.03 15.74
N LYS A 62 -8.32 -6.69 16.60
CA LYS A 62 -9.54 -6.11 17.14
C LYS A 62 -9.26 -4.79 17.87
N SER A 63 -8.13 -4.74 18.55
CA SER A 63 -7.81 -3.61 19.40
C SER A 63 -6.61 -2.83 18.87
N ARG A 64 -6.28 -3.07 17.60
CA ARG A 64 -5.15 -2.40 16.97
C ARG A 64 -5.52 -1.88 15.59
N VAL A 65 -5.90 -0.60 15.53
CA VAL A 65 -6.27 0.02 14.26
C VAL A 65 -5.85 1.48 14.22
N ARG A 66 -5.29 1.90 13.08
CA ARG A 66 -4.84 3.27 12.91
C ARG A 66 -5.46 3.92 11.69
N ASP A 67 -5.92 5.15 11.84
CA ASP A 67 -6.50 5.91 10.73
C ASP A 67 -5.43 6.66 9.95
N VAL A 68 -5.18 6.23 8.72
CA VAL A 68 -4.10 6.78 7.92
C VAL A 68 -4.62 7.77 6.89
N LYS A 69 -4.15 9.01 6.97
CA LYS A 69 -4.41 10.00 5.94
C LYS A 69 -3.18 10.23 5.07
N ALA A 70 -3.30 9.89 3.79
CA ALA A 70 -2.16 9.84 2.89
C ALA A 70 -2.40 10.65 1.63
N THR A 71 -1.33 11.16 1.05
CA THR A 71 -1.40 11.84 -0.25
C THR A 71 -0.57 11.13 -1.30
N VAL A 72 -1.13 10.98 -2.50
CA VAL A 72 -0.50 10.19 -3.55
C VAL A 72 0.55 11.00 -4.29
N ASP A 73 1.76 10.45 -4.38
CA ASP A 73 2.82 11.06 -5.18
C ASP A 73 3.31 10.12 -6.27
N VAL A 74 2.72 10.23 -7.45
CA VAL A 74 3.07 9.38 -8.58
C VAL A 74 4.39 9.81 -9.19
N ALA A 75 5.34 8.88 -9.27
CA ALA A 75 6.65 9.16 -9.83
C ALA A 75 7.02 8.14 -10.91
N GLY A 76 6.38 8.26 -12.07
CA GLY A 76 6.70 7.41 -13.21
C GLY A 76 6.04 6.04 -13.07
N HIS A 77 6.84 5.03 -12.76
CA HIS A 77 6.34 3.68 -12.58
C HIS A 77 6.26 3.30 -11.10
N THR A 78 6.64 4.24 -10.24
CA THR A 78 6.49 4.06 -8.80
C THR A 78 5.58 5.12 -8.21
N VAL A 79 4.51 4.67 -7.55
CA VAL A 79 3.59 5.58 -6.87
C VAL A 79 3.81 5.55 -5.36
N ILE A 80 4.13 6.72 -4.79
CA ILE A 80 4.49 6.80 -3.38
C ILE A 80 3.33 7.33 -2.54
N GLU A 81 2.79 6.46 -1.70
CA GLU A 81 1.69 6.84 -0.81
C GLU A 81 2.21 7.41 0.50
N LYS A 82 2.11 8.73 0.64
CA LYS A 82 2.75 9.43 1.76
C LYS A 82 1.73 9.81 2.82
N ASP A 83 1.85 9.21 3.99
CA ASP A 83 0.98 9.54 5.12
C ASP A 83 1.23 10.96 5.60
N ALA A 84 0.22 11.82 5.45
CA ALA A 84 0.32 13.22 5.86
C ALA A 84 0.21 13.34 7.37
N ASN A 85 -0.37 12.33 8.02
CA ASN A 85 -0.57 12.35 9.45
C ASN A 85 0.71 12.05 10.20
N SER A 86 1.31 10.91 9.89
CA SER A 86 2.51 10.46 10.60
C SER A 86 3.52 9.85 9.62
N SER A 87 4.53 9.18 10.18
CA SER A 87 5.65 8.70 9.39
C SER A 87 5.35 7.32 8.79
N LEU A 88 4.44 7.28 7.83
CA LEU A 88 4.11 6.05 7.14
C LEU A 88 4.08 6.24 5.63
N VAL A 89 4.98 5.57 4.92
CA VAL A 89 5.06 5.68 3.47
C VAL A 89 5.08 4.30 2.82
N SER A 90 4.17 4.10 1.87
CA SER A 90 4.12 2.85 1.11
C SER A 90 4.45 3.09 -0.36
N ASN A 91 5.39 2.32 -0.88
CA ASN A 91 5.85 2.48 -2.25
C ASN A 91 5.19 1.47 -3.18
N TRP A 92 4.64 1.95 -4.29
CA TRP A 92 3.98 1.09 -5.26
C TRP A 92 4.75 1.03 -6.57
N THR A 93 5.72 0.13 -6.64
CA THR A 93 6.54 -0.02 -7.84
C THR A 93 6.02 -1.12 -8.74
N VAL A 94 5.83 -0.81 -10.01
CA VAL A 94 5.43 -1.80 -11.00
C VAL A 94 6.36 -1.78 -12.21
N ALA A 95 6.70 -2.96 -12.72
CA ALA A 95 7.64 -3.08 -13.82
C ALA A 95 7.41 -4.36 -14.60
N PRO A 96 7.84 -4.38 -15.86
CA PRO A 96 7.73 -5.56 -16.70
C PRO A 96 8.42 -6.76 -16.06
N ALA A 97 7.85 -7.94 -16.27
CA ALA A 97 8.43 -9.17 -15.74
C ALA A 97 8.26 -10.33 -16.74
N GLY A 98 9.13 -10.36 -17.74
CA GLY A 98 9.11 -11.44 -18.72
C GLY A 98 8.04 -11.19 -19.77
N THR A 99 6.96 -11.96 -19.69
CA THR A 99 5.82 -11.79 -20.59
C THR A 99 4.71 -10.98 -19.94
N GLY A 100 4.83 -10.79 -18.63
CA GLY A 100 3.81 -10.06 -17.87
C GLY A 100 4.41 -8.90 -17.09
N SER A 101 3.99 -8.75 -15.85
CA SER A 101 4.46 -7.66 -15.01
C SER A 101 4.63 -8.10 -13.56
N SER A 102 5.16 -7.21 -12.73
CA SER A 102 5.30 -7.48 -11.30
C SER A 102 5.15 -6.21 -10.49
N VAL A 103 4.72 -6.35 -9.24
CA VAL A 103 4.60 -5.21 -8.33
C VAL A 103 5.41 -5.43 -7.06
N ASN A 104 6.21 -4.43 -6.70
CA ASN A 104 7.04 -4.51 -5.51
C ASN A 104 6.67 -3.43 -4.50
N LEU A 105 6.06 -3.84 -3.40
CA LEU A 105 5.65 -2.90 -2.35
C LEU A 105 6.73 -2.76 -1.28
N LYS A 106 6.90 -1.55 -0.77
CA LYS A 106 7.73 -1.32 0.40
C LYS A 106 7.09 -0.31 1.34
N THR A 107 6.74 -0.77 2.54
CA THR A 107 6.14 0.09 3.54
C THR A 107 7.12 0.43 4.64
N THR A 108 7.28 1.73 4.91
CA THR A 108 8.15 2.19 5.99
C THR A 108 7.34 2.93 7.05
N TRP A 109 7.48 2.50 8.30
CA TRP A 109 6.68 3.04 9.38
C TRP A 109 7.52 3.26 10.64
N THR A 110 7.84 4.51 10.92
CA THR A 110 8.67 4.85 12.08
C THR A 110 7.85 5.62 13.13
N GLY A 111 8.41 5.73 14.33
CA GLY A 111 7.77 6.49 15.39
C GLY A 111 7.60 5.65 16.65
N ALA A 112 7.11 6.28 17.72
CA ALA A 112 6.90 5.60 18.99
C ALA A 112 5.71 4.66 18.92
N GLY A 113 5.81 3.53 19.62
CA GLY A 113 4.72 2.57 19.67
C GLY A 113 4.35 2.23 21.12
N GLY A 114 4.17 0.94 21.38
CA GLY A 114 3.82 0.48 22.72
C GLY A 114 5.05 -0.04 23.46
N VAL A 115 4.84 -0.99 24.37
CA VAL A 115 5.93 -1.57 25.14
C VAL A 115 7.05 -2.06 24.24
N LYS A 116 6.67 -2.66 23.12
CA LYS A 116 7.64 -3.18 22.16
C LYS A 116 7.48 -2.50 20.80
N GLY A 117 7.17 -1.21 20.82
CA GLY A 117 7.04 -0.44 19.58
C GLY A 117 5.88 -0.95 18.74
N PHE A 118 6.18 -1.34 17.51
CA PHE A 118 5.16 -1.78 16.57
C PHE A 118 4.85 -3.26 16.73
N PHE A 119 5.59 -3.92 17.62
CA PHE A 119 5.33 -5.31 17.96
C PHE A 119 4.22 -5.41 19.01
N GLU A 120 4.10 -4.38 19.84
CA GLU A 120 2.95 -4.23 20.72
C GLU A 120 1.73 -3.72 19.96
N LYS A 121 1.97 -2.87 18.98
CA LYS A 121 0.90 -2.34 18.15
C LYS A 121 0.51 -3.32 17.05
N THR A 122 1.18 -4.46 17.02
CA THR A 122 0.85 -5.52 16.08
C THR A 122 1.00 -5.05 14.64
N PHE A 123 1.96 -4.16 14.42
CA PHE A 123 2.35 -3.77 13.06
C PHE A 123 3.79 -4.19 12.77
N ALA A 124 4.09 -5.47 13.00
CA ALA A 124 5.44 -5.98 12.81
C ALA A 124 5.81 -6.03 11.34
N PRO A 125 7.11 -6.04 11.05
CA PRO A 125 7.60 -6.13 9.69
C PRO A 125 6.94 -7.28 8.94
N LEU A 126 6.83 -8.42 9.61
CA LEU A 126 6.27 -9.62 8.99
C LEU A 126 4.75 -9.54 8.89
N GLY A 127 4.14 -8.92 9.90
CA GLY A 127 2.70 -8.73 9.92
C GLY A 127 2.24 -7.82 8.79
N LEU A 128 2.95 -6.71 8.61
CA LEU A 128 2.65 -5.77 7.54
C LEU A 128 2.90 -6.39 6.17
N ARG A 129 3.96 -7.19 6.07
CA ARG A 129 4.26 -7.92 4.86
C ARG A 129 3.13 -8.85 4.47
N ARG A 130 2.62 -9.60 5.45
CA ARG A 130 1.47 -10.47 5.24
C ARG A 130 0.29 -9.69 4.68
N ILE A 131 0.04 -8.51 5.26
CA ILE A 131 -1.04 -7.64 4.78
C ILE A 131 -0.80 -7.23 3.33
N GLN A 132 0.44 -6.89 3.00
CA GLN A 132 0.81 -6.56 1.63
C GLN A 132 0.50 -7.71 0.69
N ASP A 133 0.84 -8.92 1.11
CA ASP A 133 0.61 -10.11 0.29
C ASP A 133 -0.85 -10.24 -0.09
N GLU A 134 -1.74 -10.02 0.87
CA GLU A 134 -3.18 -10.13 0.64
C GLU A 134 -3.65 -9.09 -0.38
N VAL A 135 -3.15 -7.87 -0.24
CA VAL A 135 -3.53 -6.79 -1.14
C VAL A 135 -3.05 -7.05 -2.56
N LEU A 136 -1.80 -7.49 -2.68
CA LEU A 136 -1.20 -7.75 -3.98
C LEU A 136 -1.87 -8.94 -4.67
N GLU A 137 -2.28 -9.92 -3.87
CA GLU A 137 -2.99 -11.08 -4.38
C GLU A 137 -4.33 -10.68 -5.00
N ASN A 138 -5.04 -9.79 -4.32
CA ASN A 138 -6.32 -9.30 -4.80
C ASN A 138 -6.13 -8.36 -5.99
N LEU A 139 -5.10 -7.52 -5.92
CA LEU A 139 -4.77 -6.62 -7.00
C LEU A 139 -4.42 -7.38 -8.28
N LYS A 140 -3.57 -8.40 -8.13
CA LYS A 140 -3.27 -9.30 -9.24
C LYS A 140 -4.53 -9.78 -9.92
N LYS A 141 -5.44 -10.36 -9.15
CA LYS A 141 -6.70 -10.87 -9.68
C LYS A 141 -7.56 -9.74 -10.26
N HIS A 142 -7.49 -8.57 -9.62
CA HIS A 142 -8.29 -7.43 -10.04
C HIS A 142 -7.94 -7.01 -11.46
N VAL A 143 -6.65 -6.83 -11.72
CA VAL A 143 -6.19 -6.31 -13.01
C VAL A 143 -6.21 -7.38 -14.09
N GLU A 144 -6.10 -8.64 -13.66
CA GLU A 144 -6.15 -9.77 -14.57
C GLU A 144 -7.58 -10.02 -15.06
N GLY A 145 -8.53 -9.90 -14.14
CA GLY A 145 -9.94 -10.11 -14.47
C GLY A 145 -10.83 -9.18 -13.66
N MET A 1 14.26 7.46 17.84
CA MET A 1 13.21 6.46 17.72
C MET A 1 13.71 5.22 16.98
N GLY A 2 12.85 4.22 16.86
CA GLY A 2 13.17 3.02 16.08
C GLY A 2 12.66 3.15 14.65
N GLN A 3 12.55 2.01 13.96
CA GLN A 3 12.04 1.99 12.60
C GLN A 3 11.75 0.56 12.15
N VAL A 4 10.60 0.38 11.51
CA VAL A 4 10.25 -0.92 10.93
C VAL A 4 9.83 -0.78 9.47
N SER A 5 9.96 -1.86 8.71
CA SER A 5 9.71 -1.83 7.28
C SER A 5 9.31 -3.21 6.76
N ALA A 6 8.75 -3.24 5.56
CA ALA A 6 8.40 -4.50 4.91
C ALA A 6 8.38 -4.35 3.39
N VAL A 7 8.76 -5.43 2.70
CA VAL A 7 8.84 -5.41 1.24
C VAL A 7 8.49 -6.77 0.66
N SER A 8 7.69 -6.76 -0.40
CA SER A 8 7.33 -7.99 -1.10
C SER A 8 7.00 -7.73 -2.56
N THR A 9 7.36 -8.66 -3.43
CA THR A 9 7.09 -8.54 -4.85
C THR A 9 6.12 -9.62 -5.31
N VAL A 10 5.03 -9.19 -5.95
CA VAL A 10 4.02 -10.12 -6.44
C VAL A 10 3.88 -10.03 -7.96
N LEU A 11 3.89 -11.18 -8.63
CA LEU A 11 3.76 -11.24 -10.07
C LEU A 11 2.32 -11.04 -10.51
N ILE A 12 2.13 -10.26 -11.57
CA ILE A 12 0.79 -10.03 -12.12
C ILE A 12 0.78 -10.22 -13.62
N ASN A 13 -0.19 -10.99 -14.11
CA ASN A 13 -0.32 -11.23 -15.54
C ASN A 13 -1.04 -10.08 -16.23
N ALA A 14 -0.38 -8.93 -16.27
CA ALA A 14 -0.96 -7.73 -16.86
C ALA A 14 0.11 -6.68 -17.17
N GLU A 15 -0.17 -5.83 -18.14
CA GLU A 15 0.77 -4.77 -18.53
C GLU A 15 1.12 -3.89 -17.33
N PRO A 16 2.42 -3.65 -17.17
CA PRO A 16 2.89 -2.83 -16.05
C PRO A 16 2.16 -1.50 -15.99
N ALA A 17 1.95 -0.90 -17.16
CA ALA A 17 1.27 0.39 -17.25
C ALA A 17 -0.19 0.27 -16.78
N ALA A 18 -0.84 -0.81 -17.16
CA ALA A 18 -2.21 -1.07 -16.75
C ALA A 18 -2.30 -1.25 -15.24
N VAL A 19 -1.34 -1.98 -14.68
CA VAL A 19 -1.29 -2.18 -13.24
C VAL A 19 -0.96 -0.88 -12.51
N LEU A 20 -0.04 -0.10 -13.08
CA LEU A 20 0.29 1.22 -12.54
C LEU A 20 -0.95 2.08 -12.39
N ALA A 21 -1.76 2.14 -13.45
CA ALA A 21 -3.00 2.89 -13.42
C ALA A 21 -3.93 2.38 -12.34
N ALA A 22 -4.04 1.05 -12.24
CA ALA A 22 -4.89 0.43 -11.24
C ALA A 22 -4.43 0.80 -9.83
N ILE A 23 -3.12 0.82 -9.63
CA ILE A 23 -2.56 1.22 -8.34
C ILE A 23 -2.89 2.68 -8.02
N SER A 24 -2.78 3.54 -9.03
CA SER A 24 -3.03 4.97 -8.84
C SER A 24 -4.53 5.27 -8.85
N ASP A 25 -5.32 4.25 -9.15
CA ASP A 25 -6.78 4.38 -9.09
C ASP A 25 -7.30 4.08 -7.69
N TYR A 26 -7.65 5.14 -6.96
CA TYR A 26 -8.10 5.00 -5.58
C TYR A 26 -9.62 5.02 -5.48
N GLN A 27 -10.28 5.03 -6.64
CA GLN A 27 -11.72 5.23 -6.70
C GLN A 27 -12.46 3.91 -6.83
N THR A 28 -11.93 3.04 -7.69
CA THR A 28 -12.62 1.80 -8.03
C THR A 28 -11.78 0.58 -7.66
N VAL A 29 -10.46 0.73 -7.74
CA VAL A 29 -9.54 -0.40 -7.57
C VAL A 29 -9.23 -0.63 -6.10
N ARG A 30 -8.67 0.39 -5.45
CA ARG A 30 -8.16 0.24 -4.09
C ARG A 30 -9.25 -0.26 -3.14
N PRO A 31 -10.44 0.33 -3.26
CA PRO A 31 -11.56 -0.05 -2.42
C PRO A 31 -11.76 -1.57 -2.40
N LYS A 32 -11.46 -2.21 -3.54
CA LYS A 32 -11.83 -3.60 -3.75
C LYS A 32 -10.70 -4.54 -3.36
N ILE A 33 -9.47 -4.11 -3.63
CA ILE A 33 -8.31 -4.98 -3.49
C ILE A 33 -7.76 -4.95 -2.07
N LEU A 34 -8.06 -3.88 -1.35
CA LEU A 34 -7.64 -3.75 0.05
C LEU A 34 -8.30 -4.80 0.92
N SER A 35 -7.56 -5.28 1.91
CA SER A 35 -7.99 -6.44 2.69
C SER A 35 -9.00 -6.05 3.76
N SER A 36 -9.45 -7.03 4.52
CA SER A 36 -10.45 -6.80 5.57
C SER A 36 -9.84 -6.05 6.74
N HIS A 37 -8.52 -5.88 6.72
CA HIS A 37 -7.83 -5.08 7.73
C HIS A 37 -8.06 -3.59 7.50
N TYR A 38 -8.52 -3.25 6.31
CA TYR A 38 -8.85 -1.87 5.98
C TYR A 38 -10.32 -1.57 6.21
N SER A 39 -10.61 -0.39 6.75
CA SER A 39 -11.98 0.00 7.05
C SER A 39 -12.13 1.51 7.04
N GLY A 40 -13.31 1.98 6.63
CA GLY A 40 -13.61 3.41 6.62
C GLY A 40 -12.90 4.11 5.47
N TYR A 41 -12.63 3.36 4.41
CA TYR A 41 -11.91 3.91 3.25
C TYR A 41 -12.70 5.02 2.58
N GLN A 42 -12.08 6.18 2.45
CA GLN A 42 -12.72 7.32 1.80
C GLN A 42 -11.71 8.18 1.06
N VAL A 43 -11.94 8.36 -0.23
CA VAL A 43 -11.15 9.30 -1.03
C VAL A 43 -11.55 10.74 -0.73
N LEU A 44 -10.57 11.58 -0.43
CA LEU A 44 -10.83 12.95 -0.01
C LEU A 44 -10.63 13.93 -1.18
N GLU A 45 -9.65 13.64 -2.03
CA GLU A 45 -9.38 14.48 -3.18
C GLU A 45 -8.83 13.67 -4.34
N GLY A 46 -9.31 13.94 -5.54
CA GLY A 46 -8.81 13.29 -6.75
C GLY A 46 -9.24 11.84 -6.80
N GLY A 47 -8.27 10.93 -6.83
CA GLY A 47 -8.54 9.50 -6.88
C GLY A 47 -7.89 8.85 -8.09
N GLN A 48 -7.32 9.67 -8.96
CA GLN A 48 -6.69 9.19 -10.18
C GLN A 48 -5.34 9.84 -10.41
N GLY A 49 -4.29 9.29 -9.82
CA GLY A 49 -2.94 9.72 -10.10
C GLY A 49 -2.43 10.68 -9.02
N ALA A 50 -1.39 11.44 -9.35
CA ALA A 50 -0.73 12.30 -8.38
C ALA A 50 -1.67 13.40 -7.91
N GLY A 51 -1.58 13.74 -6.63
CA GLY A 51 -2.42 14.78 -6.04
C GLY A 51 -3.60 14.18 -5.29
N THR A 52 -3.79 12.88 -5.46
CA THR A 52 -4.88 12.17 -4.79
C THR A 52 -4.67 12.15 -3.28
N VAL A 53 -5.73 12.46 -2.54
CA VAL A 53 -5.71 12.33 -1.08
C VAL A 53 -6.84 11.44 -0.59
N ALA A 54 -6.53 10.53 0.33
CA ALA A 54 -7.51 9.62 0.88
C ALA A 54 -7.24 9.32 2.34
N THR A 55 -8.17 8.63 2.98
CA THR A 55 -7.98 8.18 4.37
C THR A 55 -8.64 6.83 4.61
N TRP A 56 -8.03 6.02 5.47
CA TRP A 56 -8.52 4.69 5.75
C TRP A 56 -7.92 4.12 7.02
N LYS A 57 -8.74 3.41 7.80
CA LYS A 57 -8.28 2.78 9.03
C LYS A 57 -7.64 1.43 8.74
N LEU A 58 -6.57 1.13 9.46
CA LEU A 58 -5.89 -0.16 9.32
C LEU A 58 -5.70 -0.84 10.66
N GLN A 59 -6.27 -2.03 10.81
CA GLN A 59 -6.19 -2.77 12.06
C GLN A 59 -5.15 -3.87 11.98
N ALA A 60 -3.97 -3.62 12.54
CA ALA A 60 -2.91 -4.61 12.59
C ALA A 60 -3.31 -5.79 13.46
N THR A 61 -3.88 -5.50 14.63
CA THR A 61 -4.40 -6.54 15.51
C THR A 61 -5.47 -5.99 16.44
N LYS A 62 -5.85 -6.78 17.43
CA LYS A 62 -7.02 -6.47 18.25
C LYS A 62 -6.89 -5.11 18.92
N SER A 63 -5.67 -4.77 19.33
CA SER A 63 -5.43 -3.56 20.09
C SER A 63 -4.61 -2.55 19.29
N ARG A 64 -4.58 -2.74 17.97
CA ARG A 64 -3.84 -1.85 17.09
C ARG A 64 -4.67 -1.48 15.87
N VAL A 65 -5.27 -0.30 15.90
CA VAL A 65 -5.96 0.24 14.73
C VAL A 65 -5.87 1.76 14.70
N ARG A 66 -5.54 2.31 13.54
CA ARG A 66 -5.36 3.75 13.39
C ARG A 66 -5.91 4.23 12.05
N ASP A 67 -6.40 5.46 12.03
CA ASP A 67 -6.88 6.08 10.80
C ASP A 67 -5.73 6.72 10.03
N VAL A 68 -5.35 6.11 8.92
CA VAL A 68 -4.16 6.53 8.19
C VAL A 68 -4.55 7.25 6.89
N LYS A 69 -3.94 8.41 6.66
CA LYS A 69 -4.19 9.17 5.45
C LYS A 69 -3.23 8.75 4.33
N ALA A 70 -3.56 9.15 3.10
CA ALA A 70 -2.75 8.77 1.95
C ALA A 70 -2.60 9.95 0.99
N THR A 71 -1.37 10.40 0.80
CA THR A 71 -1.07 11.40 -0.22
C THR A 71 -0.27 10.80 -1.36
N VAL A 72 -0.77 10.96 -2.58
CA VAL A 72 -0.28 10.20 -3.72
C VAL A 72 0.65 11.05 -4.59
N ASP A 73 1.84 10.54 -4.85
CA ASP A 73 2.76 11.15 -5.79
C ASP A 73 3.25 10.14 -6.83
N VAL A 74 2.60 10.12 -7.98
CA VAL A 74 2.93 9.17 -9.04
C VAL A 74 4.07 9.70 -9.91
N ALA A 75 5.13 8.91 -10.01
CA ALA A 75 6.27 9.29 -10.84
C ALA A 75 6.91 8.06 -11.49
N GLY A 76 7.03 8.08 -12.81
CA GLY A 76 7.58 6.96 -13.55
C GLY A 76 6.65 5.75 -13.48
N HIS A 77 7.10 4.71 -12.80
CA HIS A 77 6.27 3.53 -12.57
C HIS A 77 6.14 3.23 -11.08
N THR A 78 6.36 4.25 -10.26
CA THR A 78 6.21 4.12 -8.81
C THR A 78 5.15 5.07 -8.29
N VAL A 79 4.15 4.52 -7.59
CA VAL A 79 3.16 5.33 -6.91
C VAL A 79 3.52 5.52 -5.44
N ILE A 80 3.92 6.73 -5.09
CA ILE A 80 4.34 7.03 -3.72
C ILE A 80 3.16 7.42 -2.85
N GLU A 81 2.99 6.73 -1.73
CA GLU A 81 1.86 6.95 -0.83
C GLU A 81 2.34 7.23 0.59
N LYS A 82 2.09 8.44 1.06
CA LYS A 82 2.57 8.86 2.37
C LYS A 82 1.41 9.26 3.27
N ASP A 83 1.60 9.11 4.58
CA ASP A 83 0.60 9.52 5.56
C ASP A 83 0.82 10.95 6.01
N ALA A 84 -0.26 11.59 6.46
CA ALA A 84 -0.17 12.94 7.01
C ALA A 84 -0.34 12.92 8.53
N ASN A 85 -0.92 11.83 9.04
CA ASN A 85 -1.13 11.67 10.48
C ASN A 85 0.10 11.09 11.15
N SER A 86 0.98 10.50 10.35
CA SER A 86 2.20 9.88 10.87
C SER A 86 3.25 9.74 9.78
N SER A 87 4.45 9.32 10.18
CA SER A 87 5.58 9.23 9.24
C SER A 87 5.58 7.89 8.52
N LEU A 88 4.57 7.67 7.68
CA LEU A 88 4.50 6.46 6.87
C LEU A 88 4.85 6.74 5.41
N VAL A 89 5.75 5.93 4.87
CA VAL A 89 6.08 6.00 3.45
C VAL A 89 5.90 4.66 2.77
N SER A 90 5.08 4.64 1.72
CA SER A 90 4.86 3.42 0.94
C SER A 90 5.20 3.63 -0.53
N ASN A 91 5.83 2.63 -1.14
CA ASN A 91 6.23 2.73 -2.54
C ASN A 91 5.66 1.57 -3.34
N TRP A 92 4.73 1.88 -4.23
CA TRP A 92 4.17 0.89 -5.14
C TRP A 92 4.87 0.91 -6.49
N THR A 93 5.91 0.10 -6.63
CA THR A 93 6.69 0.06 -7.86
C THR A 93 6.28 -1.13 -8.73
N VAL A 94 5.93 -0.85 -9.97
CA VAL A 94 5.56 -1.89 -10.92
C VAL A 94 6.49 -1.90 -12.13
N ALA A 95 6.85 -3.09 -12.58
CA ALA A 95 7.81 -3.25 -13.66
C ALA A 95 7.54 -4.52 -14.47
N PRO A 96 8.02 -4.53 -15.71
CA PRO A 96 7.89 -5.71 -16.56
C PRO A 96 8.50 -6.94 -15.91
N ALA A 97 7.94 -8.10 -16.20
CA ALA A 97 8.46 -9.36 -15.66
C ALA A 97 8.23 -10.50 -16.64
N GLY A 98 9.02 -10.55 -17.70
CA GLY A 98 8.93 -11.62 -18.67
C GLY A 98 7.78 -11.42 -19.63
N THR A 99 6.72 -12.20 -19.46
CA THR A 99 5.51 -12.07 -20.28
C THR A 99 4.47 -11.22 -19.58
N GLY A 100 4.67 -10.97 -18.30
CA GLY A 100 3.73 -10.20 -17.50
C GLY A 100 4.42 -9.04 -16.79
N SER A 101 4.07 -8.83 -15.52
CA SER A 101 4.63 -7.74 -14.74
C SER A 101 4.79 -8.14 -13.28
N SER A 102 5.35 -7.23 -12.48
CA SER A 102 5.48 -7.46 -11.05
C SER A 102 5.35 -6.16 -10.27
N VAL A 103 4.86 -6.25 -9.04
CA VAL A 103 4.72 -5.09 -8.17
C VAL A 103 5.55 -5.24 -6.90
N ASN A 104 6.59 -4.43 -6.78
CA ASN A 104 7.39 -4.38 -5.56
C ASN A 104 6.83 -3.37 -4.57
N LEU A 105 6.18 -3.86 -3.53
CA LEU A 105 5.55 -2.98 -2.54
C LEU A 105 6.41 -2.87 -1.28
N LYS A 106 7.08 -1.74 -1.13
CA LYS A 106 7.92 -1.49 0.03
C LYS A 106 7.38 -0.35 0.88
N THR A 107 7.35 -0.55 2.20
CA THR A 107 6.84 0.45 3.12
C THR A 107 7.61 0.43 4.43
N THR A 108 7.60 1.56 5.14
CA THR A 108 8.32 1.67 6.40
C THR A 108 7.63 2.67 7.32
N TRP A 109 7.70 2.42 8.63
CA TRP A 109 7.24 3.37 9.63
C TRP A 109 8.40 4.01 10.36
N THR A 110 8.50 5.34 10.27
CA THR A 110 9.57 6.08 10.92
C THR A 110 9.18 6.49 12.33
N GLY A 111 7.92 6.88 12.50
CA GLY A 111 7.43 7.31 13.80
C GLY A 111 7.39 6.15 14.79
N ALA A 112 7.63 6.45 16.06
CA ALA A 112 7.66 5.43 17.10
C ALA A 112 6.31 4.75 17.24
N GLY A 113 5.24 5.52 17.07
CA GLY A 113 3.89 4.98 17.13
C GLY A 113 3.67 3.89 16.08
N GLY A 114 4.17 4.14 14.87
CA GLY A 114 4.10 3.16 13.80
C GLY A 114 4.86 1.88 14.15
N VAL A 115 6.03 2.06 14.75
CA VAL A 115 6.84 0.93 15.22
C VAL A 115 6.11 0.14 16.29
N LYS A 116 5.51 0.85 17.23
CA LYS A 116 4.73 0.22 18.30
C LYS A 116 3.52 -0.52 17.74
N GLY A 117 3.02 -0.04 16.62
CA GLY A 117 1.92 -0.70 15.92
C GLY A 117 2.39 -1.97 15.22
N PHE A 118 3.57 -1.90 14.63
CA PHE A 118 4.09 -3.01 13.83
C PHE A 118 5.48 -3.42 14.32
N PHE A 119 5.53 -4.09 15.47
CA PHE A 119 6.77 -4.66 15.98
C PHE A 119 6.53 -6.01 16.63
N GLU A 120 7.48 -6.92 16.47
CA GLU A 120 7.24 -8.33 16.73
C GLU A 120 6.69 -8.56 18.14
N LYS A 121 6.97 -7.61 19.03
CA LYS A 121 6.49 -7.68 20.40
C LYS A 121 4.99 -7.98 20.44
N THR A 122 4.23 -7.26 19.62
CA THR A 122 2.78 -7.39 19.61
C THR A 122 2.27 -7.79 18.23
N PHE A 123 3.00 -7.38 17.20
CA PHE A 123 2.62 -7.69 15.83
C PHE A 123 3.72 -7.29 14.85
N ALA A 124 4.41 -8.30 14.31
CA ALA A 124 5.57 -8.06 13.46
C ALA A 124 5.15 -7.39 12.16
N PRO A 125 6.04 -6.56 11.62
CA PRO A 125 5.81 -5.92 10.33
C PRO A 125 5.81 -6.94 9.20
N LEU A 126 6.31 -8.13 9.49
CA LEU A 126 6.18 -9.26 8.57
C LEU A 126 4.74 -9.72 8.44
N GLY A 127 3.96 -9.50 9.50
CA GLY A 127 2.52 -9.72 9.45
C GLY A 127 1.85 -8.73 8.51
N LEU A 128 2.27 -7.47 8.58
CA LEU A 128 1.83 -6.47 7.62
C LEU A 128 2.22 -6.83 6.19
N ARG A 129 3.45 -7.33 6.04
CA ARG A 129 3.91 -7.83 4.75
C ARG A 129 2.93 -8.84 4.17
N ARG A 130 2.48 -9.76 5.02
CA ARG A 130 1.50 -10.77 4.60
C ARG A 130 0.18 -10.12 4.22
N ILE A 131 -0.22 -9.11 4.98
CA ILE A 131 -1.43 -8.35 4.68
C ILE A 131 -1.33 -7.69 3.31
N GLN A 132 -0.18 -7.11 3.02
CA GLN A 132 0.03 -6.42 1.75
C GLN A 132 0.07 -7.41 0.59
N ASP A 133 0.59 -8.61 0.85
CA ASP A 133 0.58 -9.68 -0.12
C ASP A 133 -0.85 -10.01 -0.57
N GLU A 134 -1.75 -10.13 0.41
CA GLU A 134 -3.15 -10.36 0.12
C GLU A 134 -3.72 -9.29 -0.81
N VAL A 135 -3.39 -8.03 -0.50
CA VAL A 135 -3.87 -6.91 -1.30
C VAL A 135 -3.33 -6.98 -2.72
N LEU A 136 -2.06 -7.32 -2.85
CA LEU A 136 -1.42 -7.42 -4.16
C LEU A 136 -1.98 -8.60 -4.96
N GLU A 137 -2.33 -9.66 -4.26
CA GLU A 137 -2.98 -10.81 -4.88
C GLU A 137 -4.37 -10.45 -5.38
N ASN A 138 -5.07 -9.63 -4.61
CA ASN A 138 -6.37 -9.10 -5.04
C ASN A 138 -6.21 -8.18 -6.25
N LEU A 139 -5.17 -7.35 -6.22
CA LEU A 139 -4.84 -6.51 -7.36
C LEU A 139 -4.56 -7.35 -8.61
N LYS A 140 -3.77 -8.40 -8.44
CA LYS A 140 -3.49 -9.33 -9.53
C LYS A 140 -4.78 -9.81 -10.17
N LYS A 141 -5.66 -10.38 -9.36
CA LYS A 141 -6.92 -10.92 -9.86
C LYS A 141 -7.81 -9.82 -10.45
N HIS A 142 -7.73 -8.63 -9.84
CA HIS A 142 -8.55 -7.51 -10.27
C HIS A 142 -8.26 -7.14 -11.73
N VAL A 143 -6.98 -6.99 -12.05
CA VAL A 143 -6.57 -6.53 -13.36
C VAL A 143 -6.46 -7.70 -14.34
N GLU A 144 -6.27 -8.90 -13.80
CA GLU A 144 -6.10 -10.09 -14.61
C GLU A 144 -7.44 -10.62 -15.13
N GLY A 145 -8.41 -10.74 -14.22
CA GLY A 145 -9.72 -11.26 -14.57
C GLY A 145 -10.74 -10.14 -14.70
N MET A 1 24.42 -3.47 7.72
CA MET A 1 23.25 -2.70 8.14
C MET A 1 21.99 -3.18 7.44
N GLY A 2 20.96 -3.50 8.22
CA GLY A 2 19.70 -3.97 7.67
C GLY A 2 18.70 -2.81 7.53
N GLN A 3 17.42 -3.15 7.41
CA GLN A 3 16.38 -2.15 7.27
C GLN A 3 15.03 -2.70 7.72
N VAL A 4 14.29 -1.89 8.48
CA VAL A 4 12.98 -2.30 8.99
C VAL A 4 11.86 -1.79 8.08
N SER A 5 11.40 -2.66 7.18
CA SER A 5 10.40 -2.28 6.19
C SER A 5 9.48 -3.45 5.86
N ALA A 6 8.26 -3.13 5.43
CA ALA A 6 7.31 -4.16 5.01
C ALA A 6 7.37 -4.36 3.49
N VAL A 7 7.92 -5.50 3.09
CA VAL A 7 8.18 -5.76 1.67
C VAL A 7 7.33 -6.92 1.16
N SER A 8 6.65 -6.70 0.04
CA SER A 8 5.87 -7.76 -0.60
C SER A 8 5.88 -7.61 -2.11
N THR A 9 6.28 -8.68 -2.80
CA THR A 9 6.32 -8.67 -4.25
C THR A 9 5.48 -9.80 -4.83
N VAL A 10 4.57 -9.44 -5.73
CA VAL A 10 3.67 -10.42 -6.35
C VAL A 10 3.72 -10.32 -7.86
N LEU A 11 3.83 -11.48 -8.52
CA LEU A 11 3.80 -11.54 -9.98
C LEU A 11 2.38 -11.45 -10.50
N ILE A 12 2.19 -10.68 -11.57
CA ILE A 12 0.85 -10.46 -12.12
C ILE A 12 0.82 -10.73 -13.62
N ASN A 13 -0.15 -11.53 -14.05
CA ASN A 13 -0.32 -11.83 -15.47
C ASN A 13 -1.09 -10.73 -16.18
N ALA A 14 -0.47 -9.56 -16.29
CA ALA A 14 -1.11 -8.42 -16.93
C ALA A 14 -0.08 -7.38 -17.37
N GLU A 15 -0.45 -6.58 -18.36
CA GLU A 15 0.44 -5.53 -18.86
C GLU A 15 0.86 -4.58 -17.75
N PRO A 16 2.16 -4.34 -17.64
CA PRO A 16 2.70 -3.46 -16.61
C PRO A 16 1.99 -2.11 -16.61
N ALA A 17 1.72 -1.60 -17.80
CA ALA A 17 1.04 -0.32 -17.95
C ALA A 17 -0.38 -0.37 -17.38
N ALA A 18 -1.07 -1.48 -17.61
CA ALA A 18 -2.40 -1.68 -17.08
C ALA A 18 -2.39 -1.75 -15.56
N VAL A 19 -1.37 -2.42 -15.02
CA VAL A 19 -1.20 -2.50 -13.58
C VAL A 19 -0.86 -1.15 -12.98
N LEU A 20 0.00 -0.40 -13.66
CA LEU A 20 0.36 0.94 -13.24
C LEU A 20 -0.88 1.82 -13.12
N ALA A 21 -1.76 1.76 -14.12
CA ALA A 21 -3.01 2.49 -14.10
C ALA A 21 -3.87 2.07 -12.91
N ALA A 22 -3.94 0.76 -12.67
CA ALA A 22 -4.68 0.23 -11.54
C ALA A 22 -4.14 0.75 -10.22
N ILE A 23 -2.82 0.87 -10.14
CA ILE A 23 -2.18 1.44 -8.96
C ILE A 23 -2.52 2.91 -8.80
N SER A 24 -2.41 3.66 -9.89
CA SER A 24 -2.60 5.10 -9.85
C SER A 24 -4.04 5.46 -9.50
N ASP A 25 -4.96 4.53 -9.76
CA ASP A 25 -6.35 4.70 -9.36
C ASP A 25 -6.58 4.24 -7.93
N TYR A 26 -6.85 5.19 -7.04
CA TYR A 26 -7.09 4.89 -5.64
C TYR A 26 -8.56 5.12 -5.27
N GLN A 27 -9.42 5.12 -6.28
CA GLN A 27 -10.79 5.56 -6.11
C GLN A 27 -11.78 4.45 -6.43
N THR A 28 -11.52 3.74 -7.52
CA THR A 28 -12.42 2.70 -7.99
C THR A 28 -11.77 1.32 -7.94
N VAL A 29 -10.44 1.30 -8.02
CA VAL A 29 -9.69 0.06 -8.04
C VAL A 29 -9.40 -0.44 -6.63
N ARG A 30 -8.70 0.38 -5.86
CA ARG A 30 -8.13 -0.07 -4.58
C ARG A 30 -9.22 -0.55 -3.63
N PRO A 31 -10.32 0.18 -3.58
CA PRO A 31 -11.43 -0.17 -2.71
C PRO A 31 -11.87 -1.61 -2.93
N LYS A 32 -11.75 -2.07 -4.16
CA LYS A 32 -12.26 -3.39 -4.55
C LYS A 32 -11.24 -4.48 -4.27
N ILE A 33 -10.00 -4.08 -4.02
CA ILE A 33 -8.92 -5.04 -3.83
C ILE A 33 -8.30 -4.88 -2.45
N LEU A 34 -9.05 -4.29 -1.53
CA LEU A 34 -8.54 -4.02 -0.19
C LEU A 34 -8.28 -5.32 0.57
N SER A 35 -7.23 -5.32 1.39
CA SER A 35 -7.01 -6.38 2.36
C SER A 35 -8.12 -6.41 3.40
N SER A 36 -8.29 -7.56 4.05
CA SER A 36 -9.35 -7.73 5.03
C SER A 36 -9.12 -6.85 6.26
N HIS A 37 -7.91 -6.31 6.36
CA HIS A 37 -7.55 -5.46 7.50
C HIS A 37 -8.03 -4.03 7.31
N TYR A 38 -8.42 -3.71 6.07
CA TYR A 38 -8.94 -2.38 5.76
C TYR A 38 -10.35 -2.20 6.30
N SER A 39 -10.64 -1.00 6.80
CA SER A 39 -11.99 -0.65 7.23
C SER A 39 -12.25 0.84 7.08
N GLY A 40 -13.30 1.18 6.35
CA GLY A 40 -13.74 2.56 6.23
C GLY A 40 -12.87 3.34 5.26
N TYR A 41 -12.34 2.64 4.25
CA TYR A 41 -11.54 3.29 3.21
C TYR A 41 -12.39 4.26 2.40
N GLN A 42 -11.92 5.50 2.28
CA GLN A 42 -12.61 6.52 1.50
C GLN A 42 -11.64 7.55 0.96
N VAL A 43 -11.96 8.10 -0.20
CA VAL A 43 -11.15 9.16 -0.81
C VAL A 43 -11.57 10.54 -0.33
N LEU A 44 -10.61 11.33 0.11
CA LEU A 44 -10.89 12.66 0.64
C LEU A 44 -10.68 13.73 -0.41
N GLU A 45 -9.70 13.51 -1.28
CA GLU A 45 -9.41 14.45 -2.37
C GLU A 45 -8.89 13.72 -3.60
N GLY A 46 -9.40 14.10 -4.76
CA GLY A 46 -8.96 13.52 -6.02
C GLY A 46 -9.46 12.09 -6.18
N GLY A 47 -8.54 11.14 -6.22
CA GLY A 47 -8.89 9.73 -6.33
C GLY A 47 -8.02 9.02 -7.37
N GLN A 48 -7.48 9.80 -8.30
CA GLN A 48 -6.61 9.26 -9.34
C GLN A 48 -5.39 10.14 -9.55
N GLY A 49 -4.21 9.55 -9.51
CA GLY A 49 -2.98 10.26 -9.82
C GLY A 49 -2.46 11.02 -8.62
N ALA A 50 -1.40 11.81 -8.84
CA ALA A 50 -0.78 12.57 -7.75
C ALA A 50 -1.72 13.62 -7.20
N GLY A 51 -1.66 13.82 -5.88
CA GLY A 51 -2.51 14.81 -5.23
C GLY A 51 -3.68 14.15 -4.51
N THR A 52 -3.91 12.88 -4.80
CA THR A 52 -5.00 12.12 -4.19
C THR A 52 -4.77 11.95 -2.69
N VAL A 53 -5.80 12.24 -1.90
CA VAL A 53 -5.74 12.03 -0.47
C VAL A 53 -6.88 11.14 0.00
N ALA A 54 -6.56 10.19 0.88
CA ALA A 54 -7.54 9.22 1.35
C ALA A 54 -7.26 8.82 2.79
N THR A 55 -8.23 8.13 3.40
CA THR A 55 -8.09 7.69 4.79
C THR A 55 -8.77 6.35 5.01
N TRP A 56 -8.27 5.58 5.97
CA TRP A 56 -8.76 4.24 6.24
C TRP A 56 -8.22 3.70 7.56
N LYS A 57 -8.87 2.65 8.06
CA LYS A 57 -8.37 1.95 9.24
C LYS A 57 -7.64 0.67 8.85
N LEU A 58 -6.54 0.39 9.55
CA LEU A 58 -5.81 -0.86 9.36
C LEU A 58 -5.87 -1.72 10.62
N GLN A 59 -6.83 -2.63 10.66
CA GLN A 59 -6.99 -3.52 11.79
C GLN A 59 -6.09 -4.74 11.67
N ALA A 60 -4.78 -4.52 11.83
CA ALA A 60 -3.80 -5.59 11.70
C ALA A 60 -4.08 -6.72 12.68
N THR A 61 -4.45 -6.34 13.91
CA THR A 61 -4.92 -7.31 14.89
C THR A 61 -6.22 -6.85 15.54
N LYS A 62 -6.74 -7.66 16.46
CA LYS A 62 -7.99 -7.36 17.15
C LYS A 62 -7.96 -5.94 17.72
N SER A 63 -6.89 -5.62 18.44
CA SER A 63 -6.78 -4.34 19.13
C SER A 63 -5.99 -3.34 18.31
N ARG A 64 -5.09 -3.84 17.46
CA ARG A 64 -4.21 -2.99 16.67
C ARG A 64 -4.94 -2.45 15.44
N VAL A 65 -5.61 -1.32 15.61
CA VAL A 65 -6.30 -0.66 14.50
C VAL A 65 -6.24 0.85 14.65
N ARG A 66 -5.89 1.53 13.56
CA ARG A 66 -5.75 2.98 13.56
C ARG A 66 -6.26 3.58 12.26
N ASP A 67 -6.97 4.71 12.36
CA ASP A 67 -7.43 5.44 11.18
C ASP A 67 -6.36 6.41 10.70
N VAL A 68 -5.79 6.13 9.53
CA VAL A 68 -4.64 6.88 9.04
C VAL A 68 -4.96 7.55 7.72
N LYS A 69 -4.28 8.66 7.44
CA LYS A 69 -4.40 9.35 6.16
C LYS A 69 -3.15 9.22 5.33
N ALA A 70 -3.29 9.38 4.02
CA ALA A 70 -2.16 9.25 3.10
C ALA A 70 -2.33 10.16 1.89
N THR A 71 -1.21 10.57 1.30
CA THR A 71 -1.23 11.39 0.10
C THR A 71 -0.45 10.73 -1.04
N VAL A 72 -1.02 10.76 -2.23
CA VAL A 72 -0.45 10.06 -3.37
C VAL A 72 0.45 10.98 -4.19
N ASP A 73 1.62 10.48 -4.57
CA ASP A 73 2.50 11.19 -5.49
C ASP A 73 3.07 10.25 -6.54
N VAL A 74 2.40 10.19 -7.69
CA VAL A 74 2.83 9.31 -8.78
C VAL A 74 4.13 9.79 -9.39
N ALA A 75 5.10 8.89 -9.46
CA ALA A 75 6.40 9.20 -10.06
C ALA A 75 6.79 8.18 -11.11
N GLY A 76 6.10 8.22 -12.25
CA GLY A 76 6.43 7.37 -13.39
C GLY A 76 5.88 5.97 -13.21
N HIS A 77 6.77 5.02 -12.93
CA HIS A 77 6.37 3.64 -12.73
C HIS A 77 6.36 3.27 -11.26
N THR A 78 6.73 4.24 -10.41
CA THR A 78 6.62 4.07 -8.97
C THR A 78 5.75 5.16 -8.36
N VAL A 79 4.66 4.75 -7.72
CA VAL A 79 3.77 5.71 -7.06
C VAL A 79 4.07 5.79 -5.57
N ILE A 80 4.30 7.02 -5.08
CA ILE A 80 4.70 7.23 -3.71
C ILE A 80 3.49 7.47 -2.80
N GLU A 81 3.34 6.62 -1.79
CA GLU A 81 2.25 6.77 -0.84
C GLU A 81 2.76 7.21 0.53
N LYS A 82 2.56 8.48 0.85
CA LYS A 82 3.08 9.07 2.08
C LYS A 82 2.01 9.15 3.15
N ASP A 83 2.39 8.84 4.39
CA ASP A 83 1.47 8.93 5.51
C ASP A 83 1.33 10.37 6.00
N ALA A 84 0.12 10.90 5.93
CA ALA A 84 -0.12 12.30 6.24
C ALA A 84 0.10 12.58 7.72
N ASN A 85 -0.02 11.55 8.54
CA ASN A 85 -0.02 11.71 9.99
C ASN A 85 1.25 11.13 10.61
N SER A 86 2.20 10.75 9.76
CA SER A 86 3.44 10.13 10.22
C SER A 86 4.49 10.14 9.12
N SER A 87 5.75 10.08 9.52
CA SER A 87 6.87 10.16 8.58
C SER A 87 7.13 8.83 7.90
N LEU A 88 6.13 8.33 7.19
CA LEU A 88 6.23 7.03 6.53
C LEU A 88 6.10 7.18 5.01
N VAL A 89 6.83 6.35 4.27
CA VAL A 89 6.73 6.33 2.82
C VAL A 89 6.60 4.91 2.28
N SER A 90 5.55 4.67 1.51
CA SER A 90 5.34 3.38 0.88
C SER A 90 5.51 3.47 -0.64
N ASN A 91 6.25 2.52 -1.20
CA ASN A 91 6.51 2.51 -2.63
C ASN A 91 5.56 1.57 -3.37
N TRP A 92 5.01 2.05 -4.47
CA TRP A 92 4.25 1.20 -5.38
C TRP A 92 4.95 1.06 -6.72
N THR A 93 5.87 0.11 -6.81
CA THR A 93 6.68 -0.07 -8.01
C THR A 93 6.15 -1.21 -8.87
N VAL A 94 5.91 -0.92 -10.14
CA VAL A 94 5.52 -1.95 -11.11
C VAL A 94 6.58 -2.11 -12.18
N ALA A 95 6.85 -3.36 -12.56
CA ALA A 95 7.91 -3.66 -13.50
C ALA A 95 7.51 -4.79 -14.43
N PRO A 96 8.05 -4.78 -15.65
CA PRO A 96 7.77 -5.81 -16.63
C PRO A 96 8.51 -7.09 -16.31
N ALA A 97 7.97 -7.86 -15.37
CA ALA A 97 8.55 -9.14 -14.98
C ALA A 97 8.45 -10.15 -16.11
N GLY A 98 9.45 -10.15 -16.99
CA GLY A 98 9.52 -11.14 -18.06
C GLY A 98 8.46 -10.87 -19.13
N THR A 99 7.51 -11.79 -19.26
CA THR A 99 6.45 -11.66 -20.26
C THR A 99 5.21 -11.01 -19.64
N GLY A 100 5.24 -10.81 -18.33
CA GLY A 100 4.11 -10.23 -17.62
C GLY A 100 4.53 -9.00 -16.83
N SER A 101 4.04 -8.88 -15.60
CA SER A 101 4.36 -7.76 -14.74
C SER A 101 4.51 -8.19 -13.29
N SER A 102 4.97 -7.27 -12.45
CA SER A 102 5.03 -7.51 -11.01
C SER A 102 4.94 -6.20 -10.24
N VAL A 103 4.47 -6.29 -8.99
CA VAL A 103 4.41 -5.12 -8.12
C VAL A 103 5.21 -5.33 -6.85
N ASN A 104 6.09 -4.40 -6.54
CA ASN A 104 6.91 -4.47 -5.33
C ASN A 104 6.53 -3.36 -4.36
N LEU A 105 5.89 -3.75 -3.25
CA LEU A 105 5.53 -2.80 -2.21
C LEU A 105 6.57 -2.77 -1.10
N LYS A 106 6.87 -1.57 -0.61
CA LYS A 106 7.85 -1.40 0.46
C LYS A 106 7.51 -0.20 1.33
N THR A 107 7.17 -0.46 2.58
CA THR A 107 6.87 0.60 3.53
C THR A 107 8.07 0.90 4.42
N THR A 108 8.52 2.15 4.39
CA THR A 108 9.70 2.55 5.17
C THR A 108 9.37 3.75 6.06
N TRP A 109 10.38 4.23 6.78
CA TRP A 109 10.20 5.34 7.71
C TRP A 109 11.17 6.46 7.41
N THR A 110 10.90 7.65 7.97
CA THR A 110 11.85 8.76 7.92
C THR A 110 12.06 9.35 9.31
N GLY A 111 13.33 9.52 9.68
CA GLY A 111 13.68 10.05 11.00
C GLY A 111 14.29 8.97 11.88
N ALA A 112 15.19 9.39 12.77
CA ALA A 112 15.94 8.44 13.59
C ALA A 112 15.01 7.63 14.49
N GLY A 113 13.95 8.28 14.96
CA GLY A 113 13.02 7.64 15.89
C GLY A 113 11.75 7.19 15.19
N GLY A 114 11.76 7.26 13.86
CA GLY A 114 10.58 6.91 13.07
C GLY A 114 10.26 5.43 13.17
N VAL A 115 11.31 4.60 13.14
CA VAL A 115 11.15 3.16 13.28
C VAL A 115 10.70 2.78 14.69
N LYS A 116 11.09 3.62 15.66
CA LYS A 116 10.78 3.34 17.06
C LYS A 116 9.36 3.76 17.41
N GLY A 117 8.90 4.83 16.75
CA GLY A 117 7.57 5.38 17.04
C GLY A 117 6.50 4.69 16.22
N PHE A 118 6.93 3.86 15.27
CA PHE A 118 6.00 3.14 14.40
C PHE A 118 6.26 1.64 14.44
N PHE A 119 7.25 1.20 13.66
CA PHE A 119 7.45 -0.22 13.40
C PHE A 119 7.61 -1.00 14.69
N GLU A 120 8.30 -0.41 15.66
CA GLU A 120 8.58 -1.08 16.92
C GLU A 120 7.47 -0.82 17.94
N LYS A 121 6.65 0.19 17.67
CA LYS A 121 5.62 0.60 18.61
C LYS A 121 4.28 -0.05 18.29
N THR A 122 3.80 0.17 17.07
CA THR A 122 2.48 -0.29 16.67
C THR A 122 2.57 -1.36 15.59
N PHE A 123 2.51 -0.92 14.33
CA PHE A 123 2.41 -1.83 13.20
C PHE A 123 3.79 -2.35 12.80
N ALA A 124 4.03 -3.64 13.05
CA ALA A 124 5.28 -4.27 12.66
C ALA A 124 5.29 -4.59 11.17
N PRO A 125 6.48 -4.68 10.60
CA PRO A 125 6.64 -5.00 9.19
C PRO A 125 5.88 -6.27 8.82
N LEU A 126 5.86 -7.23 9.75
CA LEU A 126 5.22 -8.52 9.49
C LEU A 126 3.73 -8.35 9.24
N GLY A 127 3.06 -7.65 10.13
CA GLY A 127 1.62 -7.42 10.00
C GLY A 127 1.31 -6.59 8.76
N LEU A 128 2.15 -5.59 8.50
CA LEU A 128 1.98 -4.72 7.34
C LEU A 128 2.20 -5.50 6.04
N ARG A 129 3.15 -6.43 6.06
CA ARG A 129 3.41 -7.28 4.91
C ARG A 129 2.20 -8.15 4.58
N ARG A 130 1.58 -8.71 5.61
CA ARG A 130 0.36 -9.48 5.43
C ARG A 130 -0.73 -8.66 4.76
N ILE A 131 -0.88 -7.41 5.20
CA ILE A 131 -1.80 -6.47 4.56
C ILE A 131 -1.47 -6.29 3.09
N GLN A 132 -0.19 -6.09 2.79
CA GLN A 132 0.26 -5.91 1.42
C GLN A 132 -0.04 -7.15 0.57
N ASP A 133 0.15 -8.32 1.16
CA ASP A 133 -0.05 -9.58 0.45
C ASP A 133 -1.47 -9.68 -0.10
N GLU A 134 -2.45 -9.40 0.76
CA GLU A 134 -3.85 -9.55 0.39
C GLU A 134 -4.26 -8.51 -0.65
N VAL A 135 -3.70 -7.31 -0.52
CA VAL A 135 -3.94 -6.25 -1.50
C VAL A 135 -3.42 -6.63 -2.88
N LEU A 136 -2.18 -7.13 -2.92
CA LEU A 136 -1.54 -7.47 -4.18
C LEU A 136 -2.19 -8.71 -4.80
N GLU A 137 -2.64 -9.63 -3.95
CA GLU A 137 -3.39 -10.79 -4.41
C GLU A 137 -4.64 -10.37 -5.17
N ASN A 138 -5.43 -9.48 -4.56
CA ASN A 138 -6.66 -8.99 -5.18
C ASN A 138 -6.36 -8.12 -6.39
N LEU A 139 -5.27 -7.36 -6.31
CA LEU A 139 -4.81 -6.56 -7.43
C LEU A 139 -4.51 -7.43 -8.65
N LYS A 140 -3.73 -8.48 -8.44
CA LYS A 140 -3.47 -9.46 -9.50
C LYS A 140 -4.77 -9.94 -10.13
N LYS A 141 -5.69 -10.42 -9.30
CA LYS A 141 -6.95 -10.95 -9.78
C LYS A 141 -7.77 -9.88 -10.49
N HIS A 142 -7.67 -8.65 -10.00
CA HIS A 142 -8.44 -7.54 -10.54
C HIS A 142 -8.06 -7.28 -12.00
N VAL A 143 -6.78 -7.15 -12.27
CA VAL A 143 -6.29 -6.77 -13.59
C VAL A 143 -6.18 -8.00 -14.49
N GLU A 144 -6.05 -9.17 -13.87
CA GLU A 144 -5.90 -10.42 -14.62
C GLU A 144 -7.24 -10.92 -15.14
N GLY A 145 -8.23 -10.97 -14.26
CA GLY A 145 -9.55 -11.47 -14.61
C GLY A 145 -10.51 -10.32 -14.93
N MET A 1 17.61 -1.42 16.60
CA MET A 1 16.30 -1.19 15.99
C MET A 1 16.23 0.19 15.34
N GLY A 2 16.69 0.27 14.10
CA GLY A 2 16.70 1.52 13.37
C GLY A 2 15.58 1.58 12.34
N GLN A 3 15.92 1.99 11.13
CA GLN A 3 14.94 2.08 10.04
C GLN A 3 14.43 0.71 9.65
N VAL A 4 13.12 0.58 9.46
CA VAL A 4 12.51 -0.69 9.11
C VAL A 4 11.70 -0.56 7.83
N SER A 5 11.36 -1.70 7.23
CA SER A 5 10.51 -1.73 6.05
C SER A 5 9.81 -3.08 5.90
N ALA A 6 8.66 -3.07 5.24
CA ALA A 6 7.96 -4.30 4.92
C ALA A 6 7.73 -4.44 3.42
N VAL A 7 8.55 -5.25 2.76
CA VAL A 7 8.58 -5.30 1.31
C VAL A 7 8.12 -6.66 0.80
N SER A 8 7.32 -6.66 -0.26
CA SER A 8 6.92 -7.88 -0.94
C SER A 8 6.71 -7.65 -2.42
N THR A 9 7.17 -8.60 -3.24
CA THR A 9 7.05 -8.49 -4.68
C THR A 9 6.13 -9.57 -5.23
N VAL A 10 5.14 -9.16 -6.01
CA VAL A 10 4.17 -10.09 -6.59
C VAL A 10 4.12 -9.95 -8.11
N LEU A 11 4.21 -11.07 -8.80
CA LEU A 11 4.11 -11.09 -10.25
C LEU A 11 2.64 -11.05 -10.70
N ILE A 12 2.36 -10.24 -11.71
CA ILE A 12 1.00 -10.09 -12.20
C ILE A 12 0.94 -10.27 -13.71
N ASN A 13 -0.02 -11.07 -14.17
CA ASN A 13 -0.21 -11.30 -15.60
C ASN A 13 -0.98 -10.16 -16.24
N ALA A 14 -0.36 -8.98 -16.29
CA ALA A 14 -1.00 -7.80 -16.85
C ALA A 14 0.03 -6.73 -17.20
N GLU A 15 -0.28 -5.92 -18.21
CA GLU A 15 0.64 -4.89 -18.66
C GLU A 15 1.02 -3.95 -17.52
N PRO A 16 2.32 -3.71 -17.38
CA PRO A 16 2.82 -2.85 -16.31
C PRO A 16 2.11 -1.51 -16.29
N ALA A 17 1.85 -0.96 -17.48
CA ALA A 17 1.16 0.32 -17.59
C ALA A 17 -0.26 0.23 -17.07
N ALA A 18 -0.94 -0.86 -17.39
CA ALA A 18 -2.30 -1.08 -16.91
C ALA A 18 -2.31 -1.28 -15.39
N VAL A 19 -1.33 -2.00 -14.88
CA VAL A 19 -1.20 -2.20 -13.43
C VAL A 19 -0.88 -0.89 -12.72
N LEU A 20 0.00 -0.10 -13.32
CA LEU A 20 0.32 1.22 -12.80
C LEU A 20 -0.92 2.07 -12.63
N ALA A 21 -1.75 2.12 -13.67
CA ALA A 21 -3.01 2.84 -13.61
C ALA A 21 -3.93 2.26 -12.55
N ALA A 22 -3.97 0.94 -12.46
CA ALA A 22 -4.77 0.25 -11.46
C ALA A 22 -4.36 0.65 -10.05
N ILE A 23 -3.05 0.78 -9.85
CA ILE A 23 -2.52 1.23 -8.57
C ILE A 23 -2.92 2.66 -8.27
N SER A 24 -2.86 3.51 -9.29
CA SER A 24 -3.16 4.92 -9.13
C SER A 24 -4.67 5.19 -9.11
N ASP A 25 -5.43 4.15 -9.44
CA ASP A 25 -6.89 4.23 -9.37
C ASP A 25 -7.40 3.91 -7.97
N TYR A 26 -7.71 4.95 -7.20
CA TYR A 26 -8.10 4.79 -5.81
C TYR A 26 -9.62 4.83 -5.65
N GLN A 27 -10.33 4.54 -6.73
CA GLN A 27 -11.78 4.70 -6.76
C GLN A 27 -12.46 3.37 -7.08
N THR A 28 -11.94 2.67 -8.09
CA THR A 28 -12.62 1.49 -8.62
C THR A 28 -11.77 0.24 -8.42
N VAL A 29 -10.48 0.43 -8.19
CA VAL A 29 -9.55 -0.67 -8.07
C VAL A 29 -9.09 -0.87 -6.63
N ARG A 30 -8.40 0.14 -6.09
CA ARG A 30 -7.67 -0.03 -4.85
C ARG A 30 -8.59 -0.38 -3.70
N PRO A 31 -9.75 0.28 -3.64
CA PRO A 31 -10.69 0.08 -2.55
C PRO A 31 -11.59 -1.12 -2.83
N LYS A 32 -11.29 -1.86 -3.88
CA LYS A 32 -11.99 -3.10 -4.19
C LYS A 32 -11.07 -4.30 -4.02
N ILE A 33 -9.81 -4.04 -3.67
CA ILE A 33 -8.83 -5.10 -3.49
C ILE A 33 -8.30 -5.11 -2.05
N LEU A 34 -9.00 -4.42 -1.17
CA LEU A 34 -8.58 -4.31 0.22
C LEU A 34 -8.99 -5.54 1.02
N SER A 35 -8.21 -5.87 2.04
CA SER A 35 -8.51 -7.00 2.90
C SER A 35 -9.51 -6.63 3.98
N SER A 36 -9.84 -7.59 4.84
CA SER A 36 -10.83 -7.36 5.89
C SER A 36 -10.26 -6.48 7.00
N HIS A 37 -8.97 -6.19 6.91
CA HIS A 37 -8.32 -5.32 7.87
C HIS A 37 -8.61 -3.85 7.59
N TYR A 38 -9.13 -3.58 6.41
CA TYR A 38 -9.42 -2.21 5.99
C TYR A 38 -10.87 -1.85 6.26
N SER A 39 -11.09 -0.64 6.77
CA SER A 39 -12.44 -0.14 7.02
C SER A 39 -12.46 1.38 7.07
N GLY A 40 -13.56 1.96 6.60
CA GLY A 40 -13.76 3.41 6.67
C GLY A 40 -12.95 4.12 5.60
N TYR A 41 -12.77 3.47 4.45
CA TYR A 41 -12.02 4.04 3.35
C TYR A 41 -12.77 5.20 2.72
N GLN A 42 -12.05 6.29 2.45
CA GLN A 42 -12.63 7.45 1.76
C GLN A 42 -11.55 8.24 1.05
N VAL A 43 -11.85 8.66 -0.19
CA VAL A 43 -10.97 9.55 -0.93
C VAL A 43 -11.25 11.01 -0.60
N LEU A 44 -10.24 11.69 -0.06
CA LEU A 44 -10.41 13.08 0.36
C LEU A 44 -10.14 14.04 -0.79
N GLU A 45 -9.27 13.63 -1.71
CA GLU A 45 -8.96 14.43 -2.88
C GLU A 45 -8.62 13.55 -4.08
N GLY A 46 -9.19 13.89 -5.24
CA GLY A 46 -8.85 13.21 -6.48
C GLY A 46 -9.36 11.79 -6.50
N GLY A 47 -8.44 10.83 -6.51
CA GLY A 47 -8.80 9.42 -6.54
C GLY A 47 -8.21 8.73 -7.77
N GLN A 48 -7.63 9.53 -8.66
CA GLN A 48 -7.02 8.99 -9.89
C GLN A 48 -5.74 9.74 -10.23
N GLY A 49 -4.60 9.17 -9.85
CA GLY A 49 -3.31 9.72 -10.24
C GLY A 49 -2.72 10.59 -9.14
N ALA A 50 -1.67 11.32 -9.47
CA ALA A 50 -0.95 12.13 -8.49
C ALA A 50 -1.81 13.24 -7.94
N GLY A 51 -1.64 13.55 -6.66
CA GLY A 51 -2.44 14.58 -6.00
C GLY A 51 -3.57 13.97 -5.19
N THR A 52 -3.82 12.68 -5.41
CA THR A 52 -4.86 11.97 -4.69
C THR A 52 -4.54 11.89 -3.20
N VAL A 53 -5.54 12.15 -2.37
CA VAL A 53 -5.43 11.92 -0.93
C VAL A 53 -6.51 10.96 -0.43
N ALA A 54 -6.08 9.86 0.16
CA ALA A 54 -7.00 8.85 0.66
C ALA A 54 -6.82 8.62 2.16
N THR A 55 -7.89 8.18 2.82
CA THR A 55 -7.83 7.90 4.24
C THR A 55 -8.63 6.64 4.58
N TRP A 56 -8.14 5.88 5.55
CA TRP A 56 -8.86 4.70 6.04
C TRP A 56 -8.33 4.27 7.40
N LYS A 57 -9.06 3.35 8.04
CA LYS A 57 -8.59 2.73 9.27
C LYS A 57 -8.09 1.32 9.02
N LEU A 58 -6.95 0.97 9.59
CA LEU A 58 -6.39 -0.36 9.47
C LEU A 58 -6.45 -1.11 10.80
N GLN A 59 -7.12 -2.25 10.81
CA GLN A 59 -7.34 -3.01 12.03
C GLN A 59 -6.61 -4.34 12.00
N ALA A 60 -5.34 -4.32 12.40
CA ALA A 60 -4.55 -5.54 12.49
C ALA A 60 -5.17 -6.52 13.48
N THR A 61 -5.67 -6.00 14.60
CA THR A 61 -6.43 -6.79 15.55
C THR A 61 -7.34 -5.92 16.40
N LYS A 62 -7.94 -6.51 17.43
CA LYS A 62 -8.99 -5.86 18.19
C LYS A 62 -8.48 -4.58 18.86
N SER A 63 -7.24 -4.63 19.33
CA SER A 63 -6.67 -3.52 20.08
C SER A 63 -5.61 -2.78 19.26
N ARG A 64 -5.65 -2.99 17.94
CA ARG A 64 -4.72 -2.33 17.04
C ARG A 64 -5.45 -1.73 15.85
N VAL A 65 -5.88 -0.48 15.99
CA VAL A 65 -6.48 0.26 14.87
C VAL A 65 -5.71 1.54 14.60
N ARG A 66 -5.29 1.71 13.34
CA ARG A 66 -4.46 2.86 12.97
C ARG A 66 -5.15 3.71 11.91
N ASP A 67 -5.11 5.02 12.09
CA ASP A 67 -5.60 5.96 11.09
C ASP A 67 -4.54 6.22 10.02
N VAL A 68 -4.75 5.66 8.84
CA VAL A 68 -3.74 5.69 7.79
C VAL A 68 -4.11 6.67 6.69
N LYS A 69 -3.21 7.60 6.40
CA LYS A 69 -3.37 8.50 5.28
C LYS A 69 -2.49 8.09 4.10
N ALA A 70 -2.86 8.54 2.91
CA ALA A 70 -2.10 8.23 1.70
C ALA A 70 -2.08 9.40 0.74
N THR A 71 -1.07 10.26 0.89
CA THR A 71 -0.80 11.30 -0.09
C THR A 71 -0.07 10.74 -1.30
N VAL A 72 -0.73 10.80 -2.46
CA VAL A 72 -0.30 10.04 -3.62
C VAL A 72 0.60 10.88 -4.52
N ASP A 73 1.82 10.38 -4.75
CA ASP A 73 2.74 11.01 -5.70
C ASP A 73 3.16 10.04 -6.78
N VAL A 74 2.51 10.13 -7.94
CA VAL A 74 2.80 9.23 -9.05
C VAL A 74 3.92 9.79 -9.93
N ALA A 75 5.01 9.03 -10.06
CA ALA A 75 6.13 9.45 -10.88
C ALA A 75 6.79 8.24 -11.55
N GLY A 76 6.91 8.30 -12.87
CA GLY A 76 7.48 7.20 -13.64
C GLY A 76 6.58 5.97 -13.58
N HIS A 77 7.05 4.93 -12.90
CA HIS A 77 6.26 3.72 -12.69
C HIS A 77 6.13 3.40 -11.21
N THR A 78 6.34 4.41 -10.37
CA THR A 78 6.20 4.25 -8.92
C THR A 78 5.13 5.17 -8.36
N VAL A 79 4.21 4.60 -7.58
CA VAL A 79 3.22 5.39 -6.87
C VAL A 79 3.54 5.47 -5.38
N ILE A 80 3.82 6.68 -4.91
CA ILE A 80 4.26 6.87 -3.53
C ILE A 80 3.11 7.32 -2.64
N GLU A 81 2.92 6.61 -1.53
CA GLU A 81 1.87 6.94 -0.57
C GLU A 81 2.48 7.42 0.75
N LYS A 82 2.35 8.71 1.01
CA LYS A 82 2.92 9.31 2.22
C LYS A 82 1.87 9.49 3.30
N ASP A 83 2.14 8.95 4.49
CA ASP A 83 1.25 9.13 5.62
C ASP A 83 1.49 10.48 6.30
N ALA A 84 0.42 11.21 6.56
CA ALA A 84 0.52 12.54 7.17
C ALA A 84 0.51 12.45 8.68
N ASN A 85 0.07 11.29 9.20
CA ASN A 85 -0.08 11.11 10.64
C ASN A 85 1.22 10.66 11.28
N SER A 86 2.00 9.88 10.54
CA SER A 86 3.25 9.32 11.05
C SER A 86 4.29 9.17 9.95
N SER A 87 5.48 8.72 10.32
CA SER A 87 6.59 8.61 9.38
C SER A 87 6.52 7.29 8.62
N LEU A 88 5.50 7.15 7.77
CA LEU A 88 5.33 5.93 7.00
C LEU A 88 5.10 6.24 5.53
N VAL A 89 5.87 5.59 4.66
CA VAL A 89 5.73 5.78 3.22
C VAL A 89 5.71 4.44 2.49
N SER A 90 4.69 4.24 1.68
CA SER A 90 4.55 3.02 0.90
C SER A 90 4.86 3.26 -0.57
N ASN A 91 5.79 2.50 -1.12
CA ASN A 91 6.17 2.61 -2.52
C ASN A 91 5.53 1.51 -3.36
N TRP A 92 4.86 1.89 -4.43
CA TRP A 92 4.28 0.93 -5.36
C TRP A 92 4.99 0.98 -6.72
N THR A 93 6.07 0.21 -6.83
CA THR A 93 6.86 0.19 -8.06
C THR A 93 6.47 -0.99 -8.95
N VAL A 94 6.03 -0.69 -10.16
CA VAL A 94 5.67 -1.73 -11.11
C VAL A 94 6.58 -1.70 -12.33
N ALA A 95 7.00 -2.88 -12.78
CA ALA A 95 7.92 -2.99 -13.91
C ALA A 95 7.64 -4.24 -14.73
N PRO A 96 8.03 -4.21 -16.00
CA PRO A 96 7.85 -5.35 -16.88
C PRO A 96 8.50 -6.61 -16.30
N ALA A 97 7.82 -7.74 -16.46
CA ALA A 97 8.35 -9.02 -16.00
C ALA A 97 8.01 -10.14 -16.98
N GLY A 98 8.81 -10.25 -18.04
CA GLY A 98 8.61 -11.29 -19.04
C GLY A 98 7.50 -10.90 -20.01
N THR A 99 6.33 -11.51 -19.85
CA THR A 99 5.17 -11.14 -20.64
C THR A 99 4.11 -10.46 -19.79
N GLY A 100 4.43 -10.26 -18.51
CA GLY A 100 3.51 -9.60 -17.59
C GLY A 100 4.19 -8.45 -16.86
N SER A 101 3.92 -8.34 -15.56
CA SER A 101 4.46 -7.24 -14.77
C SER A 101 4.84 -7.70 -13.37
N SER A 102 5.56 -6.85 -12.65
CA SER A 102 5.96 -7.16 -11.28
C SER A 102 5.84 -5.94 -10.38
N VAL A 103 5.11 -6.08 -9.28
CA VAL A 103 4.88 -4.98 -8.36
C VAL A 103 5.69 -5.14 -7.07
N ASN A 104 6.59 -4.20 -6.82
CA ASN A 104 7.36 -4.19 -5.58
C ASN A 104 6.77 -3.22 -4.57
N LEU A 105 6.11 -3.76 -3.55
CA LEU A 105 5.46 -2.94 -2.54
C LEU A 105 6.31 -2.85 -1.28
N LYS A 106 6.97 -1.70 -1.11
CA LYS A 106 7.88 -1.50 0.02
C LYS A 106 7.37 -0.40 0.95
N THR A 107 6.86 -0.79 2.10
CA THR A 107 6.42 0.16 3.11
C THR A 107 7.50 0.43 4.15
N THR A 108 7.94 1.68 4.23
CA THR A 108 8.99 2.07 5.16
C THR A 108 8.42 2.78 6.37
N TRP A 109 9.15 2.73 7.48
CA TRP A 109 8.71 3.36 8.72
C TRP A 109 9.89 3.78 9.58
N THR A 110 9.86 5.02 10.06
CA THR A 110 10.87 5.50 10.99
C THR A 110 10.23 6.10 12.24
N GLY A 111 11.06 6.42 13.22
CA GLY A 111 10.58 6.99 14.47
C GLY A 111 11.65 6.94 15.55
N ALA A 112 11.22 6.81 16.81
CA ALA A 112 12.14 6.71 17.93
C ALA A 112 13.01 5.47 17.82
N GLY A 113 12.43 4.39 17.31
CA GLY A 113 13.16 3.15 17.08
C GLY A 113 12.67 2.43 15.83
N GLY A 114 12.76 1.11 15.84
CA GLY A 114 12.25 0.30 14.74
C GLY A 114 10.99 -0.46 15.16
N VAL A 115 10.13 -0.74 14.20
CA VAL A 115 8.86 -1.40 14.47
C VAL A 115 9.07 -2.80 15.01
N LYS A 116 10.24 -3.36 14.75
CA LYS A 116 10.61 -4.66 15.31
C LYS A 116 10.82 -4.57 16.81
N GLY A 117 11.16 -3.38 17.29
CA GLY A 117 11.23 -3.12 18.73
C GLY A 117 9.85 -2.79 19.29
N PHE A 118 8.97 -2.30 18.42
CA PHE A 118 7.57 -2.10 18.79
C PHE A 118 6.70 -3.24 18.27
N PHE A 119 7.29 -4.43 18.16
CA PHE A 119 6.63 -5.55 17.52
C PHE A 119 5.28 -5.84 18.15
N GLU A 120 5.26 -5.88 19.49
CA GLU A 120 4.03 -6.16 20.22
C GLU A 120 3.34 -4.87 20.65
N LYS A 121 4.08 -3.77 20.61
CA LYS A 121 3.58 -2.49 21.11
C LYS A 121 2.65 -1.84 20.09
N THR A 122 2.91 -2.09 18.81
CA THR A 122 2.04 -1.61 17.74
C THR A 122 1.91 -2.64 16.62
N PHE A 123 1.52 -2.17 15.45
CA PHE A 123 1.39 -3.05 14.28
C PHE A 123 2.72 -3.73 13.97
N ALA A 124 2.72 -5.06 14.06
CA ALA A 124 3.92 -5.84 13.79
C ALA A 124 4.30 -5.79 12.32
N PRO A 125 5.60 -5.80 12.04
CA PRO A 125 6.09 -5.79 10.67
C PRO A 125 5.69 -7.07 9.93
N LEU A 126 5.53 -8.15 10.69
CA LEU A 126 5.12 -9.43 10.11
C LEU A 126 3.66 -9.38 9.66
N GLY A 127 2.78 -8.96 10.56
CA GLY A 127 1.36 -8.90 10.26
C GLY A 127 1.07 -7.87 9.18
N LEU A 128 1.73 -6.72 9.28
CA LEU A 128 1.52 -5.63 8.32
C LEU A 128 2.00 -6.02 6.94
N ARG A 129 3.15 -6.69 6.87
CA ARG A 129 3.67 -7.19 5.61
C ARG A 129 2.69 -8.14 4.94
N ARG A 130 2.08 -9.01 5.75
CA ARG A 130 1.03 -9.90 5.26
C ARG A 130 -0.14 -9.12 4.69
N ILE A 131 -0.58 -8.10 5.43
CA ILE A 131 -1.70 -7.27 5.01
C ILE A 131 -1.46 -6.67 3.63
N GLN A 132 -0.26 -6.14 3.43
CA GLN A 132 0.10 -5.53 2.16
C GLN A 132 0.21 -6.56 1.05
N ASP A 133 0.70 -7.74 1.41
CA ASP A 133 0.84 -8.84 0.45
C ASP A 133 -0.53 -9.32 -0.04
N GLU A 134 -1.48 -9.37 0.89
CA GLU A 134 -2.84 -9.82 0.55
C GLU A 134 -3.50 -8.86 -0.44
N VAL A 135 -3.24 -7.57 -0.27
CA VAL A 135 -3.74 -6.57 -1.21
C VAL A 135 -3.13 -6.75 -2.59
N LEU A 136 -1.84 -7.05 -2.62
CA LEU A 136 -1.15 -7.33 -3.89
C LEU A 136 -1.76 -8.53 -4.60
N GLU A 137 -2.14 -9.54 -3.83
CA GLU A 137 -2.78 -10.72 -4.38
C GLU A 137 -4.14 -10.39 -4.97
N ASN A 138 -4.89 -9.55 -4.27
CA ASN A 138 -6.18 -9.09 -4.76
C ASN A 138 -6.03 -8.23 -6.01
N LEU A 139 -4.99 -7.40 -6.03
CA LEU A 139 -4.66 -6.59 -7.20
C LEU A 139 -4.41 -7.47 -8.41
N LYS A 140 -3.55 -8.48 -8.24
CA LYS A 140 -3.27 -9.43 -9.30
C LYS A 140 -4.54 -10.00 -9.90
N LYS A 141 -5.39 -10.55 -9.04
CA LYS A 141 -6.63 -11.17 -9.50
C LYS A 141 -7.55 -10.16 -10.16
N HIS A 142 -7.56 -8.94 -9.63
CA HIS A 142 -8.44 -7.90 -10.13
C HIS A 142 -8.14 -7.57 -11.59
N VAL A 143 -6.87 -7.28 -11.87
CA VAL A 143 -6.46 -6.83 -13.20
C VAL A 143 -6.29 -8.01 -14.15
N GLU A 144 -6.02 -9.18 -13.59
CA GLU A 144 -5.81 -10.39 -14.38
C GLU A 144 -7.14 -10.96 -14.87
N GLY A 145 -8.07 -11.15 -13.94
CA GLY A 145 -9.37 -11.70 -14.26
C GLY A 145 -9.78 -12.79 -13.27
N MET A 1 20.12 1.58 8.21
CA MET A 1 19.85 1.09 9.55
C MET A 1 19.11 2.12 10.39
N GLY A 2 18.47 1.67 11.45
CA GLY A 2 17.72 2.56 12.33
C GLY A 2 16.32 2.82 11.79
N GLN A 3 15.85 1.93 10.93
CA GLN A 3 14.53 2.07 10.32
C GLN A 3 13.98 0.72 9.89
N VAL A 4 12.68 0.50 10.12
CA VAL A 4 12.06 -0.78 9.85
C VAL A 4 11.04 -0.66 8.72
N SER A 5 11.06 -1.63 7.81
CA SER A 5 10.15 -1.63 6.67
C SER A 5 9.70 -3.04 6.31
N ALA A 6 8.59 -3.14 5.58
CA ALA A 6 8.11 -4.43 5.09
C ALA A 6 8.09 -4.46 3.57
N VAL A 7 8.73 -5.48 3.00
CA VAL A 7 8.87 -5.58 1.55
C VAL A 7 8.35 -6.92 1.05
N SER A 8 7.54 -6.88 -0.01
CA SER A 8 7.06 -8.09 -0.66
C SER A 8 6.70 -7.83 -2.11
N THR A 9 7.01 -8.80 -2.97
CA THR A 9 6.74 -8.66 -4.40
C THR A 9 5.83 -9.78 -4.90
N VAL A 10 4.78 -9.40 -5.63
CA VAL A 10 3.85 -10.37 -6.21
C VAL A 10 3.73 -10.17 -7.71
N LEU A 11 3.75 -11.27 -8.44
CA LEU A 11 3.64 -11.24 -9.90
C LEU A 11 2.23 -10.90 -10.33
N ILE A 12 2.11 -10.01 -11.33
CA ILE A 12 0.82 -9.61 -11.85
C ILE A 12 0.66 -10.02 -13.31
N ASN A 13 -0.46 -10.66 -13.62
CA ASN A 13 -0.76 -11.04 -15.00
C ASN A 13 -1.33 -9.87 -15.79
N ALA A 14 -0.51 -8.85 -16.00
CA ALA A 14 -0.94 -7.65 -16.71
C ALA A 14 0.26 -6.78 -17.10
N GLU A 15 0.07 -5.95 -18.12
CA GLU A 15 1.10 -5.02 -18.54
C GLU A 15 1.48 -4.07 -17.41
N PRO A 16 2.77 -3.84 -17.25
CA PRO A 16 3.27 -2.95 -16.20
C PRO A 16 2.53 -1.61 -16.22
N ALA A 17 2.33 -1.07 -17.42
CA ALA A 17 1.62 0.20 -17.58
C ALA A 17 0.17 0.06 -17.16
N ALA A 18 -0.45 -1.07 -17.49
CA ALA A 18 -1.85 -1.29 -17.20
C ALA A 18 -2.11 -1.35 -15.70
N VAL A 19 -1.29 -2.13 -14.99
CA VAL A 19 -1.44 -2.30 -13.56
C VAL A 19 -1.00 -1.05 -12.80
N LEU A 20 -0.06 -0.31 -13.39
CA LEU A 20 0.36 0.96 -12.84
C LEU A 20 -0.78 1.98 -12.83
N ALA A 21 -1.50 2.03 -13.94
CA ALA A 21 -2.71 2.87 -14.02
C ALA A 21 -3.74 2.43 -12.98
N ALA A 22 -3.91 1.12 -12.84
CA ALA A 22 -4.81 0.58 -11.83
C ALA A 22 -4.39 0.99 -10.43
N ILE A 23 -3.09 0.97 -10.18
CA ILE A 23 -2.54 1.44 -8.91
C ILE A 23 -2.81 2.91 -8.70
N SER A 24 -2.60 3.71 -9.75
CA SER A 24 -2.76 5.15 -9.65
C SER A 24 -4.22 5.54 -9.45
N ASP A 25 -5.12 4.62 -9.76
CA ASP A 25 -6.53 4.81 -9.48
C ASP A 25 -6.89 4.36 -8.07
N TYR A 26 -7.04 5.33 -7.17
CA TYR A 26 -7.26 5.05 -5.77
C TYR A 26 -8.73 5.23 -5.39
N GLN A 27 -9.61 5.15 -6.38
CA GLN A 27 -11.03 5.41 -6.17
C GLN A 27 -11.86 4.19 -6.53
N THR A 28 -11.53 3.56 -7.66
CA THR A 28 -12.33 2.46 -8.18
C THR A 28 -11.57 1.14 -8.08
N VAL A 29 -10.25 1.23 -7.90
CA VAL A 29 -9.41 0.05 -7.86
C VAL A 29 -8.91 -0.23 -6.44
N ARG A 30 -8.28 0.77 -5.84
CA ARG A 30 -7.60 0.60 -4.56
C ARG A 30 -8.55 0.03 -3.51
N PRO A 31 -9.75 0.60 -3.44
CA PRO A 31 -10.72 0.22 -2.42
C PRO A 31 -11.49 -1.03 -2.83
N LYS A 32 -11.09 -1.63 -3.95
CA LYS A 32 -11.66 -2.88 -4.39
C LYS A 32 -10.65 -4.02 -4.30
N ILE A 33 -9.41 -3.66 -3.97
CA ILE A 33 -8.34 -4.65 -3.82
C ILE A 33 -7.82 -4.68 -2.39
N LEU A 34 -8.64 -4.23 -1.46
CA LEU A 34 -8.22 -4.09 -0.07
C LEU A 34 -8.09 -5.45 0.60
N SER A 35 -7.16 -5.55 1.55
CA SER A 35 -7.02 -6.75 2.37
C SER A 35 -8.05 -6.80 3.47
N SER A 36 -8.01 -7.86 4.27
CA SER A 36 -8.97 -8.04 5.36
C SER A 36 -8.66 -7.10 6.51
N HIS A 37 -7.55 -6.39 6.41
CA HIS A 37 -7.07 -5.55 7.50
C HIS A 37 -7.32 -4.07 7.21
N TYR A 38 -8.16 -3.81 6.21
CA TYR A 38 -8.60 -2.44 5.92
C TYR A 38 -9.99 -2.18 6.49
N SER A 39 -10.22 -0.96 6.94
CA SER A 39 -11.55 -0.55 7.40
C SER A 39 -11.78 0.94 7.16
N GLY A 40 -12.86 1.25 6.47
CA GLY A 40 -13.32 2.63 6.33
C GLY A 40 -12.42 3.41 5.38
N TYR A 41 -12.09 2.79 4.25
CA TYR A 41 -11.32 3.46 3.21
C TYR A 41 -12.20 4.43 2.42
N GLN A 42 -11.92 5.71 2.54
CA GLN A 42 -12.66 6.74 1.82
C GLN A 42 -11.74 7.65 1.04
N VAL A 43 -12.20 8.11 -0.12
CA VAL A 43 -11.47 9.09 -0.91
C VAL A 43 -11.89 10.51 -0.56
N LEU A 44 -10.92 11.35 -0.22
CA LEU A 44 -11.20 12.69 0.29
C LEU A 44 -11.03 13.74 -0.81
N GLU A 45 -10.07 13.50 -1.70
CA GLU A 45 -9.81 14.42 -2.80
C GLU A 45 -9.31 13.67 -4.03
N GLY A 46 -9.84 14.05 -5.20
CA GLY A 46 -9.41 13.46 -6.46
C GLY A 46 -9.91 12.04 -6.60
N GLY A 47 -8.99 11.11 -6.85
CA GLY A 47 -9.34 9.70 -6.99
C GLY A 47 -8.34 8.99 -7.90
N GLN A 48 -7.79 9.71 -8.86
CA GLN A 48 -6.79 9.16 -9.77
C GLN A 48 -5.59 10.09 -9.91
N GLY A 49 -4.39 9.51 -9.90
CA GLY A 49 -3.18 10.26 -10.20
C GLY A 49 -2.67 10.98 -8.96
N ALA A 50 -1.57 11.71 -9.13
CA ALA A 50 -0.96 12.44 -8.02
C ALA A 50 -1.87 13.54 -7.51
N GLY A 51 -1.89 13.72 -6.19
CA GLY A 51 -2.72 14.75 -5.57
C GLY A 51 -3.95 14.14 -4.91
N THR A 52 -4.26 12.90 -5.27
CA THR A 52 -5.39 12.19 -4.68
C THR A 52 -5.16 11.97 -3.19
N VAL A 53 -6.18 12.27 -2.39
CA VAL A 53 -6.11 12.09 -0.94
C VAL A 53 -7.16 11.10 -0.45
N ALA A 54 -6.75 10.18 0.41
CA ALA A 54 -7.65 9.18 0.95
C ALA A 54 -7.23 8.75 2.36
N THR A 55 -8.17 8.18 3.10
CA THR A 55 -7.92 7.79 4.47
C THR A 55 -8.53 6.42 4.78
N TRP A 56 -7.83 5.63 5.58
CA TRP A 56 -8.26 4.27 5.88
C TRP A 56 -7.60 3.74 7.15
N LYS A 57 -8.24 2.75 7.77
CA LYS A 57 -7.70 2.15 8.99
C LYS A 57 -7.02 0.82 8.69
N LEU A 58 -5.72 0.76 8.94
CA LEU A 58 -4.96 -0.48 8.78
C LEU A 58 -5.06 -1.34 10.02
N GLN A 59 -6.22 -1.96 10.24
CA GLN A 59 -6.45 -2.77 11.42
C GLN A 59 -5.86 -4.17 11.26
N ALA A 60 -4.57 -4.28 11.53
CA ALA A 60 -3.92 -5.59 11.59
C ALA A 60 -4.47 -6.43 12.74
N THR A 61 -4.63 -5.80 13.90
CA THR A 61 -5.37 -6.40 15.00
C THR A 61 -5.91 -5.34 15.95
N LYS A 62 -6.38 -5.78 17.11
CA LYS A 62 -6.97 -4.88 18.09
C LYS A 62 -6.02 -3.73 18.42
N SER A 63 -4.78 -4.07 18.76
CA SER A 63 -3.80 -3.07 19.19
C SER A 63 -3.11 -2.42 18.01
N ARG A 64 -3.17 -3.08 16.86
CA ARG A 64 -2.49 -2.60 15.66
C ARG A 64 -3.47 -2.03 14.66
N VAL A 65 -3.85 -0.76 14.86
CA VAL A 65 -4.76 -0.07 13.95
C VAL A 65 -4.50 1.43 13.96
N ARG A 66 -4.56 2.04 12.78
CA ARG A 66 -4.39 3.48 12.65
C ARG A 66 -5.09 4.01 11.41
N ASP A 67 -5.81 5.12 11.57
CA ASP A 67 -6.51 5.74 10.45
C ASP A 67 -5.53 6.50 9.56
N VAL A 68 -4.89 5.77 8.65
CA VAL A 68 -3.86 6.36 7.80
C VAL A 68 -4.45 7.28 6.74
N LYS A 69 -4.16 8.58 6.86
CA LYS A 69 -4.49 9.54 5.82
C LYS A 69 -3.28 9.90 4.98
N ALA A 70 -3.34 9.58 3.69
CA ALA A 70 -2.16 9.66 2.83
C ALA A 70 -2.48 10.39 1.54
N THR A 71 -1.46 11.01 0.94
CA THR A 71 -1.60 11.67 -0.35
C THR A 71 -0.81 10.94 -1.43
N VAL A 72 -1.42 10.77 -2.60
CA VAL A 72 -0.81 10.00 -3.67
C VAL A 72 0.26 10.80 -4.39
N ASP A 73 1.46 10.23 -4.49
CA ASP A 73 2.55 10.85 -5.22
C ASP A 73 3.04 9.95 -6.36
N VAL A 74 2.56 10.22 -7.56
CA VAL A 74 2.95 9.43 -8.73
C VAL A 74 4.19 9.99 -9.39
N ALA A 75 5.18 9.13 -9.60
CA ALA A 75 6.42 9.52 -10.27
C ALA A 75 7.07 8.34 -10.97
N GLY A 76 7.17 8.41 -12.29
CA GLY A 76 7.82 7.38 -13.08
C GLY A 76 7.03 6.08 -13.04
N HIS A 77 7.61 5.05 -12.43
CA HIS A 77 6.95 3.75 -12.30
C HIS A 77 6.74 3.40 -10.83
N THR A 78 6.79 4.41 -9.96
CA THR A 78 6.51 4.20 -8.55
C THR A 78 5.46 5.19 -8.05
N VAL A 79 4.42 4.67 -7.41
CA VAL A 79 3.41 5.51 -6.78
C VAL A 79 3.49 5.41 -5.26
N ILE A 80 3.68 6.55 -4.61
CA ILE A 80 3.98 6.58 -3.18
C ILE A 80 2.79 7.12 -2.38
N GLU A 81 2.32 6.32 -1.43
CA GLU A 81 1.30 6.77 -0.49
C GLU A 81 1.94 7.44 0.74
N LYS A 82 1.88 8.76 0.78
CA LYS A 82 2.57 9.52 1.81
C LYS A 82 1.61 9.99 2.89
N ASP A 83 1.80 9.48 4.10
CA ASP A 83 0.98 9.88 5.25
C ASP A 83 1.06 11.39 5.47
N ALA A 84 -0.05 11.98 5.89
CA ALA A 84 -0.12 13.42 6.09
C ALA A 84 0.93 13.89 7.09
N ASN A 85 1.22 13.06 8.08
CA ASN A 85 2.21 13.37 9.09
C ASN A 85 3.55 12.72 8.78
N SER A 86 3.67 12.17 7.58
CA SER A 86 4.88 11.47 7.17
C SER A 86 5.28 10.41 8.20
N SER A 87 4.28 9.79 8.81
CA SER A 87 4.52 8.75 9.81
C SER A 87 4.55 7.37 9.17
N LEU A 88 4.00 7.27 7.96
CA LEU A 88 3.89 5.99 7.27
C LEU A 88 3.88 6.18 5.76
N VAL A 89 4.82 5.53 5.08
CA VAL A 89 4.95 5.67 3.63
C VAL A 89 4.95 4.30 2.95
N SER A 90 4.12 4.15 1.92
CA SER A 90 4.08 2.93 1.14
C SER A 90 4.47 3.18 -0.32
N ASN A 91 5.39 2.37 -0.82
CA ASN A 91 5.84 2.50 -2.20
C ASN A 91 5.19 1.47 -3.11
N TRP A 92 4.68 1.92 -4.24
CA TRP A 92 4.11 1.01 -5.24
C TRP A 92 4.94 1.00 -6.51
N THR A 93 5.96 0.15 -6.54
CA THR A 93 6.85 0.05 -7.69
C THR A 93 6.44 -1.08 -8.62
N VAL A 94 6.27 -0.76 -9.90
CA VAL A 94 5.88 -1.75 -10.89
C VAL A 94 7.04 -2.07 -11.82
N ALA A 95 7.15 -3.33 -12.22
CA ALA A 95 8.21 -3.77 -13.13
C ALA A 95 7.75 -4.91 -14.02
N PRO A 96 8.34 -5.02 -15.20
CA PRO A 96 8.01 -6.10 -16.13
C PRO A 96 8.52 -7.44 -15.63
N ALA A 97 7.83 -8.50 -16.01
CA ALA A 97 8.19 -9.85 -15.56
C ALA A 97 7.83 -10.89 -16.61
N GLY A 98 8.62 -10.95 -17.68
CA GLY A 98 8.44 -11.95 -18.72
C GLY A 98 7.32 -11.57 -19.67
N THR A 99 6.18 -12.25 -19.54
CA THR A 99 5.01 -11.94 -20.35
C THR A 99 4.05 -11.02 -19.60
N GLY A 100 4.29 -10.86 -18.30
CA GLY A 100 3.43 -10.04 -17.47
C GLY A 100 4.25 -8.98 -16.73
N SER A 101 3.93 -8.78 -15.46
CA SER A 101 4.60 -7.74 -14.66
C SER A 101 4.68 -8.15 -13.20
N SER A 102 5.15 -7.24 -12.36
CA SER A 102 5.20 -7.47 -10.92
C SER A 102 5.07 -6.16 -10.14
N VAL A 103 4.59 -6.25 -8.91
CA VAL A 103 4.49 -5.08 -8.04
C VAL A 103 5.26 -5.30 -6.73
N ASN A 104 6.22 -4.42 -6.47
CA ASN A 104 7.01 -4.50 -5.25
C ASN A 104 6.57 -3.44 -4.24
N LEU A 105 5.93 -3.88 -3.17
CA LEU A 105 5.44 -2.96 -2.14
C LEU A 105 6.46 -2.81 -1.01
N LYS A 106 6.68 -1.56 -0.61
CA LYS A 106 7.57 -1.28 0.53
C LYS A 106 6.93 -0.26 1.47
N THR A 107 6.57 -0.73 2.66
CA THR A 107 5.89 0.12 3.64
C THR A 107 6.75 0.31 4.88
N THR A 108 6.94 1.57 5.28
CA THR A 108 7.83 1.89 6.39
C THR A 108 7.30 3.09 7.17
N TRP A 109 7.61 3.13 8.46
CA TRP A 109 7.22 4.25 9.31
C TRP A 109 8.44 5.02 9.79
N THR A 110 8.19 6.15 10.45
CA THR A 110 9.27 7.00 10.95
C THR A 110 10.21 6.24 11.87
N GLY A 111 11.45 6.05 11.43
CA GLY A 111 12.46 5.41 12.25
C GLY A 111 12.17 3.92 12.43
N ALA A 112 12.71 3.34 13.50
CA ALA A 112 12.40 1.96 13.86
C ALA A 112 11.25 1.90 14.85
N GLY A 113 11.17 2.88 15.74
CA GLY A 113 10.11 2.93 16.74
C GLY A 113 9.99 4.33 17.33
N GLY A 114 9.22 4.44 18.41
CA GLY A 114 8.95 5.72 19.03
C GLY A 114 7.66 6.34 18.49
N VAL A 115 7.13 5.74 17.44
CA VAL A 115 5.88 6.21 16.84
C VAL A 115 4.66 5.70 17.61
N LYS A 116 3.76 6.61 17.94
CA LYS A 116 2.62 6.28 18.79
C LYS A 116 1.71 5.27 18.14
N GLY A 117 1.60 5.34 16.81
CA GLY A 117 0.73 4.45 16.06
C GLY A 117 1.44 3.14 15.74
N PHE A 118 2.24 3.15 14.68
CA PHE A 118 2.89 1.94 14.19
C PHE A 118 4.39 1.96 14.50
N PHE A 119 4.85 0.91 15.17
CA PHE A 119 6.25 0.83 15.57
C PHE A 119 6.70 -0.62 15.74
N GLU A 120 8.00 -0.85 15.66
CA GLU A 120 8.54 -2.19 15.47
C GLU A 120 8.15 -3.11 16.62
N LYS A 121 7.90 -2.52 17.78
CA LYS A 121 7.73 -3.29 19.01
C LYS A 121 6.30 -3.77 19.17
N THR A 122 5.46 -3.44 18.20
CA THR A 122 4.08 -3.93 18.18
C THR A 122 3.63 -4.21 16.75
N PHE A 123 3.86 -3.26 15.86
CA PHE A 123 3.43 -3.38 14.47
C PHE A 123 4.39 -4.26 13.68
N ALA A 124 4.32 -5.56 13.90
CA ALA A 124 5.27 -6.49 13.28
C ALA A 124 5.22 -6.39 11.76
N PRO A 125 6.39 -6.21 11.15
CA PRO A 125 6.48 -6.14 9.70
C PRO A 125 5.88 -7.38 9.05
N LEU A 126 5.95 -8.51 9.74
CA LEU A 126 5.46 -9.77 9.21
C LEU A 126 3.96 -9.69 8.92
N GLY A 127 3.21 -9.09 9.83
CA GLY A 127 1.78 -8.89 9.64
C GLY A 127 1.50 -7.80 8.61
N LEU A 128 2.42 -6.84 8.52
CA LEU A 128 2.34 -5.79 7.50
C LEU A 128 2.54 -6.37 6.11
N ARG A 129 3.48 -7.32 5.99
CA ARG A 129 3.69 -8.03 4.75
C ARG A 129 2.46 -8.83 4.34
N ARG A 130 1.82 -9.46 5.32
CA ARG A 130 0.54 -10.14 5.09
C ARG A 130 -0.47 -9.20 4.45
N ILE A 131 -0.58 -7.99 4.99
CA ILE A 131 -1.46 -6.98 4.42
C ILE A 131 -1.11 -6.69 2.97
N GLN A 132 0.19 -6.51 2.70
CA GLN A 132 0.66 -6.26 1.35
C GLN A 132 0.28 -7.41 0.41
N ASP A 133 0.48 -8.64 0.88
CA ASP A 133 0.26 -9.82 0.05
C ASP A 133 -1.21 -9.96 -0.31
N GLU A 134 -2.08 -9.74 0.67
CA GLU A 134 -3.52 -9.87 0.45
C GLU A 134 -4.03 -8.83 -0.54
N VAL A 135 -3.47 -7.63 -0.48
CA VAL A 135 -3.81 -6.57 -1.43
C VAL A 135 -3.34 -6.92 -2.83
N LEU A 136 -2.10 -7.38 -2.94
CA LEU A 136 -1.50 -7.69 -4.23
C LEU A 136 -2.16 -8.89 -4.87
N GLU A 137 -2.64 -9.82 -4.04
CA GLU A 137 -3.46 -10.93 -4.51
C GLU A 137 -4.72 -10.42 -5.19
N ASN A 138 -5.45 -9.53 -4.52
CA ASN A 138 -6.66 -8.95 -5.07
C ASN A 138 -6.37 -8.09 -6.28
N LEU A 139 -5.23 -7.41 -6.24
CA LEU A 139 -4.78 -6.60 -7.38
C LEU A 139 -4.60 -7.46 -8.63
N LYS A 140 -3.86 -8.56 -8.48
CA LYS A 140 -3.69 -9.52 -9.55
C LYS A 140 -5.04 -9.97 -10.11
N LYS A 141 -5.92 -10.43 -9.22
CA LYS A 141 -7.22 -10.92 -9.63
C LYS A 141 -8.05 -9.83 -10.28
N HIS A 142 -7.88 -8.60 -9.81
CA HIS A 142 -8.63 -7.46 -10.34
C HIS A 142 -8.30 -7.22 -11.80
N VAL A 143 -7.02 -7.10 -12.10
CA VAL A 143 -6.58 -6.76 -13.45
C VAL A 143 -6.57 -7.99 -14.35
N GLU A 144 -6.45 -9.17 -13.75
CA GLU A 144 -6.39 -10.41 -14.50
C GLU A 144 -7.78 -10.86 -14.94
N GLY A 145 -8.71 -10.86 -13.99
CA GLY A 145 -10.07 -11.31 -14.27
C GLY A 145 -10.96 -10.15 -14.73
N MET A 1 21.57 4.93 14.02
CA MET A 1 20.20 4.44 13.95
C MET A 1 19.91 3.80 12.58
N GLY A 2 19.40 2.58 12.61
CA GLY A 2 19.11 1.85 11.38
C GLY A 2 17.66 2.04 10.95
N GLN A 3 17.18 1.13 10.11
CA GLN A 3 15.81 1.22 9.61
C GLN A 3 15.30 -0.15 9.18
N VAL A 4 14.04 -0.43 9.52
CA VAL A 4 13.43 -1.71 9.18
C VAL A 4 12.19 -1.51 8.32
N SER A 5 12.07 -2.32 7.27
CA SER A 5 11.01 -2.15 6.28
C SER A 5 10.31 -3.48 6.00
N ALA A 6 9.16 -3.41 5.35
CA ALA A 6 8.45 -4.60 4.90
C ALA A 6 8.34 -4.64 3.38
N VAL A 7 8.89 -5.69 2.79
CA VAL A 7 8.96 -5.80 1.32
C VAL A 7 8.33 -7.09 0.83
N SER A 8 7.49 -6.97 -0.19
CA SER A 8 6.90 -8.14 -0.83
C SER A 8 6.60 -7.87 -2.30
N THR A 9 6.98 -8.81 -3.16
CA THR A 9 6.73 -8.70 -4.59
C THR A 9 5.80 -9.80 -5.08
N VAL A 10 4.73 -9.40 -5.76
CA VAL A 10 3.75 -10.35 -6.27
C VAL A 10 3.58 -10.18 -7.78
N LEU A 11 3.55 -11.31 -8.49
CA LEU A 11 3.35 -11.29 -9.94
C LEU A 11 1.92 -10.93 -10.30
N ILE A 12 1.77 -9.97 -11.20
CA ILE A 12 0.45 -9.52 -11.63
C ILE A 12 0.19 -9.88 -13.09
N ASN A 13 -0.95 -10.53 -13.35
CA ASN A 13 -1.28 -10.98 -14.69
C ASN A 13 -1.88 -9.84 -15.52
N ALA A 14 -1.06 -8.87 -15.86
CA ALA A 14 -1.50 -7.73 -16.66
C ALA A 14 -0.31 -6.90 -17.15
N GLU A 15 -0.53 -6.13 -18.20
CA GLU A 15 0.50 -5.23 -18.72
C GLU A 15 1.00 -4.29 -17.65
N PRO A 16 2.31 -4.16 -17.53
CA PRO A 16 2.92 -3.31 -16.51
C PRO A 16 2.33 -1.91 -16.55
N ALA A 17 2.10 -1.40 -17.76
CA ALA A 17 1.51 -0.07 -17.93
C ALA A 17 0.09 -0.03 -17.37
N ALA A 18 -0.68 -1.08 -17.65
CA ALA A 18 -2.04 -1.18 -17.14
C ALA A 18 -2.05 -1.30 -15.62
N VAL A 19 -1.07 -2.04 -15.09
CA VAL A 19 -0.94 -2.21 -13.65
C VAL A 19 -0.58 -0.89 -12.97
N LEU A 20 0.33 -0.14 -13.58
CA LEU A 20 0.69 1.18 -13.09
C LEU A 20 -0.53 2.09 -13.01
N ALA A 21 -1.36 2.07 -14.04
CA ALA A 21 -2.61 2.80 -14.05
C ALA A 21 -3.53 2.34 -12.93
N ALA A 22 -3.62 1.02 -12.76
CA ALA A 22 -4.42 0.43 -11.69
C ALA A 22 -3.92 0.87 -10.32
N ILE A 23 -2.61 0.98 -10.18
CA ILE A 23 -2.01 1.48 -8.95
C ILE A 23 -2.35 2.95 -8.73
N SER A 24 -2.21 3.76 -9.77
CA SER A 24 -2.45 5.19 -9.67
C SER A 24 -3.93 5.48 -9.46
N ASP A 25 -4.77 4.51 -9.80
CA ASP A 25 -6.20 4.62 -9.55
C ASP A 25 -6.55 4.21 -8.13
N TYR A 26 -6.73 5.19 -7.26
CA TYR A 26 -7.09 4.93 -5.87
C TYR A 26 -8.58 5.21 -5.63
N GLN A 27 -9.38 5.10 -6.68
CA GLN A 27 -10.78 5.50 -6.62
C GLN A 27 -11.70 4.33 -6.93
N THR A 28 -11.34 3.56 -7.96
CA THR A 28 -12.18 2.45 -8.41
C THR A 28 -11.45 1.12 -8.29
N VAL A 29 -10.13 1.18 -8.21
CA VAL A 29 -9.32 -0.02 -8.11
C VAL A 29 -8.93 -0.30 -6.66
N ARG A 30 -8.33 0.68 -6.01
CA ARG A 30 -7.78 0.49 -4.67
C ARG A 30 -8.82 -0.08 -3.72
N PRO A 31 -10.02 0.51 -3.75
CA PRO A 31 -11.08 0.13 -2.82
C PRO A 31 -11.79 -1.14 -3.29
N LYS A 32 -11.24 -1.77 -4.31
CA LYS A 32 -11.71 -3.08 -4.75
C LYS A 32 -10.66 -4.16 -4.52
N ILE A 33 -9.44 -3.73 -4.23
CA ILE A 33 -8.34 -4.66 -4.00
C ILE A 33 -7.86 -4.60 -2.56
N LEU A 34 -8.73 -4.13 -1.68
CA LEU A 34 -8.37 -3.94 -0.27
C LEU A 34 -8.21 -5.29 0.44
N SER A 35 -7.27 -5.33 1.39
CA SER A 35 -7.10 -6.52 2.23
C SER A 35 -8.19 -6.60 3.30
N SER A 36 -8.14 -7.64 4.11
CA SER A 36 -9.14 -7.87 5.14
C SER A 36 -8.94 -6.91 6.32
N HIS A 37 -7.86 -6.13 6.27
CA HIS A 37 -7.49 -5.26 7.38
C HIS A 37 -7.96 -3.84 7.13
N TYR A 38 -8.70 -3.64 6.03
CA TYR A 38 -9.22 -2.32 5.69
C TYR A 38 -10.66 -2.16 6.17
N SER A 39 -11.01 -0.94 6.54
CA SER A 39 -12.39 -0.61 6.89
C SER A 39 -12.67 0.87 6.73
N GLY A 40 -13.67 1.20 5.92
CA GLY A 40 -14.15 2.57 5.79
C GLY A 40 -13.21 3.40 4.92
N TYR A 41 -12.73 2.80 3.84
CA TYR A 41 -11.91 3.52 2.86
C TYR A 41 -12.72 4.61 2.17
N GLN A 42 -12.21 5.84 2.21
CA GLN A 42 -12.91 6.97 1.63
C GLN A 42 -11.94 7.92 0.95
N VAL A 43 -12.15 8.17 -0.34
CA VAL A 43 -11.40 9.18 -1.07
C VAL A 43 -11.86 10.58 -0.70
N LEU A 44 -10.92 11.43 -0.30
CA LEU A 44 -11.23 12.76 0.19
C LEU A 44 -11.02 13.81 -0.90
N GLU A 45 -9.99 13.62 -1.72
CA GLU A 45 -9.66 14.55 -2.78
C GLU A 45 -9.10 13.83 -3.99
N GLY A 46 -9.61 14.16 -5.17
CA GLY A 46 -9.10 13.60 -6.42
C GLY A 46 -9.63 12.19 -6.65
N GLY A 47 -8.75 11.21 -6.53
CA GLY A 47 -9.13 9.81 -6.67
C GLY A 47 -8.12 9.04 -7.51
N GLN A 48 -7.64 9.67 -8.57
CA GLN A 48 -6.68 9.04 -9.47
C GLN A 48 -5.52 9.97 -9.79
N GLY A 49 -4.31 9.44 -9.72
CA GLY A 49 -3.11 10.22 -10.04
C GLY A 49 -2.58 10.95 -8.82
N ALA A 50 -1.48 11.67 -8.99
CA ALA A 50 -0.84 12.38 -7.89
C ALA A 50 -1.73 13.49 -7.34
N GLY A 51 -1.71 13.68 -6.03
CA GLY A 51 -2.51 14.71 -5.39
C GLY A 51 -3.73 14.12 -4.71
N THR A 52 -4.03 12.86 -5.03
CA THR A 52 -5.17 12.17 -4.44
C THR A 52 -4.99 11.99 -2.93
N VAL A 53 -6.03 12.32 -2.18
CA VAL A 53 -6.02 12.12 -0.73
C VAL A 53 -7.15 11.20 -0.30
N ALA A 54 -6.83 10.23 0.56
CA ALA A 54 -7.82 9.26 1.03
C ALA A 54 -7.52 8.82 2.46
N THR A 55 -8.54 8.35 3.15
CA THR A 55 -8.40 7.92 4.54
C THR A 55 -9.14 6.62 4.79
N TRP A 56 -8.58 5.79 5.65
CA TRP A 56 -9.13 4.46 5.93
C TRP A 56 -8.63 3.91 7.26
N LYS A 57 -9.40 3.01 7.85
CA LYS A 57 -8.96 2.29 9.04
C LYS A 57 -8.21 1.03 8.68
N LEU A 58 -6.95 0.96 9.08
CA LEU A 58 -6.08 -0.14 8.69
C LEU A 58 -5.59 -0.92 9.91
N GLN A 59 -5.91 -2.21 9.94
CA GLN A 59 -5.52 -3.05 11.06
C GLN A 59 -4.15 -3.69 10.82
N ALA A 60 -3.28 -3.61 11.83
CA ALA A 60 -1.98 -4.25 11.76
C ALA A 60 -2.01 -5.65 12.38
N THR A 61 -2.46 -5.72 13.63
CA THR A 61 -2.55 -7.01 14.33
C THR A 61 -3.92 -7.17 14.98
N LYS A 62 -4.05 -8.17 15.84
CA LYS A 62 -5.27 -8.39 16.59
C LYS A 62 -5.45 -7.31 17.67
N SER A 63 -4.42 -6.52 17.88
CA SER A 63 -4.43 -5.48 18.90
C SER A 63 -4.16 -4.11 18.32
N ARG A 64 -3.32 -4.06 17.29
CA ARG A 64 -2.87 -2.81 16.72
C ARG A 64 -3.73 -2.42 15.51
N VAL A 65 -4.33 -1.23 15.58
CA VAL A 65 -5.09 -0.70 14.45
C VAL A 65 -5.11 0.82 14.48
N ARG A 66 -4.86 1.43 13.33
CA ARG A 66 -4.73 2.88 13.24
C ARG A 66 -5.47 3.43 12.03
N ASP A 67 -5.94 4.67 12.13
CA ASP A 67 -6.60 5.34 11.01
C ASP A 67 -5.58 6.04 10.12
N VAL A 68 -5.45 5.55 8.89
CA VAL A 68 -4.41 6.03 7.98
C VAL A 68 -5.00 6.95 6.93
N LYS A 69 -4.50 8.19 6.89
CA LYS A 69 -4.82 9.11 5.80
C LYS A 69 -3.56 9.56 5.08
N ALA A 70 -3.53 9.36 3.76
CA ALA A 70 -2.31 9.47 3.00
C ALA A 70 -2.52 10.27 1.72
N THR A 71 -1.45 10.86 1.20
CA THR A 71 -1.50 11.59 -0.06
C THR A 71 -0.69 10.88 -1.14
N VAL A 72 -1.25 10.79 -2.34
CA VAL A 72 -0.62 10.06 -3.43
C VAL A 72 0.43 10.92 -4.14
N ASP A 73 1.63 10.38 -4.26
CA ASP A 73 2.69 11.05 -5.00
C ASP A 73 3.27 10.14 -6.09
N VAL A 74 2.72 10.25 -7.29
CA VAL A 74 3.14 9.42 -8.40
C VAL A 74 4.50 9.85 -8.95
N ALA A 75 5.43 8.91 -8.99
CA ALA A 75 6.78 9.20 -9.47
C ALA A 75 7.19 8.23 -10.58
N GLY A 76 6.57 8.37 -11.74
CA GLY A 76 6.94 7.58 -12.90
C GLY A 76 6.33 6.19 -12.84
N HIS A 77 7.17 5.19 -12.58
CA HIS A 77 6.72 3.81 -12.47
C HIS A 77 6.61 3.38 -11.02
N THR A 78 6.91 4.30 -10.10
CA THR A 78 6.72 4.06 -8.68
C THR A 78 5.79 5.10 -8.07
N VAL A 79 4.63 4.67 -7.61
CA VAL A 79 3.69 5.54 -6.93
C VAL A 79 3.92 5.52 -5.42
N ILE A 80 4.13 6.70 -4.84
CA ILE A 80 4.49 6.81 -3.43
C ILE A 80 3.32 7.27 -2.59
N GLU A 81 2.93 6.45 -1.61
CA GLU A 81 1.85 6.80 -0.71
C GLU A 81 2.38 7.33 0.62
N LYS A 82 2.07 8.59 0.91
CA LYS A 82 2.65 9.27 2.06
C LYS A 82 1.61 9.53 3.13
N ASP A 83 1.69 8.79 4.23
CA ASP A 83 0.79 8.96 5.35
C ASP A 83 0.94 10.34 5.98
N ALA A 84 -0.16 11.09 6.03
CA ALA A 84 -0.15 12.43 6.60
C ALA A 84 -0.28 12.38 8.12
N ASN A 85 -0.78 11.25 8.62
CA ASN A 85 -1.02 11.09 10.06
C ASN A 85 0.24 10.66 10.78
N SER A 86 1.09 9.92 10.08
CA SER A 86 2.34 9.44 10.67
C SER A 86 3.41 9.24 9.60
N SER A 87 4.65 9.02 10.04
CA SER A 87 5.79 8.97 9.13
C SER A 87 5.90 7.60 8.47
N LEU A 88 4.82 7.18 7.80
CA LEU A 88 4.80 5.90 7.11
C LEU A 88 4.59 6.07 5.62
N VAL A 89 5.54 5.57 4.84
CA VAL A 89 5.49 5.72 3.39
C VAL A 89 5.52 4.36 2.69
N SER A 90 4.61 4.17 1.74
CA SER A 90 4.55 2.93 0.97
C SER A 90 4.88 3.16 -0.49
N ASN A 91 5.81 2.37 -1.01
CA ASN A 91 6.20 2.47 -2.42
C ASN A 91 5.46 1.44 -3.26
N TRP A 92 4.93 1.89 -4.40
CA TRP A 92 4.26 1.01 -5.34
C TRP A 92 5.03 0.92 -6.65
N THR A 93 6.00 0.01 -6.70
CA THR A 93 6.85 -0.12 -7.88
C THR A 93 6.38 -1.26 -8.77
N VAL A 94 6.13 -0.94 -10.03
CA VAL A 94 5.74 -1.95 -11.01
C VAL A 94 6.85 -2.20 -12.03
N ALA A 95 7.04 -3.46 -12.41
CA ALA A 95 8.10 -3.83 -13.33
C ALA A 95 7.64 -4.93 -14.29
N PRO A 96 8.18 -4.91 -15.50
CA PRO A 96 7.87 -5.93 -16.49
C PRO A 96 8.51 -7.26 -16.14
N ALA A 97 7.79 -8.07 -15.38
CA ALA A 97 8.29 -9.39 -14.98
C ALA A 97 8.18 -10.40 -16.11
N GLY A 98 9.06 -10.28 -17.09
CA GLY A 98 9.14 -11.25 -18.18
C GLY A 98 8.05 -10.98 -19.22
N THR A 99 7.03 -11.83 -19.23
CA THR A 99 5.93 -11.68 -20.17
C THR A 99 4.75 -10.95 -19.54
N GLY A 100 4.81 -10.79 -18.21
CA GLY A 100 3.75 -10.13 -17.48
C GLY A 100 4.27 -8.94 -16.67
N SER A 101 3.78 -8.78 -15.46
CA SER A 101 4.19 -7.69 -14.60
C SER A 101 4.35 -8.15 -13.15
N SER A 102 4.94 -7.29 -12.32
CA SER A 102 4.98 -7.53 -10.88
C SER A 102 4.98 -6.21 -10.11
N VAL A 103 4.49 -6.26 -8.88
CA VAL A 103 4.45 -5.08 -8.02
C VAL A 103 5.24 -5.31 -6.74
N ASN A 104 6.23 -4.46 -6.50
CA ASN A 104 7.03 -4.54 -5.28
C ASN A 104 6.62 -3.47 -4.28
N LEU A 105 5.95 -3.89 -3.22
CA LEU A 105 5.52 -2.97 -2.16
C LEU A 105 6.56 -2.86 -1.07
N LYS A 106 6.83 -1.64 -0.63
CA LYS A 106 7.82 -1.41 0.41
C LYS A 106 7.36 -0.30 1.36
N THR A 107 7.18 -0.66 2.63
CA THR A 107 6.79 0.31 3.65
C THR A 107 7.97 0.63 4.58
N THR A 108 8.17 1.91 4.84
CA THR A 108 9.26 2.34 5.71
C THR A 108 8.79 3.38 6.71
N TRP A 109 9.47 3.46 7.85
CA TRP A 109 9.24 4.53 8.81
C TRP A 109 10.39 5.54 8.80
N THR A 110 10.03 6.82 8.87
CA THR A 110 11.02 7.90 8.84
C THR A 110 10.73 8.94 9.91
N GLY A 111 11.46 10.06 9.84
CA GLY A 111 11.31 11.12 10.83
C GLY A 111 12.07 10.79 12.11
N ALA A 112 11.33 10.42 13.15
CA ALA A 112 11.93 9.95 14.40
C ALA A 112 12.48 8.54 14.24
N GLY A 113 13.53 8.23 14.98
CA GLY A 113 14.14 6.90 14.95
C GLY A 113 13.39 5.94 15.85
N GLY A 114 13.93 4.73 15.99
CA GLY A 114 13.30 3.71 16.83
C GLY A 114 12.10 3.09 16.15
N VAL A 115 12.33 2.46 15.00
CA VAL A 115 11.26 1.86 14.23
C VAL A 115 10.55 0.76 15.02
N LYS A 116 11.26 0.18 15.98
CA LYS A 116 10.69 -0.83 16.86
C LYS A 116 9.57 -0.25 17.71
N GLY A 117 9.72 1.01 18.09
CA GLY A 117 8.68 1.71 18.84
C GLY A 117 7.45 1.95 17.97
N PHE A 118 7.68 2.27 16.71
CA PHE A 118 6.59 2.44 15.75
C PHE A 118 5.89 1.12 15.47
N PHE A 119 6.65 0.03 15.53
CA PHE A 119 6.10 -1.31 15.33
C PHE A 119 5.17 -1.69 16.48
N GLU A 120 5.54 -1.31 17.69
CA GLU A 120 4.75 -1.62 18.87
C GLU A 120 3.51 -0.72 18.96
N LYS A 121 3.67 0.53 18.53
CA LYS A 121 2.61 1.52 18.64
C LYS A 121 1.63 1.41 17.48
N THR A 122 2.17 1.26 16.27
CA THR A 122 1.35 1.30 15.06
C THR A 122 1.50 0.02 14.26
N PHE A 123 2.31 0.08 13.21
CA PHE A 123 2.32 -0.97 12.20
C PHE A 123 3.63 -1.74 12.20
N ALA A 124 3.58 -2.97 12.71
CA ALA A 124 4.69 -3.90 12.57
C ALA A 124 4.87 -4.35 11.12
N PRO A 125 6.09 -4.75 10.77
CA PRO A 125 6.41 -5.11 9.39
C PRO A 125 5.82 -6.46 9.02
N LEU A 126 5.53 -7.27 10.03
CA LEU A 126 4.88 -8.57 9.83
C LEU A 126 3.42 -8.41 9.45
N GLY A 127 2.75 -7.45 10.09
CA GLY A 127 1.37 -7.12 9.75
C GLY A 127 1.30 -6.44 8.38
N LEU A 128 2.21 -5.50 8.14
CA LEU A 128 2.27 -4.80 6.87
C LEU A 128 2.58 -5.75 5.72
N ARG A 129 3.45 -6.72 5.99
CA ARG A 129 3.75 -7.76 5.02
C ARG A 129 2.49 -8.49 4.57
N ARG A 130 1.71 -8.95 5.54
CA ARG A 130 0.45 -9.63 5.25
C ARG A 130 -0.50 -8.73 4.47
N ILE A 131 -0.60 -7.47 4.88
CA ILE A 131 -1.43 -6.49 4.20
C ILE A 131 -1.03 -6.35 2.74
N GLN A 132 0.27 -6.25 2.50
CA GLN A 132 0.79 -6.16 1.13
C GLN A 132 0.37 -7.37 0.31
N ASP A 133 0.52 -8.55 0.88
CA ASP A 133 0.23 -9.79 0.17
C ASP A 133 -1.23 -9.88 -0.23
N GLU A 134 -2.11 -9.54 0.71
CA GLU A 134 -3.54 -9.67 0.49
C GLU A 134 -4.04 -8.68 -0.55
N VAL A 135 -3.47 -7.48 -0.52
CA VAL A 135 -3.82 -6.45 -1.50
C VAL A 135 -3.37 -6.85 -2.90
N LEU A 136 -2.12 -7.29 -3.01
CA LEU A 136 -1.55 -7.65 -4.30
C LEU A 136 -2.19 -8.91 -4.86
N GLU A 137 -2.63 -9.80 -3.97
CA GLU A 137 -3.46 -10.93 -4.35
C GLU A 137 -4.74 -10.47 -5.02
N ASN A 138 -5.43 -9.54 -4.38
CA ASN A 138 -6.69 -9.01 -4.92
C ASN A 138 -6.44 -8.19 -6.18
N LEU A 139 -5.24 -7.61 -6.28
CA LEU A 139 -4.87 -6.83 -7.45
C LEU A 139 -4.85 -7.69 -8.70
N LYS A 140 -4.12 -8.80 -8.64
CA LYS A 140 -4.03 -9.73 -9.76
C LYS A 140 -5.36 -10.45 -10.00
N LYS A 141 -6.16 -10.52 -8.95
CA LYS A 141 -7.50 -11.09 -9.06
C LYS A 141 -8.52 -10.01 -9.39
N HIS A 142 -8.04 -8.79 -9.60
CA HIS A 142 -8.90 -7.70 -10.06
C HIS A 142 -8.70 -7.45 -11.54
N VAL A 143 -7.45 -7.26 -11.95
CA VAL A 143 -7.12 -6.92 -13.33
C VAL A 143 -7.27 -8.12 -14.25
N GLU A 144 -7.13 -9.32 -13.68
CA GLU A 144 -7.23 -10.55 -14.44
C GLU A 144 -8.38 -11.41 -13.93
N GLY A 145 -8.38 -11.68 -12.62
CA GLY A 145 -9.42 -12.48 -12.01
C GLY A 145 -10.80 -11.95 -12.35
N MET A 1 20.84 1.88 9.74
CA MET A 1 19.68 2.65 9.30
C MET A 1 18.89 3.16 10.50
N GLY A 2 18.25 4.32 10.33
CA GLY A 2 17.41 4.89 11.37
C GLY A 2 15.93 4.68 11.06
N GLN A 3 15.62 3.55 10.43
CA GLN A 3 14.25 3.26 10.03
C GLN A 3 14.07 1.77 9.78
N VAL A 4 12.81 1.31 9.83
CA VAL A 4 12.50 -0.08 9.56
C VAL A 4 11.47 -0.21 8.43
N SER A 5 11.71 -1.18 7.55
CA SER A 5 10.88 -1.33 6.36
C SER A 5 10.64 -2.80 6.04
N ALA A 6 9.67 -3.06 5.17
CA ALA A 6 9.43 -4.41 4.67
C ALA A 6 8.93 -4.39 3.23
N VAL A 7 9.37 -5.37 2.44
CA VAL A 7 9.04 -5.42 1.02
C VAL A 7 8.47 -6.78 0.64
N SER A 8 7.77 -6.84 -0.49
CA SER A 8 7.28 -8.09 -1.04
C SER A 8 6.86 -7.94 -2.48
N THR A 9 7.23 -8.91 -3.32
CA THR A 9 6.94 -8.85 -4.74
C THR A 9 5.96 -9.95 -5.15
N VAL A 10 4.91 -9.57 -5.87
CA VAL A 10 3.96 -10.53 -6.41
C VAL A 10 3.90 -10.46 -7.92
N LEU A 11 4.00 -11.61 -8.57
CA LEU A 11 3.97 -11.69 -10.02
C LEU A 11 2.54 -11.56 -10.55
N ILE A 12 2.36 -10.68 -11.53
CA ILE A 12 1.05 -10.47 -12.14
C ILE A 12 1.15 -10.44 -13.66
N ASN A 13 0.36 -11.29 -14.31
CA ASN A 13 0.38 -11.39 -15.77
C ASN A 13 -0.46 -10.28 -16.41
N ALA A 14 0.02 -9.04 -16.32
CA ALA A 14 -0.70 -7.90 -16.86
C ALA A 14 0.25 -6.75 -17.16
N GLU A 15 -0.14 -5.91 -18.12
CA GLU A 15 0.68 -4.78 -18.52
C GLU A 15 1.04 -3.89 -17.34
N PRO A 16 2.32 -3.64 -17.15
CA PRO A 16 2.79 -2.83 -16.04
C PRO A 16 2.07 -1.48 -16.01
N ALA A 17 1.89 -0.89 -17.18
CA ALA A 17 1.24 0.41 -17.29
C ALA A 17 -0.23 0.33 -16.87
N ALA A 18 -0.89 -0.75 -17.26
CA ALA A 18 -2.28 -0.97 -16.88
C ALA A 18 -2.42 -1.16 -15.37
N VAL A 19 -1.47 -1.90 -14.80
CA VAL A 19 -1.45 -2.11 -13.35
C VAL A 19 -1.15 -0.82 -12.61
N LEU A 20 -0.21 -0.03 -13.15
CA LEU A 20 0.13 1.27 -12.58
C LEU A 20 -1.10 2.16 -12.48
N ALA A 21 -1.85 2.24 -13.58
CA ALA A 21 -3.10 3.01 -13.60
C ALA A 21 -4.10 2.45 -12.61
N ALA A 22 -4.18 1.12 -12.54
CA ALA A 22 -5.06 0.46 -11.57
C ALA A 22 -4.70 0.85 -10.14
N ILE A 23 -3.41 0.93 -9.87
CA ILE A 23 -2.93 1.34 -8.55
C ILE A 23 -3.29 2.80 -8.26
N SER A 24 -3.17 3.65 -9.28
CA SER A 24 -3.40 5.07 -9.10
C SER A 24 -4.89 5.39 -9.12
N ASP A 25 -5.71 4.41 -9.50
CA ASP A 25 -7.15 4.54 -9.43
C ASP A 25 -7.68 4.22 -8.04
N TYR A 26 -8.04 5.26 -7.29
CA TYR A 26 -8.49 5.09 -5.92
C TYR A 26 -10.00 5.20 -5.81
N GLN A 27 -10.68 5.02 -6.93
CA GLN A 27 -12.11 5.29 -7.00
C GLN A 27 -12.89 4.03 -7.36
N THR A 28 -12.39 3.29 -8.35
CA THR A 28 -13.11 2.14 -8.88
C THR A 28 -12.31 0.86 -8.67
N VAL A 29 -10.99 0.98 -8.67
CA VAL A 29 -10.11 -0.18 -8.59
C VAL A 29 -9.73 -0.47 -7.14
N ARG A 30 -8.94 0.42 -6.56
CA ARG A 30 -8.29 0.15 -5.28
C ARG A 30 -9.31 -0.17 -4.19
N PRO A 31 -10.39 0.61 -4.16
CA PRO A 31 -11.43 0.43 -3.16
C PRO A 31 -11.97 -0.99 -3.17
N LYS A 32 -11.97 -1.62 -4.34
CA LYS A 32 -12.67 -2.88 -4.54
C LYS A 32 -11.73 -4.06 -4.35
N ILE A 33 -10.46 -3.77 -4.10
CA ILE A 33 -9.46 -4.81 -3.89
C ILE A 33 -8.81 -4.67 -2.51
N LEU A 34 -9.47 -3.91 -1.63
CA LEU A 34 -8.97 -3.72 -0.27
C LEU A 34 -9.22 -4.96 0.57
N SER A 35 -8.30 -5.22 1.50
CA SER A 35 -8.45 -6.32 2.44
C SER A 35 -9.35 -5.93 3.61
N SER A 36 -9.51 -6.86 4.56
CA SER A 36 -10.38 -6.62 5.70
C SER A 36 -9.77 -5.63 6.67
N HIS A 37 -8.53 -5.24 6.41
CA HIS A 37 -7.80 -4.33 7.28
C HIS A 37 -7.87 -2.90 6.77
N TYR A 38 -8.85 -2.63 5.91
CA TYR A 38 -9.09 -1.29 5.42
C TYR A 38 -10.49 -0.81 5.78
N SER A 39 -10.64 -0.32 7.01
CA SER A 39 -11.94 0.11 7.51
C SER A 39 -12.13 1.62 7.33
N GLY A 40 -13.29 2.01 6.82
CA GLY A 40 -13.65 3.41 6.73
C GLY A 40 -12.86 4.12 5.65
N TYR A 41 -12.64 3.43 4.53
CA TYR A 41 -11.92 3.99 3.40
C TYR A 41 -12.70 5.15 2.78
N GLN A 42 -12.04 6.29 2.63
CA GLN A 42 -12.65 7.46 2.02
C GLN A 42 -11.62 8.28 1.25
N VAL A 43 -11.90 8.52 -0.03
CA VAL A 43 -11.12 9.45 -0.83
C VAL A 43 -11.44 10.89 -0.45
N LEU A 44 -10.40 11.67 -0.14
CA LEU A 44 -10.59 13.04 0.30
C LEU A 44 -10.34 14.03 -0.84
N GLU A 45 -9.43 13.67 -1.73
CA GLU A 45 -9.10 14.51 -2.87
C GLU A 45 -8.70 13.67 -4.08
N GLY A 46 -9.22 14.03 -5.25
CA GLY A 46 -8.83 13.40 -6.50
C GLY A 46 -9.31 11.95 -6.56
N GLY A 47 -8.37 11.02 -6.67
CA GLY A 47 -8.70 9.60 -6.79
C GLY A 47 -8.14 9.01 -8.07
N GLN A 48 -7.48 9.84 -8.87
CA GLN A 48 -6.93 9.41 -10.15
C GLN A 48 -5.56 10.02 -10.40
N GLY A 49 -4.54 9.43 -9.79
CA GLY A 49 -3.16 9.82 -10.09
C GLY A 49 -2.60 10.71 -8.98
N ALA A 50 -1.52 11.42 -9.30
CA ALA A 50 -0.81 12.22 -8.32
C ALA A 50 -1.69 13.37 -7.80
N GLY A 51 -1.56 13.66 -6.51
CA GLY A 51 -2.38 14.69 -5.89
C GLY A 51 -3.56 14.08 -5.14
N THR A 52 -3.81 12.81 -5.38
CA THR A 52 -4.89 12.10 -4.70
C THR A 52 -4.62 11.99 -3.20
N VAL A 53 -5.65 12.25 -2.40
CA VAL A 53 -5.58 12.02 -0.96
C VAL A 53 -6.70 11.10 -0.50
N ALA A 54 -6.35 10.10 0.28
CA ALA A 54 -7.32 9.14 0.79
C ALA A 54 -6.98 8.70 2.21
N THR A 55 -8.00 8.32 2.98
CA THR A 55 -7.82 7.99 4.39
C THR A 55 -8.55 6.70 4.74
N TRP A 56 -7.99 5.95 5.69
CA TRP A 56 -8.61 4.72 6.15
C TRP A 56 -7.98 4.24 7.45
N LYS A 57 -8.65 3.32 8.14
CA LYS A 57 -8.11 2.71 9.34
C LYS A 57 -7.42 1.39 9.03
N LEU A 58 -6.10 1.42 8.98
CA LEU A 58 -5.31 0.23 8.64
C LEU A 58 -5.13 -0.68 9.84
N GLN A 59 -5.71 -1.87 9.77
CA GLN A 59 -5.76 -2.77 10.92
C GLN A 59 -4.64 -3.81 10.85
N ALA A 60 -4.01 -4.05 12.00
CA ALA A 60 -3.00 -5.10 12.11
C ALA A 60 -3.63 -6.40 12.59
N THR A 61 -4.45 -6.31 13.63
CA THR A 61 -5.18 -7.48 14.12
C THR A 61 -6.45 -7.05 14.85
N LYS A 62 -7.07 -7.99 15.56
CA LYS A 62 -8.39 -7.78 16.14
C LYS A 62 -8.47 -6.42 16.82
N SER A 63 -7.55 -6.17 17.73
CA SER A 63 -7.60 -4.98 18.57
C SER A 63 -6.37 -4.11 18.36
N ARG A 64 -5.89 -4.05 17.12
CA ARG A 64 -4.79 -3.18 16.75
C ARG A 64 -5.01 -2.51 15.41
N VAL A 65 -5.13 -1.19 15.41
CA VAL A 65 -5.46 -0.44 14.21
C VAL A 65 -4.90 0.97 14.26
N ARG A 66 -4.45 1.47 13.11
CA ARG A 66 -3.89 2.81 13.03
C ARG A 66 -4.61 3.64 11.97
N ASP A 67 -4.74 4.94 12.23
CA ASP A 67 -5.33 5.85 11.26
C ASP A 67 -4.32 6.22 10.16
N VAL A 68 -4.78 6.17 8.92
CA VAL A 68 -3.93 6.47 7.78
C VAL A 68 -4.52 7.58 6.92
N LYS A 69 -3.69 8.56 6.58
CA LYS A 69 -4.08 9.59 5.62
C LYS A 69 -3.05 9.71 4.50
N ALA A 70 -3.24 8.92 3.45
CA ALA A 70 -2.21 8.75 2.42
C ALA A 70 -2.26 9.89 1.41
N THR A 71 -1.13 10.56 1.22
CA THR A 71 -0.96 11.49 0.11
C THR A 71 -0.27 10.81 -1.07
N VAL A 72 -0.94 10.81 -2.22
CA VAL A 72 -0.49 10.02 -3.36
C VAL A 72 0.44 10.83 -4.26
N ASP A 73 1.64 10.30 -4.49
CA ASP A 73 2.58 10.93 -5.41
C ASP A 73 3.02 9.95 -6.48
N VAL A 74 2.38 10.04 -7.65
CA VAL A 74 2.69 9.14 -8.76
C VAL A 74 3.85 9.67 -9.59
N ALA A 75 4.92 8.88 -9.68
CA ALA A 75 6.08 9.25 -10.46
C ALA A 75 6.73 8.04 -11.12
N GLY A 76 6.92 8.10 -12.42
CA GLY A 76 7.51 6.99 -13.17
C GLY A 76 6.57 5.79 -13.17
N HIS A 77 6.99 4.71 -12.50
CA HIS A 77 6.16 3.53 -12.35
C HIS A 77 5.94 3.18 -10.88
N THR A 78 6.12 4.18 -10.02
CA THR A 78 5.91 3.99 -8.58
C THR A 78 4.86 4.97 -8.06
N VAL A 79 3.85 4.44 -7.38
CA VAL A 79 2.87 5.26 -6.69
C VAL A 79 3.17 5.35 -5.19
N ILE A 80 3.52 6.53 -4.72
CA ILE A 80 3.97 6.71 -3.35
C ILE A 80 2.83 7.17 -2.45
N GLU A 81 2.62 6.47 -1.34
CA GLU A 81 1.57 6.81 -0.39
C GLU A 81 2.16 7.25 0.94
N LYS A 82 2.12 8.56 1.19
CA LYS A 82 2.70 9.12 2.40
C LYS A 82 1.63 9.40 3.45
N ASP A 83 1.72 8.69 4.57
CA ASP A 83 0.73 8.84 5.65
C ASP A 83 0.95 10.13 6.42
N ALA A 84 -0.08 10.97 6.45
CA ALA A 84 0.00 12.25 7.15
C ALA A 84 -0.29 12.10 8.63
N ASN A 85 -0.87 10.96 9.00
CA ASN A 85 -1.25 10.72 10.39
C ASN A 85 -0.16 9.94 11.14
N SER A 86 0.84 9.48 10.40
CA SER A 86 1.90 8.66 10.97
C SER A 86 3.14 8.65 10.09
N SER A 87 4.29 8.46 10.70
CA SER A 87 5.57 8.56 10.00
C SER A 87 5.85 7.29 9.20
N LEU A 88 4.95 6.97 8.28
CA LEU A 88 5.05 5.74 7.49
C LEU A 88 4.70 5.98 6.04
N VAL A 89 5.52 5.45 5.14
CA VAL A 89 5.30 5.62 3.70
C VAL A 89 5.33 4.28 2.98
N SER A 90 4.36 4.07 2.10
CA SER A 90 4.30 2.85 1.31
C SER A 90 4.46 3.13 -0.18
N ASN A 91 5.35 2.39 -0.82
CA ASN A 91 5.60 2.56 -2.25
C ASN A 91 4.95 1.44 -3.06
N TRP A 92 4.33 1.82 -4.18
CA TRP A 92 3.75 0.84 -5.09
C TRP A 92 4.49 0.81 -6.43
N THR A 93 5.54 0.00 -6.50
CA THR A 93 6.36 -0.07 -7.70
C THR A 93 5.94 -1.23 -8.58
N VAL A 94 5.67 -0.94 -9.85
CA VAL A 94 5.33 -1.98 -10.83
C VAL A 94 6.27 -1.94 -12.02
N ALA A 95 6.68 -3.11 -12.49
CA ALA A 95 7.66 -3.21 -13.57
C ALA A 95 7.48 -4.51 -14.35
N PRO A 96 7.95 -4.52 -15.59
CA PRO A 96 7.91 -5.72 -16.42
C PRO A 96 8.61 -6.89 -15.75
N ALA A 97 8.16 -8.10 -16.06
CA ALA A 97 8.78 -9.30 -15.52
C ALA A 97 8.67 -10.47 -16.49
N GLY A 98 9.50 -10.43 -17.53
CA GLY A 98 9.56 -11.52 -18.50
C GLY A 98 8.43 -11.41 -19.51
N THR A 99 7.43 -12.29 -19.37
CA THR A 99 6.26 -12.26 -20.25
C THR A 99 5.11 -11.50 -19.61
N GLY A 100 5.23 -11.23 -18.32
CA GLY A 100 4.20 -10.50 -17.59
C GLY A 100 4.79 -9.31 -16.84
N SER A 101 4.35 -9.12 -15.61
CA SER A 101 4.85 -8.02 -14.78
C SER A 101 4.92 -8.43 -13.32
N SER A 102 5.36 -7.50 -12.47
CA SER A 102 5.40 -7.72 -11.03
C SER A 102 5.21 -6.43 -10.26
N VAL A 103 4.68 -6.53 -9.06
CA VAL A 103 4.52 -5.36 -8.18
C VAL A 103 5.27 -5.55 -6.87
N ASN A 104 6.22 -4.66 -6.62
CA ASN A 104 7.02 -4.71 -5.39
C ASN A 104 6.65 -3.58 -4.46
N LEU A 105 6.02 -3.93 -3.33
CA LEU A 105 5.61 -2.93 -2.34
C LEU A 105 6.71 -2.70 -1.32
N LYS A 106 6.87 -1.45 -0.90
CA LYS A 106 7.87 -1.10 0.11
C LYS A 106 7.29 -0.17 1.16
N THR A 107 7.12 -0.69 2.37
CA THR A 107 6.62 0.10 3.48
C THR A 107 7.70 0.37 4.52
N THR A 108 7.90 1.64 4.85
CA THR A 108 8.94 2.05 5.79
C THR A 108 8.45 3.12 6.74
N TRP A 109 9.00 3.13 7.95
CA TRP A 109 8.59 4.09 8.97
C TRP A 109 9.74 4.44 9.89
N THR A 110 9.62 5.57 10.58
CA THR A 110 10.71 6.12 11.36
C THR A 110 10.80 5.48 12.73
N GLY A 111 9.70 4.84 13.15
CA GLY A 111 9.64 4.18 14.45
C GLY A 111 10.50 2.92 14.47
N ALA A 112 11.82 3.11 14.49
CA ALA A 112 12.75 2.00 14.42
C ALA A 112 12.90 1.31 15.78
N GLY A 113 11.89 0.54 16.16
CA GLY A 113 11.92 -0.20 17.42
C GLY A 113 12.27 -1.66 17.18
N GLY A 114 12.20 -2.46 18.24
CA GLY A 114 12.47 -3.89 18.14
C GLY A 114 11.23 -4.71 18.50
N VAL A 115 11.44 -5.95 18.90
CA VAL A 115 10.35 -6.85 19.26
C VAL A 115 9.49 -6.25 20.37
N LYS A 116 10.14 -5.61 21.33
CA LYS A 116 9.44 -5.03 22.47
C LYS A 116 8.79 -3.69 22.11
N GLY A 117 9.03 -3.26 20.88
CA GLY A 117 8.39 -2.05 20.36
C GLY A 117 7.26 -2.39 19.40
N PHE A 118 7.40 -3.52 18.71
CA PHE A 118 6.38 -3.98 17.78
C PHE A 118 5.32 -4.79 18.49
N PHE A 119 5.70 -5.41 19.60
CA PHE A 119 4.76 -6.20 20.40
C PHE A 119 4.67 -5.67 21.82
N GLU A 120 3.48 -5.76 22.41
CA GLU A 120 2.37 -6.44 21.77
C GLU A 120 1.46 -5.45 21.04
N LYS A 121 2.07 -4.49 20.36
CA LYS A 121 1.33 -3.59 19.48
C LYS A 121 0.97 -4.27 18.17
N THR A 122 1.65 -5.38 17.88
CA THR A 122 1.35 -6.17 16.69
C THR A 122 1.53 -5.33 15.42
N PHE A 123 2.49 -4.42 15.45
CA PHE A 123 2.79 -3.60 14.28
C PHE A 123 4.13 -3.98 13.67
N ALA A 124 4.45 -5.25 13.72
CA ALA A 124 5.73 -5.76 13.20
C ALA A 124 5.75 -5.70 11.68
N PRO A 125 6.96 -5.62 11.12
CA PRO A 125 7.12 -5.60 9.67
C PRO A 125 6.43 -6.77 9.01
N LEU A 126 6.43 -7.92 9.70
CA LEU A 126 5.84 -9.14 9.15
C LEU A 126 4.33 -9.01 9.01
N GLY A 127 3.71 -8.31 9.96
CA GLY A 127 2.28 -8.05 9.90
C GLY A 127 1.91 -7.18 8.71
N LEU A 128 2.70 -6.14 8.49
CA LEU A 128 2.50 -5.26 7.34
C LEU A 128 2.80 -5.97 6.04
N ARG A 129 3.80 -6.85 6.07
CA ARG A 129 4.13 -7.67 4.90
C ARG A 129 2.95 -8.53 4.47
N ARG A 130 2.28 -9.15 5.45
CA ARG A 130 1.08 -9.92 5.19
C ARG A 130 0.02 -9.06 4.48
N ILE A 131 -0.18 -7.86 5.00
CA ILE A 131 -1.13 -6.92 4.39
C ILE A 131 -0.75 -6.62 2.95
N GLN A 132 0.54 -6.42 2.71
CA GLN A 132 1.04 -6.20 1.36
C GLN A 132 0.65 -7.34 0.44
N ASP A 133 0.90 -8.57 0.88
CA ASP A 133 0.63 -9.75 0.08
C ASP A 133 -0.86 -9.86 -0.26
N GLU A 134 -1.70 -9.58 0.74
CA GLU A 134 -3.13 -9.76 0.59
C GLU A 134 -3.71 -8.82 -0.45
N VAL A 135 -3.32 -7.55 -0.38
CA VAL A 135 -3.85 -6.53 -1.28
C VAL A 135 -3.29 -6.68 -2.69
N LEU A 136 -2.08 -7.23 -2.78
CA LEU A 136 -1.48 -7.55 -4.06
C LEU A 136 -2.19 -8.72 -4.74
N GLU A 137 -2.64 -9.67 -3.93
CA GLU A 137 -3.41 -10.80 -4.43
C GLU A 137 -4.76 -10.34 -4.98
N ASN A 138 -5.40 -9.42 -4.26
CA ASN A 138 -6.66 -8.84 -4.71
C ASN A 138 -6.45 -8.02 -5.98
N LEU A 139 -5.35 -7.28 -6.03
CA LEU A 139 -4.98 -6.53 -7.23
C LEU A 139 -4.84 -7.46 -8.43
N LYS A 140 -4.08 -8.54 -8.27
CA LYS A 140 -3.91 -9.52 -9.32
C LYS A 140 -5.25 -10.03 -9.83
N LYS A 141 -6.14 -10.36 -8.90
CA LYS A 141 -7.44 -10.92 -9.26
C LYS A 141 -8.30 -9.90 -9.99
N HIS A 142 -7.87 -8.65 -9.98
CA HIS A 142 -8.59 -7.59 -10.67
C HIS A 142 -8.01 -7.35 -12.06
N VAL A 143 -6.71 -7.12 -12.11
CA VAL A 143 -6.06 -6.72 -13.36
C VAL A 143 -5.76 -7.94 -14.24
N GLU A 144 -5.60 -9.09 -13.61
CA GLU A 144 -5.37 -10.33 -14.34
C GLU A 144 -6.60 -11.22 -14.32
N GLY A 145 -7.17 -11.42 -13.13
CA GLY A 145 -8.35 -12.26 -12.97
C GLY A 145 -8.05 -13.49 -12.14
N MET A 1 14.99 5.40 18.92
CA MET A 1 14.31 4.36 18.17
C MET A 1 15.03 4.03 16.88
N GLY A 2 14.73 2.87 16.31
CA GLY A 2 15.36 2.44 15.08
C GLY A 2 14.48 2.72 13.86
N GLN A 3 14.50 1.82 12.89
CA GLN A 3 13.69 1.97 11.70
C GLN A 3 13.38 0.62 11.06
N VAL A 4 12.13 0.43 10.65
CA VAL A 4 11.69 -0.84 10.08
C VAL A 4 10.91 -0.63 8.79
N SER A 5 10.71 -1.70 8.04
CA SER A 5 10.00 -1.64 6.78
C SER A 5 9.27 -2.95 6.49
N ALA A 6 8.27 -2.88 5.62
CA ALA A 6 7.54 -4.08 5.19
C ALA A 6 7.54 -4.22 3.68
N VAL A 7 8.03 -5.35 3.19
CA VAL A 7 8.25 -5.54 1.76
C VAL A 7 7.51 -6.77 1.24
N SER A 8 6.88 -6.62 0.08
CA SER A 8 6.20 -7.74 -0.57
C SER A 8 6.27 -7.61 -2.09
N THR A 9 6.51 -8.73 -2.76
CA THR A 9 6.65 -8.75 -4.21
C THR A 9 5.81 -9.85 -4.84
N VAL A 10 5.09 -9.51 -5.89
CA VAL A 10 4.31 -10.50 -6.63
C VAL A 10 4.53 -10.35 -8.14
N LEU A 11 4.25 -11.42 -8.88
CA LEU A 11 4.19 -11.34 -10.34
C LEU A 11 2.75 -11.38 -10.84
N ILE A 12 2.44 -10.49 -11.77
CA ILE A 12 1.07 -10.34 -12.25
C ILE A 12 1.00 -10.49 -13.76
N ASN A 13 0.03 -11.27 -14.23
CA ASN A 13 -0.18 -11.46 -15.66
C ASN A 13 -0.91 -10.28 -16.28
N ALA A 14 -0.26 -9.12 -16.30
CA ALA A 14 -0.86 -7.91 -16.82
C ALA A 14 0.19 -6.86 -17.15
N GLU A 15 -0.09 -6.01 -18.13
CA GLU A 15 0.84 -4.97 -18.54
C GLU A 15 1.17 -4.05 -17.37
N PRO A 16 2.45 -3.76 -17.21
CA PRO A 16 2.91 -2.88 -16.13
C PRO A 16 2.14 -1.58 -16.11
N ALA A 17 1.89 -1.02 -17.29
CA ALA A 17 1.16 0.23 -17.42
C ALA A 17 -0.28 0.08 -16.95
N ALA A 18 -0.89 -1.06 -17.27
CA ALA A 18 -2.24 -1.36 -16.84
C ALA A 18 -2.33 -1.47 -15.33
N VAL A 19 -1.34 -2.12 -14.73
CA VAL A 19 -1.27 -2.24 -13.28
C VAL A 19 -1.00 -0.89 -12.63
N LEU A 20 -0.11 -0.11 -13.23
CA LEU A 20 0.18 1.23 -12.77
C LEU A 20 -1.09 2.08 -12.70
N ALA A 21 -1.88 2.03 -13.76
CA ALA A 21 -3.16 2.73 -13.79
C ALA A 21 -4.09 2.24 -12.70
N ALA A 22 -4.13 0.93 -12.50
CA ALA A 22 -4.94 0.33 -11.44
C ALA A 22 -4.51 0.84 -10.07
N ILE A 23 -3.21 1.01 -9.88
CA ILE A 23 -2.68 1.57 -8.64
C ILE A 23 -3.10 3.02 -8.46
N SER A 24 -3.02 3.79 -9.54
CA SER A 24 -3.36 5.21 -9.50
C SER A 24 -4.86 5.42 -9.37
N ASP A 25 -5.62 4.37 -9.64
CA ASP A 25 -7.07 4.41 -9.49
C ASP A 25 -7.48 4.08 -8.05
N TYR A 26 -7.95 5.09 -7.33
CA TYR A 26 -8.34 4.91 -5.93
C TYR A 26 -9.85 4.93 -5.77
N GLN A 27 -10.56 4.74 -6.89
CA GLN A 27 -12.00 4.96 -6.93
C GLN A 27 -12.74 3.67 -7.27
N THR A 28 -12.23 2.95 -8.26
CA THR A 28 -12.90 1.76 -8.77
C THR A 28 -12.05 0.51 -8.56
N VAL A 29 -10.76 0.71 -8.29
CA VAL A 29 -9.84 -0.39 -8.08
C VAL A 29 -9.51 -0.56 -6.61
N ARG A 30 -8.95 0.48 -6.01
CA ARG A 30 -8.40 0.39 -4.66
C ARG A 30 -9.45 -0.11 -3.67
N PRO A 31 -10.65 0.46 -3.75
CA PRO A 31 -11.71 0.13 -2.80
C PRO A 31 -12.42 -1.15 -3.19
N LYS A 32 -11.93 -1.80 -4.24
CA LYS A 32 -12.46 -3.10 -4.66
C LYS A 32 -11.44 -4.20 -4.45
N ILE A 33 -10.26 -3.83 -3.99
CA ILE A 33 -9.21 -4.81 -3.69
C ILE A 33 -8.85 -4.78 -2.21
N LEU A 34 -9.73 -4.19 -1.40
CA LEU A 34 -9.49 -4.10 0.04
C LEU A 34 -9.65 -5.44 0.72
N SER A 35 -8.85 -5.67 1.76
CA SER A 35 -8.90 -6.93 2.49
C SER A 35 -9.54 -6.76 3.86
N SER A 36 -9.51 -7.81 4.67
CA SER A 36 -10.14 -7.78 5.98
C SER A 36 -9.36 -6.91 6.96
N HIS A 37 -8.16 -6.49 6.55
CA HIS A 37 -7.33 -5.63 7.36
C HIS A 37 -7.58 -4.16 7.05
N TYR A 38 -8.55 -3.90 6.17
CA TYR A 38 -8.92 -2.54 5.81
C TYR A 38 -10.31 -2.20 6.37
N SER A 39 -10.46 -0.96 6.83
CA SER A 39 -11.76 -0.46 7.28
C SER A 39 -11.82 1.06 7.22
N GLY A 40 -12.97 1.59 6.79
CA GLY A 40 -13.20 3.02 6.83
C GLY A 40 -12.43 3.73 5.72
N TYR A 41 -12.28 3.06 4.59
CA TYR A 41 -11.62 3.65 3.43
C TYR A 41 -12.43 4.82 2.88
N GLN A 42 -11.76 5.97 2.75
CA GLN A 42 -12.40 7.17 2.21
C GLN A 42 -11.42 8.00 1.41
N VAL A 43 -11.77 8.25 0.14
CA VAL A 43 -11.03 9.21 -0.68
C VAL A 43 -11.38 10.64 -0.33
N LEU A 44 -10.35 11.44 -0.04
CA LEU A 44 -10.55 12.81 0.43
C LEU A 44 -10.38 13.81 -0.72
N GLU A 45 -9.47 13.49 -1.63
CA GLU A 45 -9.22 14.35 -2.79
C GLU A 45 -8.82 13.53 -4.00
N GLY A 46 -9.40 13.86 -5.15
CA GLY A 46 -9.00 13.25 -6.42
C GLY A 46 -9.42 11.78 -6.47
N GLY A 47 -8.45 10.90 -6.62
CA GLY A 47 -8.72 9.48 -6.72
C GLY A 47 -8.16 8.90 -8.02
N GLN A 48 -7.49 9.74 -8.79
CA GLN A 48 -6.94 9.33 -10.08
C GLN A 48 -5.57 9.95 -10.32
N GLY A 49 -4.55 9.38 -9.70
CA GLY A 49 -3.17 9.77 -9.98
C GLY A 49 -2.65 10.74 -8.92
N ALA A 50 -1.59 11.47 -9.27
CA ALA A 50 -0.91 12.33 -8.31
C ALA A 50 -1.81 13.45 -7.83
N GLY A 51 -1.68 13.80 -6.55
CA GLY A 51 -2.53 14.81 -5.95
C GLY A 51 -3.68 14.18 -5.18
N THR A 52 -3.90 12.89 -5.40
CA THR A 52 -4.94 12.15 -4.70
C THR A 52 -4.63 12.05 -3.21
N VAL A 53 -5.66 12.25 -2.39
CA VAL A 53 -5.54 12.03 -0.95
C VAL A 53 -6.61 11.05 -0.45
N ALA A 54 -6.18 10.04 0.28
CA ALA A 54 -7.09 9.04 0.81
C ALA A 54 -6.72 8.65 2.24
N THR A 55 -7.68 8.07 2.96
CA THR A 55 -7.45 7.64 4.34
C THR A 55 -8.19 6.35 4.63
N TRP A 56 -7.61 5.53 5.50
CA TRP A 56 -8.23 4.28 5.92
C TRP A 56 -7.62 3.77 7.21
N LYS A 57 -8.23 2.75 7.80
CA LYS A 57 -7.69 2.09 8.97
C LYS A 57 -7.10 0.73 8.62
N LEU A 58 -5.91 0.45 9.16
CA LEU A 58 -5.29 -0.86 9.02
C LEU A 58 -5.39 -1.65 10.32
N GLN A 59 -5.73 -2.93 10.20
CA GLN A 59 -5.82 -3.81 11.37
C GLN A 59 -4.44 -4.26 11.81
N ALA A 60 -4.07 -3.89 13.03
CA ALA A 60 -2.80 -4.31 13.62
C ALA A 60 -2.96 -5.59 14.44
N THR A 61 -3.96 -5.59 15.32
CA THR A 61 -4.29 -6.78 16.08
C THR A 61 -5.78 -7.11 15.98
N LYS A 62 -6.21 -8.13 16.71
CA LYS A 62 -7.59 -8.60 16.64
C LYS A 62 -8.57 -7.49 17.01
N SER A 63 -8.10 -6.54 17.82
CA SER A 63 -8.95 -5.44 18.28
C SER A 63 -8.18 -4.13 18.35
N ARG A 64 -7.28 -3.94 17.38
CA ARG A 64 -6.52 -2.70 17.29
C ARG A 64 -6.28 -2.30 15.84
N VAL A 65 -6.67 -1.08 15.49
CA VAL A 65 -6.44 -0.56 14.15
C VAL A 65 -5.64 0.74 14.19
N ARG A 66 -5.08 1.12 13.05
CA ARG A 66 -4.27 2.33 12.96
C ARG A 66 -4.69 3.19 11.77
N ASP A 67 -4.95 4.47 12.04
CA ASP A 67 -5.29 5.42 10.98
C ASP A 67 -4.12 5.62 10.03
N VAL A 68 -4.42 5.58 8.73
CA VAL A 68 -3.39 5.79 7.71
C VAL A 68 -3.82 6.87 6.72
N LYS A 69 -2.96 7.85 6.50
CA LYS A 69 -3.17 8.84 5.46
C LYS A 69 -2.30 8.55 4.24
N ALA A 70 -2.87 8.73 3.05
CA ALA A 70 -2.15 8.46 1.81
C ALA A 70 -2.13 9.70 0.91
N THR A 71 -1.01 10.42 0.92
CA THR A 71 -0.77 11.47 -0.05
C THR A 71 -0.06 10.92 -1.29
N VAL A 72 -0.75 10.96 -2.43
CA VAL A 72 -0.30 10.25 -3.61
C VAL A 72 0.63 11.11 -4.46
N ASP A 73 1.85 10.61 -4.67
CA ASP A 73 2.81 11.28 -5.55
C ASP A 73 3.35 10.31 -6.60
N VAL A 74 2.77 10.35 -7.78
CA VAL A 74 3.14 9.44 -8.86
C VAL A 74 4.45 9.88 -9.52
N ALA A 75 5.38 8.94 -9.65
CA ALA A 75 6.69 9.24 -10.23
C ALA A 75 7.11 8.14 -11.20
N GLY A 76 6.65 8.23 -12.44
CA GLY A 76 7.00 7.26 -13.47
C GLY A 76 6.18 5.99 -13.33
N HIS A 77 6.81 4.93 -12.85
CA HIS A 77 6.12 3.66 -12.62
C HIS A 77 6.03 3.35 -11.13
N THR A 78 6.39 4.33 -10.30
CA THR A 78 6.25 4.20 -8.86
C THR A 78 5.25 5.20 -8.30
N VAL A 79 4.27 4.71 -7.57
CA VAL A 79 3.30 5.57 -6.90
C VAL A 79 3.56 5.64 -5.40
N ILE A 80 3.88 6.83 -4.91
CA ILE A 80 4.23 7.02 -3.52
C ILE A 80 3.01 7.47 -2.71
N GLU A 81 2.74 6.76 -1.61
CA GLU A 81 1.63 7.10 -0.73
C GLU A 81 2.11 7.38 0.69
N LYS A 82 2.30 8.65 1.01
CA LYS A 82 2.93 9.03 2.26
C LYS A 82 1.89 9.53 3.27
N ASP A 83 2.02 9.08 4.51
CA ASP A 83 1.21 9.63 5.60
C ASP A 83 1.89 10.84 6.22
N ALA A 84 1.31 12.01 6.01
CA ALA A 84 1.94 13.27 6.41
C ALA A 84 2.12 13.35 7.91
N ASN A 85 1.27 12.63 8.65
CA ASN A 85 1.27 12.72 10.10
C ASN A 85 2.02 11.56 10.73
N SER A 86 2.71 10.79 9.89
CA SER A 86 3.46 9.63 10.36
C SER A 86 4.78 9.48 9.61
N SER A 87 5.39 8.31 9.71
CA SER A 87 6.64 8.03 9.02
C SER A 87 6.47 6.92 7.99
N LEU A 88 5.23 6.65 7.63
CA LEU A 88 4.92 5.54 6.73
C LEU A 88 4.85 6.02 5.28
N VAL A 89 5.85 5.66 4.48
CA VAL A 89 5.85 5.93 3.06
C VAL A 89 5.70 4.65 2.24
N SER A 90 4.53 4.46 1.67
CA SER A 90 4.24 3.26 0.89
C SER A 90 4.69 3.41 -0.55
N ASN A 91 5.57 2.52 -1.00
CA ASN A 91 6.04 2.53 -2.38
C ASN A 91 5.27 1.54 -3.23
N TRP A 92 4.96 1.93 -4.46
CA TRP A 92 4.19 1.09 -5.37
C TRP A 92 4.85 1.01 -6.73
N THR A 93 5.93 0.22 -6.81
CA THR A 93 6.72 0.13 -8.04
C THR A 93 6.27 -1.05 -8.90
N VAL A 94 5.94 -0.77 -10.15
CA VAL A 94 5.60 -1.82 -11.11
C VAL A 94 6.54 -1.77 -12.32
N ALA A 95 6.97 -2.95 -12.76
CA ALA A 95 7.93 -3.05 -13.85
C ALA A 95 7.71 -4.32 -14.67
N PRO A 96 8.12 -4.29 -15.93
CA PRO A 96 8.00 -5.45 -16.80
C PRO A 96 8.68 -6.67 -16.19
N ALA A 97 8.05 -7.83 -16.34
CA ALA A 97 8.61 -9.08 -15.85
C ALA A 97 8.33 -10.23 -16.82
N GLY A 98 9.14 -10.32 -17.87
CA GLY A 98 8.97 -11.37 -18.87
C GLY A 98 7.72 -11.15 -19.71
N THR A 99 6.73 -12.00 -19.53
CA THR A 99 5.47 -11.89 -20.26
C THR A 99 4.43 -11.13 -19.45
N GLY A 100 4.74 -10.87 -18.19
CA GLY A 100 3.83 -10.16 -17.29
C GLY A 100 4.50 -8.95 -16.66
N SER A 101 4.22 -8.74 -15.38
CA SER A 101 4.76 -7.59 -14.67
C SER A 101 5.03 -7.93 -13.21
N SER A 102 5.87 -7.12 -12.57
CA SER A 102 6.21 -7.33 -11.16
C SER A 102 5.91 -6.09 -10.33
N VAL A 103 5.30 -6.31 -9.16
CA VAL A 103 4.94 -5.20 -8.28
C VAL A 103 5.66 -5.30 -6.95
N ASN A 104 6.34 -4.23 -6.56
CA ASN A 104 7.08 -4.20 -5.31
C ASN A 104 6.49 -3.19 -4.33
N LEU A 105 6.00 -3.68 -3.20
CA LEU A 105 5.49 -2.81 -2.14
C LEU A 105 6.52 -2.65 -1.02
N LYS A 106 6.63 -1.44 -0.50
CA LYS A 106 7.53 -1.16 0.61
C LYS A 106 7.00 -0.02 1.47
N THR A 107 6.72 -0.31 2.74
CA THR A 107 6.34 0.71 3.70
C THR A 107 7.43 0.93 4.73
N THR A 108 7.38 2.08 5.41
CA THR A 108 8.41 2.43 6.37
C THR A 108 7.81 2.79 7.72
N TRP A 109 8.65 2.80 8.75
CA TRP A 109 8.23 3.27 10.08
C TRP A 109 9.43 3.56 10.96
N THR A 110 9.37 4.66 11.69
CA THR A 110 10.42 5.01 12.65
C THR A 110 9.85 5.82 13.81
N GLY A 111 10.74 6.33 14.65
CA GLY A 111 10.34 7.05 15.86
C GLY A 111 10.01 8.51 15.54
N ALA A 112 8.93 8.72 14.79
CA ALA A 112 8.51 10.06 14.41
C ALA A 112 7.77 10.75 15.55
N GLY A 113 7.27 9.95 16.49
CA GLY A 113 6.55 10.49 17.64
C GLY A 113 7.50 10.73 18.81
N GLY A 114 6.95 11.23 19.91
CA GLY A 114 7.74 11.49 21.12
C GLY A 114 7.56 10.37 22.14
N VAL A 115 6.85 9.32 21.74
CA VAL A 115 6.61 8.19 22.61
C VAL A 115 7.22 6.91 22.04
N LYS A 116 7.97 6.19 22.87
CA LYS A 116 8.71 5.02 22.42
C LYS A 116 7.78 3.97 21.83
N GLY A 117 6.60 3.85 22.39
CA GLY A 117 5.62 2.85 21.94
C GLY A 117 5.19 3.12 20.50
N PHE A 118 5.33 4.37 20.07
CA PHE A 118 5.04 4.74 18.69
C PHE A 118 5.79 3.86 17.71
N PHE A 119 7.03 3.52 18.05
CA PHE A 119 7.85 2.66 17.21
C PHE A 119 7.73 1.20 17.60
N GLU A 120 7.86 0.93 18.89
CA GLU A 120 8.03 -0.43 19.38
C GLU A 120 6.70 -1.17 19.45
N LYS A 121 5.67 -0.48 19.95
CA LYS A 121 4.42 -1.14 20.32
C LYS A 121 3.25 -0.56 19.54
N THR A 122 3.46 -0.31 18.25
CA THR A 122 2.41 0.22 17.39
C THR A 122 2.47 -0.40 16.00
N PHE A 123 3.67 -0.45 15.44
CA PHE A 123 3.85 -0.90 14.06
C PHE A 123 4.35 -2.33 13.99
N ALA A 124 3.73 -3.13 13.14
CA ALA A 124 4.16 -4.52 12.92
C ALA A 124 4.57 -4.74 11.47
N PRO A 125 5.87 -4.73 11.22
CA PRO A 125 6.40 -4.92 9.87
C PRO A 125 5.82 -6.18 9.23
N LEU A 126 5.80 -7.27 10.00
CA LEU A 126 5.28 -8.54 9.50
C LEU A 126 3.78 -8.47 9.28
N GLY A 127 3.09 -7.71 10.11
CA GLY A 127 1.66 -7.49 9.95
C GLY A 127 1.35 -6.74 8.67
N LEU A 128 2.20 -5.77 8.34
CA LEU A 128 2.04 -4.98 7.12
C LEU A 128 2.35 -5.80 5.88
N ARG A 129 3.30 -6.72 6.00
CA ARG A 129 3.63 -7.64 4.93
C ARG A 129 2.46 -8.55 4.61
N ARG A 130 1.76 -9.01 5.64
CA ARG A 130 0.52 -9.75 5.48
C ARG A 130 -0.54 -8.91 4.77
N ILE A 131 -0.68 -7.66 5.19
CA ILE A 131 -1.60 -6.73 4.55
C ILE A 131 -1.25 -6.54 3.09
N GLN A 132 0.03 -6.35 2.80
CA GLN A 132 0.49 -6.17 1.43
C GLN A 132 0.14 -7.38 0.57
N ASP A 133 0.39 -8.57 1.11
CA ASP A 133 0.13 -9.80 0.38
C ASP A 133 -1.33 -9.90 -0.05
N GLU A 134 -2.23 -9.57 0.87
CA GLU A 134 -3.66 -9.66 0.62
C GLU A 134 -4.08 -8.67 -0.46
N VAL A 135 -3.54 -7.46 -0.40
CA VAL A 135 -3.85 -6.42 -1.38
C VAL A 135 -3.33 -6.79 -2.76
N LEU A 136 -2.09 -7.28 -2.80
CA LEU A 136 -1.45 -7.65 -4.06
C LEU A 136 -2.15 -8.83 -4.71
N GLU A 137 -2.66 -9.74 -3.87
CA GLU A 137 -3.50 -10.83 -4.34
C GLU A 137 -4.75 -10.30 -5.02
N ASN A 138 -5.46 -9.41 -4.34
CA ASN A 138 -6.69 -8.85 -4.87
C ASN A 138 -6.43 -8.02 -6.12
N LEU A 139 -5.36 -7.24 -6.09
CA LEU A 139 -4.96 -6.42 -7.24
C LEU A 139 -4.59 -7.29 -8.42
N LYS A 140 -3.74 -8.28 -8.19
CA LYS A 140 -3.38 -9.26 -9.21
C LYS A 140 -4.62 -9.85 -9.87
N LYS A 141 -5.50 -10.40 -9.04
CA LYS A 141 -6.72 -11.05 -9.54
C LYS A 141 -7.65 -10.06 -10.21
N HIS A 142 -7.63 -8.82 -9.73
CA HIS A 142 -8.47 -7.77 -10.29
C HIS A 142 -8.10 -7.48 -11.73
N VAL A 143 -6.82 -7.24 -11.97
CA VAL A 143 -6.35 -6.85 -13.31
C VAL A 143 -6.16 -8.07 -14.19
N GLU A 144 -5.97 -9.23 -13.58
CA GLU A 144 -5.73 -10.46 -14.33
C GLU A 144 -7.03 -11.05 -14.84
N GLY A 145 -8.02 -11.16 -13.96
CA GLY A 145 -9.30 -11.75 -14.32
C GLY A 145 -10.36 -10.67 -14.56
#